data_1ZP5
# 
_entry.id   1ZP5 
# 
_audit_conform.dict_name       mmcif_pdbx.dic 
_audit_conform.dict_version    5.376 
_audit_conform.dict_location   http://mmcif.pdb.org/dictionaries/ascii/mmcif_pdbx.dic 
# 
loop_
_database_2.database_id 
_database_2.database_code 
_database_2.pdbx_database_accession 
_database_2.pdbx_DOI 
PDB   1ZP5         pdb_00001zp5 10.2210/pdb1zp5/pdb 
RCSB  RCSB032978   ?            ?                   
WWPDB D_1000032978 ?            ?                   
# 
_pdbx_database_status.status_code                     REL 
_pdbx_database_status.entry_id                        1ZP5 
_pdbx_database_status.recvd_initial_deposition_date   2005-05-16 
_pdbx_database_status.deposit_site                    RCSB 
_pdbx_database_status.process_site                    RCSB 
_pdbx_database_status.status_code_sf                  REL 
_pdbx_database_status.status_code_mr                  ? 
_pdbx_database_status.SG_entry                        ? 
_pdbx_database_status.pdb_format_compatible           Y 
_pdbx_database_status.status_code_cs                  ? 
_pdbx_database_status.methods_development_category    ? 
_pdbx_database_status.status_code_nmr_data            ? 
# 
loop_
_audit_author.name 
_audit_author.pdbx_ordinal 
'Campestre, C.'  1  
'Agamennone, M.' 2  
'Tortorella, P.' 3  
'Preziuso, S.'   4  
'Biasone, A.'    5  
'Gavuzzo, E.'    6  
'Pochetti, G.'   7  
'Mazza, F.'      8  
'Tschesche, H.'  9  
'Gallina, C.'    10 
# 
loop_
_citation.id 
_citation.title 
_citation.journal_abbrev 
_citation.journal_volume 
_citation.page_first 
_citation.page_last 
_citation.year 
_citation.journal_id_ASTM 
_citation.country 
_citation.journal_id_ISSN 
_citation.journal_id_CSD 
_citation.book_publisher 
_citation.pdbx_database_id_PubMed 
_citation.pdbx_database_id_DOI 
primary 'N-Hydroxyurea as zinc binding group in matrix metalloproteinase inhibition: Mode of binding in a complex with MMP-8.' 
Bioorg.Med.Chem.Lett. 16  20    24    2006 BMCLE8 UK 0960-894X 1127 ? 16242329 10.1016/j.bmcl.2005.09.057      
1       'Hydroxamic acids as pharmacological agents.'                                                                          
Curr.Med.Chem.        9   1631  1653  2002 ?      NE 0929-8673 ?    ? 12171558 ?                               
2       'Structure determination and analysis of human neutrophil collagenase complexed with a hydroxamate inhibitor.'         
Biochemistry          34  14012 14020 1995 BICHAW US 0006-2960 0033 ? 7577999  10.1021/bi00043a007             
3       'Discovery of potent non peptide inhibitors of stromelysin using SAR by NMR.'                                          
J.Am.Chem.Soc.        119 5818  5827  1997 JACSAT US 0002-7863 0004 ? ?        10.1021/ja9702778               
4       'Biaryl ether retrohydroxamates as potent, long-lived, orally bioavailable MMP inhibitors.'                            
Bioorg.Med.Chem.Lett. 11  1553  1556  2001 BMCLE8 UK 0960-894X 1127 ? 11412979 '10.1016/S0960-894X(01)00031-2' 
# 
loop_
_citation_author.citation_id 
_citation_author.name 
_citation_author.ordinal 
_citation_author.identifier_ORCID 
primary 'Campestre, C.'     1  ? 
primary 'Agamennone, M.'    2  ? 
primary 'Tortorella, P.'    3  ? 
primary 'Preziuso, S.'      4  ? 
primary 'Biasone, A.'       5  ? 
primary 'Gavuzzo, E.'       6  ? 
primary 'Pochetti, G.'      7  ? 
primary 'Mazza, F.'         8  ? 
primary 'Hiller, O.'        9  ? 
primary 'Tschesche, H.'     10 ? 
primary 'Consalvi, V.'      11 ? 
primary 'Gallina, C.'       12 ? 
1       'Muri, E.M.'        13 ? 
1       'Nieto, M.J.'       14 ? 
1       'Sindelar, R.D.'    15 ? 
1       'Williamson, J.S.'  16 ? 
2       'Grams, F.'         17 ? 
2       'Crimmin, M.'       18 ? 
2       'Hinnes, L.'        19 ? 
2       'Huxley, P.'        20 ? 
2       'Pieper, M.'        21 ? 
2       'Tschesche, H.'     22 ? 
2       'Bode, W.'          23 ? 
3       'Hajduck, P.J.'     24 ? 
3       'Sheppard, G.'      25 ? 
3       'Nettesheim, D.G.'  26 ? 
3       'Olejniczak, E.T.'  27 ? 
3       'Shuker, S.B.'      28 ? 
3       'Meadows, R.P.'     29 ? 
3       'Steinman, D.H.'    30 ? 
3       'Carrera, G.M.'     31 ? 
3       'Marcotte, P.A.'    32 ? 
3       'Severin, J.'       33 ? 
3       'Walter, K.'        34 ? 
3       'Smith, H.'         35 ? 
3       'Gubbins, E.'       36 ? 
3       'Simmer, R.'        37 ? 
3       'Holzman, T.F.'     38 ? 
3       'Morgan, D.W.'      39 ? 
3       'Davidsen, S.K.'    40 ? 
3       'Summers, J.B.'     41 ? 
3       'Fesik, S.W.'       42 ? 
4       'Michaelides, M.R.' 43 ? 
4       'Dellaria, J.F.'    44 ? 
4       'Gong, J.'          45 ? 
4       'Holms, J.H.'       46 ? 
4       'Bouska, J.J.'      47 ? 
4       'Stacey, J.'        48 ? 
4       'Wada, C.K.'        49 ? 
4       'Heyman, H.R.'      50 ? 
4       'Curtin, M.L.'      51 ? 
4       'Guo, Y.'           52 ? 
4       'Goodfellow, C.L.'  53 ? 
4       'Elmore, I.B.'      54 ? 
4       'Albert, D.H.'      55 ? 
4       'Magoc, T.J.'       56 ? 
4       'Marcotte, P.A.'    57 ? 
4       'Morgan, D.W.'      58 ? 
4       'Davidsen, S.K.'    59 ? 
# 
_cell.entry_id           1ZP5 
_cell.length_a           32.387 
_cell.length_b           52.675 
_cell.length_c           67.331 
_cell.angle_alpha        90.00 
_cell.angle_beta         90.00 
_cell.angle_gamma        90.00 
_cell.Z_PDB              4 
_cell.pdbx_unique_axis   ? 
# 
_symmetry.entry_id                         1ZP5 
_symmetry.space_group_name_H-M             'P 21 21 21' 
_symmetry.pdbx_full_space_group_name_H-M   ? 
_symmetry.cell_setting                     ? 
_symmetry.Int_Tables_number                19 
_symmetry.space_group_name_Hall            ? 
# 
loop_
_entity.id 
_entity.type 
_entity.src_method 
_entity.pdbx_description 
_entity.formula_weight 
_entity.pdbx_number_of_molecules 
_entity.pdbx_ec 
_entity.pdbx_mutation 
_entity.pdbx_fragment 
_entity.details 
1 polymer     man 'Neutrophil collagenase'                                                18111.744 1   3.4.24.34 ? 
'Catalytic domain (80-242)' ? 
2 non-polymer syn 'CALCIUM ION'                                                           40.078    2   ?         ? ? ? 
3 non-polymer syn 'ZINC ION'                                                              65.409    2   ?         ? ? ? 
4 non-polymer syn "N-{2-[(4'-CYANO-1,1'-BIPHENYL-4-YL)OXY]ETHYL}-N'-HYDROXY-N-METHYLUREA" 311.335   1   ?         ? ? ? 
5 water       nat water                                                                   18.015    125 ?         ? ? ? 
# 
_entity_name_com.entity_id   1 
_entity_name_com.name        'Matrix metalloproteinase-8, MMP-8, PMNL collagenase, PMNL-CL' 
# 
_entity_poly.entity_id                      1 
_entity_poly.type                           'polypeptide(L)' 
_entity_poly.nstd_linkage                   no 
_entity_poly.nstd_monomer                   no 
_entity_poly.pdbx_seq_one_letter_code       
;MLTPGNPKWERTNLTYRIRNYTPQLSEAEVERAIKDAFELWSVASPLIFTRISQGEADINIAFYQRDHGDNSPFDGPNGI
LAHAFQPGQGIGGDAHFDAEETWTNTSANYNLFLVAAHEFGHSLGLAHSSDPGALMYPNYAFRETSNYSLPQDDIDGIQA
IYG
;
_entity_poly.pdbx_seq_one_letter_code_can   
;MLTPGNPKWERTNLTYRIRNYTPQLSEAEVERAIKDAFELWSVASPLIFTRISQGEADINIAFYQRDHGDNSPFDGPNGI
LAHAFQPGQGIGGDAHFDAEETWTNTSANYNLFLVAAHEFGHSLGLAHSSDPGALMYPNYAFRETSNYSLPQDDIDGIQA
IYG
;
_entity_poly.pdbx_strand_id                 A 
_entity_poly.pdbx_target_identifier         ? 
# 
loop_
_entity_poly_seq.entity_id 
_entity_poly_seq.num 
_entity_poly_seq.mon_id 
_entity_poly_seq.hetero 
1 1   MET n 
1 2   LEU n 
1 3   THR n 
1 4   PRO n 
1 5   GLY n 
1 6   ASN n 
1 7   PRO n 
1 8   LYS n 
1 9   TRP n 
1 10  GLU n 
1 11  ARG n 
1 12  THR n 
1 13  ASN n 
1 14  LEU n 
1 15  THR n 
1 16  TYR n 
1 17  ARG n 
1 18  ILE n 
1 19  ARG n 
1 20  ASN n 
1 21  TYR n 
1 22  THR n 
1 23  PRO n 
1 24  GLN n 
1 25  LEU n 
1 26  SER n 
1 27  GLU n 
1 28  ALA n 
1 29  GLU n 
1 30  VAL n 
1 31  GLU n 
1 32  ARG n 
1 33  ALA n 
1 34  ILE n 
1 35  LYS n 
1 36  ASP n 
1 37  ALA n 
1 38  PHE n 
1 39  GLU n 
1 40  LEU n 
1 41  TRP n 
1 42  SER n 
1 43  VAL n 
1 44  ALA n 
1 45  SER n 
1 46  PRO n 
1 47  LEU n 
1 48  ILE n 
1 49  PHE n 
1 50  THR n 
1 51  ARG n 
1 52  ILE n 
1 53  SER n 
1 54  GLN n 
1 55  GLY n 
1 56  GLU n 
1 57  ALA n 
1 58  ASP n 
1 59  ILE n 
1 60  ASN n 
1 61  ILE n 
1 62  ALA n 
1 63  PHE n 
1 64  TYR n 
1 65  GLN n 
1 66  ARG n 
1 67  ASP n 
1 68  HIS n 
1 69  GLY n 
1 70  ASP n 
1 71  ASN n 
1 72  SER n 
1 73  PRO n 
1 74  PHE n 
1 75  ASP n 
1 76  GLY n 
1 77  PRO n 
1 78  ASN n 
1 79  GLY n 
1 80  ILE n 
1 81  LEU n 
1 82  ALA n 
1 83  HIS n 
1 84  ALA n 
1 85  PHE n 
1 86  GLN n 
1 87  PRO n 
1 88  GLY n 
1 89  GLN n 
1 90  GLY n 
1 91  ILE n 
1 92  GLY n 
1 93  GLY n 
1 94  ASP n 
1 95  ALA n 
1 96  HIS n 
1 97  PHE n 
1 98  ASP n 
1 99  ALA n 
1 100 GLU n 
1 101 GLU n 
1 102 THR n 
1 103 TRP n 
1 104 THR n 
1 105 ASN n 
1 106 THR n 
1 107 SER n 
1 108 ALA n 
1 109 ASN n 
1 110 TYR n 
1 111 ASN n 
1 112 LEU n 
1 113 PHE n 
1 114 LEU n 
1 115 VAL n 
1 116 ALA n 
1 117 ALA n 
1 118 HIS n 
1 119 GLU n 
1 120 PHE n 
1 121 GLY n 
1 122 HIS n 
1 123 SER n 
1 124 LEU n 
1 125 GLY n 
1 126 LEU n 
1 127 ALA n 
1 128 HIS n 
1 129 SER n 
1 130 SER n 
1 131 ASP n 
1 132 PRO n 
1 133 GLY n 
1 134 ALA n 
1 135 LEU n 
1 136 MET n 
1 137 TYR n 
1 138 PRO n 
1 139 ASN n 
1 140 TYR n 
1 141 ALA n 
1 142 PHE n 
1 143 ARG n 
1 144 GLU n 
1 145 THR n 
1 146 SER n 
1 147 ASN n 
1 148 TYR n 
1 149 SER n 
1 150 LEU n 
1 151 PRO n 
1 152 GLN n 
1 153 ASP n 
1 154 ASP n 
1 155 ILE n 
1 156 ASP n 
1 157 GLY n 
1 158 ILE n 
1 159 GLN n 
1 160 ALA n 
1 161 ILE n 
1 162 TYR n 
1 163 GLY n 
# 
_entity_src_gen.entity_id                          1 
_entity_src_gen.pdbx_src_id                        1 
_entity_src_gen.pdbx_alt_source_flag               sample 
_entity_src_gen.pdbx_seq_type                      ? 
_entity_src_gen.pdbx_beg_seq_num                   ? 
_entity_src_gen.pdbx_end_seq_num                   ? 
_entity_src_gen.gene_src_common_name               human 
_entity_src_gen.gene_src_genus                     Homo 
_entity_src_gen.pdbx_gene_src_gene                 'MMP8, CLG1' 
_entity_src_gen.gene_src_species                   ? 
_entity_src_gen.gene_src_strain                    ? 
_entity_src_gen.gene_src_tissue                    ? 
_entity_src_gen.gene_src_tissue_fraction           ? 
_entity_src_gen.gene_src_details                   ? 
_entity_src_gen.pdbx_gene_src_fragment             ? 
_entity_src_gen.pdbx_gene_src_scientific_name      'Homo sapiens' 
_entity_src_gen.pdbx_gene_src_ncbi_taxonomy_id     9606 
_entity_src_gen.pdbx_gene_src_variant              ? 
_entity_src_gen.pdbx_gene_src_cell_line            ? 
_entity_src_gen.pdbx_gene_src_atcc                 ? 
_entity_src_gen.pdbx_gene_src_organ                ? 
_entity_src_gen.pdbx_gene_src_organelle            ? 
_entity_src_gen.pdbx_gene_src_cell                 ? 
_entity_src_gen.pdbx_gene_src_cellular_location    ? 
_entity_src_gen.host_org_common_name               ? 
_entity_src_gen.pdbx_host_org_scientific_name      'Escherichia coli BL21' 
_entity_src_gen.pdbx_host_org_ncbi_taxonomy_id     511693 
_entity_src_gen.host_org_genus                     Escherichia 
_entity_src_gen.pdbx_host_org_gene                 ? 
_entity_src_gen.pdbx_host_org_organ                ? 
_entity_src_gen.host_org_species                   'Escherichia coli' 
_entity_src_gen.pdbx_host_org_tissue               ? 
_entity_src_gen.pdbx_host_org_tissue_fraction      ? 
_entity_src_gen.pdbx_host_org_strain               BL21 
_entity_src_gen.pdbx_host_org_variant              ? 
_entity_src_gen.pdbx_host_org_cell_line            ? 
_entity_src_gen.pdbx_host_org_atcc                 ? 
_entity_src_gen.pdbx_host_org_culture_collection   ? 
_entity_src_gen.pdbx_host_org_cell                 ? 
_entity_src_gen.pdbx_host_org_organelle            ? 
_entity_src_gen.pdbx_host_org_cellular_location    ? 
_entity_src_gen.pdbx_host_org_vector_type          plasmid 
_entity_src_gen.pdbx_host_org_vector               ? 
_entity_src_gen.host_org_details                   ? 
_entity_src_gen.expression_system_id               ? 
_entity_src_gen.plasmid_name                       pSVB30 
_entity_src_gen.plasmid_details                    ? 
_entity_src_gen.pdbx_description                   ? 
# 
_struct_ref.id                         1 
_struct_ref.db_name                    UNP 
_struct_ref.db_code                    MMP8_HUMAN 
_struct_ref.pdbx_db_accession          P22894 
_struct_ref.entity_id                  1 
_struct_ref.pdbx_seq_one_letter_code   
;MLTPGNPKWERTNLTYRIRNYTPQLSEAEVERAIKDAFELWSVASPLIFTRISQGEADINIAFYQRDHGDNSPFDGPNGI
LAHAFQPGQGIGGDAHFDAEETWTNTSANYNLFLVAAHEFGHSLGLAHSSDPGALMYPNYAFRETSNYSLPQDDIDGIQA
IYG
;
_struct_ref.pdbx_align_begin           100 
_struct_ref.pdbx_db_isoform            ? 
# 
_struct_ref_seq.align_id                      1 
_struct_ref_seq.ref_id                        1 
_struct_ref_seq.pdbx_PDB_id_code              1ZP5 
_struct_ref_seq.pdbx_strand_id                A 
_struct_ref_seq.seq_align_beg                 1 
_struct_ref_seq.pdbx_seq_align_beg_ins_code   ? 
_struct_ref_seq.seq_align_end                 163 
_struct_ref_seq.pdbx_seq_align_end_ins_code   ? 
_struct_ref_seq.pdbx_db_accession             P22894 
_struct_ref_seq.db_align_beg                  100 
_struct_ref_seq.pdbx_db_align_beg_ins_code    ? 
_struct_ref_seq.db_align_end                  262 
_struct_ref_seq.pdbx_db_align_end_ins_code    ? 
_struct_ref_seq.pdbx_auth_seq_align_beg       80 
_struct_ref_seq.pdbx_auth_seq_align_end       242 
# 
loop_
_chem_comp.id 
_chem_comp.type 
_chem_comp.mon_nstd_flag 
_chem_comp.name 
_chem_comp.pdbx_synonyms 
_chem_comp.formula 
_chem_comp.formula_weight 
2NI non-polymer         . "N-{2-[(4'-CYANO-1,1'-BIPHENYL-4-YL)OXY]ETHYL}-N'-HYDROXY-N-METHYLUREA" ? 'C17 H17 N3 O3'  311.335 
ALA 'L-peptide linking' y ALANINE                                                                 ? 'C3 H7 N O2'     89.093  
ARG 'L-peptide linking' y ARGININE                                                                ? 'C6 H15 N4 O2 1' 175.209 
ASN 'L-peptide linking' y ASPARAGINE                                                              ? 'C4 H8 N2 O3'    132.118 
ASP 'L-peptide linking' y 'ASPARTIC ACID'                                                         ? 'C4 H7 N O4'     133.103 
CA  non-polymer         . 'CALCIUM ION'                                                           ? 'Ca 2'           40.078  
GLN 'L-peptide linking' y GLUTAMINE                                                               ? 'C5 H10 N2 O3'   146.144 
GLU 'L-peptide linking' y 'GLUTAMIC ACID'                                                         ? 'C5 H9 N O4'     147.129 
GLY 'peptide linking'   y GLYCINE                                                                 ? 'C2 H5 N O2'     75.067  
HIS 'L-peptide linking' y HISTIDINE                                                               ? 'C6 H10 N3 O2 1' 156.162 
HOH non-polymer         . WATER                                                                   ? 'H2 O'           18.015  
ILE 'L-peptide linking' y ISOLEUCINE                                                              ? 'C6 H13 N O2'    131.173 
LEU 'L-peptide linking' y LEUCINE                                                                 ? 'C6 H13 N O2'    131.173 
LYS 'L-peptide linking' y LYSINE                                                                  ? 'C6 H15 N2 O2 1' 147.195 
MET 'L-peptide linking' y METHIONINE                                                              ? 'C5 H11 N O2 S'  149.211 
PHE 'L-peptide linking' y PHENYLALANINE                                                           ? 'C9 H11 N O2'    165.189 
PRO 'L-peptide linking' y PROLINE                                                                 ? 'C5 H9 N O2'     115.130 
SER 'L-peptide linking' y SERINE                                                                  ? 'C3 H7 N O3'     105.093 
THR 'L-peptide linking' y THREONINE                                                               ? 'C4 H9 N O3'     119.119 
TRP 'L-peptide linking' y TRYPTOPHAN                                                              ? 'C11 H12 N2 O2'  204.225 
TYR 'L-peptide linking' y TYROSINE                                                                ? 'C9 H11 N O3'    181.189 
VAL 'L-peptide linking' y VALINE                                                                  ? 'C5 H11 N O2'    117.146 
ZN  non-polymer         . 'ZINC ION'                                                              ? 'Zn 2'           65.409  
# 
_exptl.entry_id          1ZP5 
_exptl.method            'X-RAY DIFFRACTION' 
_exptl.crystals_number   1 
# 
_exptl_crystal.id                    1 
_exptl_crystal.density_meas          ? 
_exptl_crystal.density_Matthews      1.57 
_exptl_crystal.density_percent_sol   20.83 
_exptl_crystal.description           ? 
_exptl_crystal.F_000                 ? 
_exptl_crystal.preparation           ? 
# 
_exptl_crystal_grow.crystal_id      1 
_exptl_crystal_grow.method          'VAPOR DIFFUSION, HANGING DROP' 
_exptl_crystal_grow.temp            293 
_exptl_crystal_grow.temp_details    ? 
_exptl_crystal_grow.pH              6.0 
_exptl_crystal_grow.pdbx_details    'PEG6000, MES/NAOH, Na Phosphate, pH 6.0, VAPOR DIFFUSION, HANGING DROP, temperature 293K' 
_exptl_crystal_grow.pdbx_pH_range   . 
# 
_diffrn.id                     1 
_diffrn.ambient_temp           100.0 
_diffrn.ambient_temp_details   ? 
_diffrn.crystal_id             1 
# 
_diffrn_detector.diffrn_id              1 
_diffrn_detector.detector               CCD 
_diffrn_detector.type                   MARRESEARCH 
_diffrn_detector.pdbx_collection_date   2004-05-18 
_diffrn_detector.details                ? 
# 
_diffrn_radiation.diffrn_id                        1 
_diffrn_radiation.wavelength_id                    1 
_diffrn_radiation.pdbx_monochromatic_or_laue_m_l   M 
_diffrn_radiation.monochromator                    graphite 
_diffrn_radiation.pdbx_diffrn_protocol             'SINGLE WAVELENGTH' 
_diffrn_radiation.pdbx_scattering_type             x-ray 
# 
_diffrn_radiation_wavelength.id           1 
_diffrn_radiation_wavelength.wavelength   1.00 
_diffrn_radiation_wavelength.wt           1.0 
# 
_diffrn_source.diffrn_id                   1 
_diffrn_source.source                      SYNCHROTRON 
_diffrn_source.type                        'ELETTRA BEAMLINE 5.2R' 
_diffrn_source.pdbx_synchrotron_site       ELETTRA 
_diffrn_source.pdbx_synchrotron_beamline   5.2R 
_diffrn_source.pdbx_wavelength             ? 
_diffrn_source.pdbx_wavelength_list        1.00 
# 
_reflns.entry_id                     1ZP5 
_reflns.observed_criterion_sigma_F   0.0 
_reflns.observed_criterion_sigma_I   0.0 
_reflns.d_resolution_high            1.80 
_reflns.d_resolution_low             30.00 
_reflns.number_all                   10932 
_reflns.number_obs                   10932 
_reflns.percent_possible_obs         97.8 
_reflns.pdbx_Rmerge_I_obs            0.07 
_reflns.pdbx_Rsym_value              ? 
_reflns.pdbx_netI_over_sigmaI        19.8 
_reflns.B_iso_Wilson_estimate        18.2 
_reflns.pdbx_redundancy              6 
_reflns.R_free_details               ? 
_reflns.limit_h_max                  ? 
_reflns.limit_h_min                  ? 
_reflns.limit_k_max                  ? 
_reflns.limit_k_min                  ? 
_reflns.limit_l_max                  ? 
_reflns.limit_l_min                  ? 
_reflns.observed_criterion_F_max     ? 
_reflns.observed_criterion_F_min     ? 
_reflns.pdbx_chi_squared             ? 
_reflns.pdbx_scaling_rejects         ? 
_reflns.pdbx_diffrn_id               1 
_reflns.pdbx_ordinal                 1 
# 
_reflns_shell.d_res_high             1.80 
_reflns_shell.d_res_low              1.86 
_reflns_shell.percent_possible_all   95.6 
_reflns_shell.Rmerge_I_obs           0.372 
_reflns_shell.pdbx_Rsym_value        ? 
_reflns_shell.meanI_over_sigI_obs    3.48 
_reflns_shell.pdbx_redundancy        5 
_reflns_shell.percent_possible_obs   ? 
_reflns_shell.number_unique_all      ? 
_reflns_shell.number_measured_all    ? 
_reflns_shell.number_measured_obs    ? 
_reflns_shell.number_unique_obs      ? 
_reflns_shell.pdbx_chi_squared       ? 
_reflns_shell.pdbx_diffrn_id         ? 
_reflns_shell.pdbx_ordinal           1 
# 
_refine.entry_id                                 1ZP5 
_refine.ls_d_res_high                            1.80 
_refine.ls_d_res_low                             10.0 
_refine.pdbx_ls_sigma_F                          0.0 
_refine.pdbx_ls_sigma_I                          ? 
_refine.ls_number_reflns_all                     9738 
_refine.ls_number_reflns_obs                     9738 
_refine.ls_number_reflns_R_free                  974 
_refine.ls_percent_reflns_obs                    ? 
_refine.ls_R_factor_all                          0.219 
_refine.ls_R_factor_obs                          0.219 
_refine.ls_R_factor_R_work                       0.216 
_refine.ls_R_factor_R_free                       0.251 
_refine.ls_redundancy_reflns_obs                 ? 
_refine.pdbx_data_cutoff_high_absF               ? 
_refine.pdbx_data_cutoff_low_absF                ? 
_refine.ls_number_parameters                     ? 
_refine.ls_number_restraints                     ? 
_refine.ls_percent_reflns_R_free                 ? 
_refine.ls_R_factor_R_free_error                 ? 
_refine.ls_R_factor_R_free_error_details         ? 
_refine.pdbx_method_to_determine_struct          'MOLECULAR REPLACEMENT' 
_refine.pdbx_starting_model                      'PDB ENTRY 1I76' 
_refine.pdbx_ls_cross_valid_method               ? 
_refine.pdbx_R_Free_selection_details            random 
_refine.pdbx_stereochem_target_val_spec_case     ? 
_refine.pdbx_stereochemistry_target_values       'Engh & Huber' 
_refine.solvent_model_details                    ? 
_refine.solvent_model_param_bsol                 ? 
_refine.solvent_model_param_ksol                 ? 
_refine.occupancy_max                            ? 
_refine.occupancy_min                            ? 
_refine.pdbx_isotropic_thermal_model             ? 
_refine.B_iso_mean                               ? 
_refine.aniso_B[1][1]                            ? 
_refine.aniso_B[1][2]                            ? 
_refine.aniso_B[1][3]                            ? 
_refine.aniso_B[2][2]                            ? 
_refine.aniso_B[2][3]                            ? 
_refine.aniso_B[3][3]                            ? 
_refine.details                                  ? 
_refine.B_iso_min                                ? 
_refine.B_iso_max                                ? 
_refine.correlation_coeff_Fo_to_Fc               ? 
_refine.correlation_coeff_Fo_to_Fc_free          ? 
_refine.pdbx_solvent_vdw_probe_radii             ? 
_refine.pdbx_solvent_ion_probe_radii             ? 
_refine.pdbx_solvent_shrinkage_radii             ? 
_refine.overall_SU_R_Cruickshank_DPI             ? 
_refine.overall_SU_R_free                        ? 
_refine.overall_SU_ML                            ? 
_refine.overall_SU_B                             ? 
_refine.pdbx_overall_ESU_R_Free                  ? 
_refine.pdbx_data_cutoff_high_rms_absF           ? 
_refine.pdbx_overall_ESU_R                       ? 
_refine.ls_wR_factor_R_free                      ? 
_refine.ls_wR_factor_R_work                      ? 
_refine.overall_FOM_free_R_set                   ? 
_refine.overall_FOM_work_R_set                   ? 
_refine.pdbx_refine_id                           'X-RAY DIFFRACTION' 
_refine.pdbx_diffrn_id                           1 
_refine.pdbx_TLS_residual_ADP_flag               ? 
_refine.pdbx_overall_phase_error                 ? 
_refine.pdbx_overall_SU_R_free_Cruickshank_DPI   ? 
_refine.pdbx_overall_SU_R_Blow_DPI               ? 
_refine.pdbx_overall_SU_R_free_Blow_DPI          ? 
# 
_refine_hist.pdbx_refine_id                   'X-RAY DIFFRACTION' 
_refine_hist.cycle_id                         LAST 
_refine_hist.pdbx_number_atoms_protein        1283 
_refine_hist.pdbx_number_atoms_nucleic_acid   0 
_refine_hist.pdbx_number_atoms_ligand         27 
_refine_hist.number_atoms_solvent             125 
_refine_hist.number_atoms_total               1435 
_refine_hist.d_res_high                       1.80 
_refine_hist.d_res_low                        10.0 
# 
loop_
_refine_ls_restr.type 
_refine_ls_restr.dev_ideal 
_refine_ls_restr.dev_ideal_target 
_refine_ls_restr.weight 
_refine_ls_restr.number 
_refine_ls_restr.pdbx_refine_id 
_refine_ls_restr.pdbx_restraint_function 
c_bond_d    0.007 ? ? ? 'X-RAY DIFFRACTION' ? 
c_angle_deg 1.4   ? ? ? 'X-RAY DIFFRACTION' ? 
# 
_struct.entry_id                  1ZP5 
_struct.title                     'Crystal structure of the complex between MMP-8 and a N-hydroxyurea inhibitor' 
_struct.pdbx_model_details        ? 
_struct.pdbx_CASP_flag            ? 
_struct.pdbx_model_type_details   ? 
# 
_struct_keywords.entry_id        1ZP5 
_struct_keywords.pdbx_keywords   HYDROLASE 
_struct_keywords.text            hydrolase 
# 
loop_
_struct_asym.id 
_struct_asym.pdbx_blank_PDB_chainid_flag 
_struct_asym.pdbx_modified 
_struct_asym.entity_id 
_struct_asym.details 
A N N 1 ? 
B N N 2 ? 
C N N 2 ? 
D N N 3 ? 
E N N 3 ? 
F N N 4 ? 
G N N 5 ? 
# 
_struct_biol.id                    1 
_struct_biol.pdbx_parent_biol_id   ? 
_struct_biol.details               ? 
# 
loop_
_struct_conf.conf_type_id 
_struct_conf.id 
_struct_conf.pdbx_PDB_helix_id 
_struct_conf.beg_label_comp_id 
_struct_conf.beg_label_asym_id 
_struct_conf.beg_label_seq_id 
_struct_conf.pdbx_beg_PDB_ins_code 
_struct_conf.end_label_comp_id 
_struct_conf.end_label_asym_id 
_struct_conf.end_label_seq_id 
_struct_conf.pdbx_end_PDB_ins_code 
_struct_conf.beg_auth_comp_id 
_struct_conf.beg_auth_asym_id 
_struct_conf.beg_auth_seq_id 
_struct_conf.end_auth_comp_id 
_struct_conf.end_auth_asym_id 
_struct_conf.end_auth_seq_id 
_struct_conf.pdbx_PDB_helix_class 
_struct_conf.details 
_struct_conf.pdbx_PDB_helix_length 
HELX_P HELX_P1 1 SER A 26  ? VAL A 43  ? SER A 105 VAL A 122 1 ? 18 
HELX_P HELX_P2 2 ASN A 111 ? LEU A 124 ? ASN A 190 LEU A 203 1 ? 14 
HELX_P HELX_P3 3 PRO A 151 ? GLY A 163 ? PRO A 230 GLY A 242 1 ? 13 
# 
_struct_conf_type.id          HELX_P 
_struct_conf_type.criteria    ? 
_struct_conf_type.reference   ? 
# 
loop_
_struct_conn.id 
_struct_conn.conn_type_id 
_struct_conn.pdbx_leaving_atom_flag 
_struct_conn.pdbx_PDB_id 
_struct_conn.ptnr1_label_asym_id 
_struct_conn.ptnr1_label_comp_id 
_struct_conn.ptnr1_label_seq_id 
_struct_conn.ptnr1_label_atom_id 
_struct_conn.pdbx_ptnr1_label_alt_id 
_struct_conn.pdbx_ptnr1_PDB_ins_code 
_struct_conn.pdbx_ptnr1_standard_comp_id 
_struct_conn.ptnr1_symmetry 
_struct_conn.ptnr2_label_asym_id 
_struct_conn.ptnr2_label_comp_id 
_struct_conn.ptnr2_label_seq_id 
_struct_conn.ptnr2_label_atom_id 
_struct_conn.pdbx_ptnr2_label_alt_id 
_struct_conn.pdbx_ptnr2_PDB_ins_code 
_struct_conn.ptnr1_auth_asym_id 
_struct_conn.ptnr1_auth_comp_id 
_struct_conn.ptnr1_auth_seq_id 
_struct_conn.ptnr2_auth_asym_id 
_struct_conn.ptnr2_auth_comp_id 
_struct_conn.ptnr2_auth_seq_id 
_struct_conn.ptnr2_symmetry 
_struct_conn.pdbx_ptnr3_label_atom_id 
_struct_conn.pdbx_ptnr3_label_seq_id 
_struct_conn.pdbx_ptnr3_label_comp_id 
_struct_conn.pdbx_ptnr3_label_asym_id 
_struct_conn.pdbx_ptnr3_label_alt_id 
_struct_conn.pdbx_ptnr3_PDB_ins_code 
_struct_conn.details 
_struct_conn.pdbx_dist_value 
_struct_conn.pdbx_value_order 
_struct_conn.pdbx_role 
metalc1  metalc ? ? A ASP 58  O   ? ? ? 1_555 B CA  . CA ? ? A ASP 137 A CA  996  1_555 ? ? ? ? ? ? ? 2.532 ? ? 
metalc2  metalc ? ? A HIS 68  NE2 ? ? ? 1_555 D ZN  . ZN ? ? A HIS 147 A ZN  998  1_555 ? ? ? ? ? ? ? 2.081 ? ? 
metalc3  metalc ? ? A ASP 70  OD2 ? ? ? 1_555 D ZN  . ZN ? ? A ASP 149 A ZN  998  1_555 ? ? ? ? ? ? ? 1.983 ? ? 
metalc4  metalc ? ? A ASP 75  OD1 ? ? ? 1_555 C CA  . CA ? ? A ASP 154 A CA  997  1_555 ? ? ? ? ? ? ? 2.469 ? ? 
metalc5  metalc ? ? A GLY 76  O   ? ? ? 1_555 C CA  . CA ? ? A GLY 155 A CA  997  1_555 ? ? ? ? ? ? ? 2.430 ? ? 
metalc6  metalc ? ? A ASN 78  O   ? ? ? 1_555 C CA  . CA ? ? A ASN 157 A CA  997  1_555 ? ? ? ? ? ? ? 2.403 ? ? 
metalc7  metalc ? ? A ILE 80  O   ? ? ? 1_555 C CA  . CA ? ? A ILE 159 A CA  997  1_555 ? ? ? ? ? ? ? 2.448 ? ? 
metalc8  metalc ? ? A HIS 83  NE2 ? ? ? 1_555 D ZN  . ZN ? ? A HIS 162 A ZN  998  1_555 ? ? ? ? ? ? ? 2.048 ? ? 
metalc9  metalc ? ? A GLY 90  O   ? ? ? 1_555 B CA  . CA ? ? A GLY 169 A CA  996  1_555 ? ? ? ? ? ? ? 2.652 ? ? 
metalc10 metalc ? ? A GLY 92  O   ? ? ? 1_555 B CA  . CA ? ? A GLY 171 A CA  996  1_555 ? ? ? ? ? ? ? 2.537 ? ? 
metalc11 metalc ? ? A ASP 94  OD1 ? ? ? 1_555 B CA  . CA ? ? A ASP 173 A CA  996  1_555 ? ? ? ? ? ? ? 2.548 ? ? 
metalc12 metalc ? ? A HIS 96  ND1 ? ? ? 1_555 D ZN  . ZN ? ? A HIS 175 A ZN  998  1_555 ? ? ? ? ? ? ? 2.070 ? ? 
metalc13 metalc ? ? A ASP 98  OD2 ? ? ? 1_555 C CA  . CA ? ? A ASP 177 A CA  997  1_555 ? ? ? ? ? ? ? 2.427 ? ? 
metalc14 metalc ? ? A GLU 101 OE2 ? ? ? 1_555 C CA  . CA ? ? A GLU 180 A CA  997  1_555 ? ? ? ? ? ? ? 2.432 ? ? 
metalc15 metalc ? ? A HIS 118 NE2 ? ? ? 1_555 E ZN  . ZN ? ? A HIS 197 A ZN  999  1_555 ? ? ? ? ? ? ? 2.081 ? ? 
metalc16 metalc ? ? A HIS 122 NE2 ? ? ? 1_555 E ZN  . ZN ? ? A HIS 201 A ZN  999  1_555 ? ? ? ? ? ? ? 2.060 ? ? 
metalc17 metalc ? ? A HIS 128 NE2 ? ? ? 1_555 E ZN  . ZN ? ? A HIS 207 A ZN  999  1_555 ? ? ? ? ? ? ? 2.106 ? ? 
metalc18 metalc ? ? B CA  .   CA  ? ? ? 1_555 G HOH . O  ? ? A CA  996 A HOH 1093 1_555 ? ? ? ? ? ? ? 3.205 ? ? 
metalc19 metalc ? ? B CA  .   CA  ? ? ? 1_555 G HOH . O  ? ? A CA  996 A HOH 1098 1_555 ? ? ? ? ? ? ? 2.668 ? ? 
metalc20 metalc ? ? E ZN  .   ZN  ? ? ? 1_555 F 2NI . O3 ? ? A ZN  999 A 2NI 1000 1_555 ? ? ? ? ? ? ? 2.263 ? ? 
# 
_struct_conn_type.id          metalc 
_struct_conn_type.criteria    ? 
_struct_conn_type.reference   ? 
# 
_struct_mon_prot_cis.pdbx_id                1 
_struct_mon_prot_cis.label_comp_id          ASN 
_struct_mon_prot_cis.label_seq_id           109 
_struct_mon_prot_cis.label_asym_id          A 
_struct_mon_prot_cis.label_alt_id           . 
_struct_mon_prot_cis.pdbx_PDB_ins_code      ? 
_struct_mon_prot_cis.auth_comp_id           ASN 
_struct_mon_prot_cis.auth_seq_id            188 
_struct_mon_prot_cis.auth_asym_id           A 
_struct_mon_prot_cis.pdbx_label_comp_id_2   TYR 
_struct_mon_prot_cis.pdbx_label_seq_id_2    110 
_struct_mon_prot_cis.pdbx_label_asym_id_2   A 
_struct_mon_prot_cis.pdbx_PDB_ins_code_2    ? 
_struct_mon_prot_cis.pdbx_auth_comp_id_2    TYR 
_struct_mon_prot_cis.pdbx_auth_seq_id_2     189 
_struct_mon_prot_cis.pdbx_auth_asym_id_2    A 
_struct_mon_prot_cis.pdbx_PDB_model_num     1 
_struct_mon_prot_cis.pdbx_omega_angle       -0.35 
# 
_struct_sheet.id               A 
_struct_sheet.type             ? 
_struct_sheet.number_strands   5 
_struct_sheet.details          ? 
# 
loop_
_struct_sheet_order.sheet_id 
_struct_sheet_order.range_id_1 
_struct_sheet_order.range_id_2 
_struct_sheet_order.offset 
_struct_sheet_order.sense 
A 1 2 ? parallel      
A 2 3 ? parallel      
A 3 4 ? parallel      
A 4 5 ? anti-parallel 
# 
loop_
_struct_sheet_range.sheet_id 
_struct_sheet_range.id 
_struct_sheet_range.beg_label_comp_id 
_struct_sheet_range.beg_label_asym_id 
_struct_sheet_range.beg_label_seq_id 
_struct_sheet_range.pdbx_beg_PDB_ins_code 
_struct_sheet_range.end_label_comp_id 
_struct_sheet_range.end_label_asym_id 
_struct_sheet_range.end_label_seq_id 
_struct_sheet_range.pdbx_end_PDB_ins_code 
_struct_sheet_range.beg_auth_comp_id 
_struct_sheet_range.beg_auth_asym_id 
_struct_sheet_range.beg_auth_seq_id 
_struct_sheet_range.end_auth_comp_id 
_struct_sheet_range.end_auth_asym_id 
_struct_sheet_range.end_auth_seq_id 
A 1 ILE A 48 ? ARG A 51 ? ILE A 127 ARG A 130 
A 2 ASN A 13 ? ILE A 18 ? ASN A 92  ILE A 97  
A 3 ILE A 59 ? TYR A 64 ? ILE A 138 TYR A 143 
A 4 ALA A 95 ? ASP A 98 ? ALA A 174 ASP A 177 
A 5 ALA A 82 ? ALA A 84 ? ALA A 161 ALA A 163 
# 
loop_
_pdbx_struct_sheet_hbond.sheet_id 
_pdbx_struct_sheet_hbond.range_id_1 
_pdbx_struct_sheet_hbond.range_id_2 
_pdbx_struct_sheet_hbond.range_1_label_atom_id 
_pdbx_struct_sheet_hbond.range_1_label_comp_id 
_pdbx_struct_sheet_hbond.range_1_label_asym_id 
_pdbx_struct_sheet_hbond.range_1_label_seq_id 
_pdbx_struct_sheet_hbond.range_1_PDB_ins_code 
_pdbx_struct_sheet_hbond.range_1_auth_atom_id 
_pdbx_struct_sheet_hbond.range_1_auth_comp_id 
_pdbx_struct_sheet_hbond.range_1_auth_asym_id 
_pdbx_struct_sheet_hbond.range_1_auth_seq_id 
_pdbx_struct_sheet_hbond.range_2_label_atom_id 
_pdbx_struct_sheet_hbond.range_2_label_comp_id 
_pdbx_struct_sheet_hbond.range_2_label_asym_id 
_pdbx_struct_sheet_hbond.range_2_label_seq_id 
_pdbx_struct_sheet_hbond.range_2_PDB_ins_code 
_pdbx_struct_sheet_hbond.range_2_auth_atom_id 
_pdbx_struct_sheet_hbond.range_2_auth_comp_id 
_pdbx_struct_sheet_hbond.range_2_auth_asym_id 
_pdbx_struct_sheet_hbond.range_2_auth_seq_id 
A 1 2 O THR A 50 ? O THR A 129 N LEU A 14 ? N LEU A 93  
A 2 3 N ARG A 17 ? N ARG A 96  O ILE A 61 ? O ILE A 140 
A 3 4 N ALA A 62 ? N ALA A 141 O PHE A 97 ? O PHE A 176 
A 4 5 O HIS A 96 ? O HIS A 175 N HIS A 83 ? N HIS A 162 
# 
loop_
_struct_site.id 
_struct_site.pdbx_evidence_code 
_struct_site.pdbx_auth_asym_id 
_struct_site.pdbx_auth_comp_id 
_struct_site.pdbx_auth_seq_id 
_struct_site.pdbx_auth_ins_code 
_struct_site.pdbx_num_residues 
_struct_site.details 
AC1 Software A CA  996  ? 5  'BINDING SITE FOR RESIDUE CA A 996'   
AC2 Software A CA  997  ? 6  'BINDING SITE FOR RESIDUE CA A 997'   
AC3 Software A ZN  998  ? 4  'BINDING SITE FOR RESIDUE ZN A 998'   
AC4 Software A ZN  999  ? 4  'BINDING SITE FOR RESIDUE ZN A 999'   
AC5 Software A 2NI 1000 ? 16 'BINDING SITE FOR RESIDUE 2NI A 1000' 
# 
loop_
_struct_site_gen.id 
_struct_site_gen.site_id 
_struct_site_gen.pdbx_num_res 
_struct_site_gen.label_comp_id 
_struct_site_gen.label_asym_id 
_struct_site_gen.label_seq_id 
_struct_site_gen.pdbx_auth_ins_code 
_struct_site_gen.auth_comp_id 
_struct_site_gen.auth_asym_id 
_struct_site_gen.auth_seq_id 
_struct_site_gen.label_atom_id 
_struct_site_gen.label_alt_id 
_struct_site_gen.symmetry 
_struct_site_gen.details 
1  AC1 5  ASP A 58  ? ASP A 137  . ? 1_555 ? 
2  AC1 5  GLY A 90  ? GLY A 169  . ? 1_555 ? 
3  AC1 5  GLY A 92  ? GLY A 171  . ? 1_555 ? 
4  AC1 5  ASP A 94  ? ASP A 173  . ? 1_555 ? 
5  AC1 5  HOH G .   ? HOH A 1098 . ? 1_555 ? 
6  AC2 6  ASP A 75  ? ASP A 154  . ? 1_555 ? 
7  AC2 6  GLY A 76  ? GLY A 155  . ? 1_555 ? 
8  AC2 6  ASN A 78  ? ASN A 157  . ? 1_555 ? 
9  AC2 6  ILE A 80  ? ILE A 159  . ? 1_555 ? 
10 AC2 6  ASP A 98  ? ASP A 177  . ? 1_555 ? 
11 AC2 6  GLU A 101 ? GLU A 180  . ? 1_555 ? 
12 AC3 4  HIS A 68  ? HIS A 147  . ? 1_555 ? 
13 AC3 4  ASP A 70  ? ASP A 149  . ? 1_555 ? 
14 AC3 4  HIS A 83  ? HIS A 162  . ? 1_555 ? 
15 AC3 4  HIS A 96  ? HIS A 175  . ? 1_555 ? 
16 AC4 4  HIS A 118 ? HIS A 197  . ? 1_555 ? 
17 AC4 4  HIS A 122 ? HIS A 201  . ? 1_555 ? 
18 AC4 4  HIS A 128 ? HIS A 207  . ? 1_555 ? 
19 AC4 4  2NI F .   ? 2NI A 1000 . ? 1_555 ? 
20 AC5 16 ILE A 80  ? ILE A 159  . ? 1_555 ? 
21 AC5 16 LEU A 81  ? LEU A 160  . ? 1_555 ? 
22 AC5 16 ALA A 82  ? ALA A 161  . ? 1_555 ? 
23 AC5 16 LEU A 114 ? LEU A 193  . ? 1_555 ? 
24 AC5 16 HIS A 118 ? HIS A 197  . ? 1_555 ? 
25 AC5 16 GLU A 119 ? GLU A 198  . ? 1_555 ? 
26 AC5 16 HIS A 128 ? HIS A 207  . ? 1_555 ? 
27 AC5 16 LEU A 135 ? LEU A 214  . ? 1_555 ? 
28 AC5 16 TYR A 137 ? TYR A 216  . ? 1_555 ? 
29 AC5 16 PRO A 138 ? PRO A 217  . ? 1_555 ? 
30 AC5 16 ASN A 139 ? ASN A 218  . ? 1_555 ? 
31 AC5 16 TYR A 140 ? TYR A 219  . ? 1_555 ? 
32 AC5 16 ALA A 141 ? ALA A 220  . ? 1_555 ? 
33 AC5 16 ZN  E .   ? ZN  A 999  . ? 1_555 ? 
34 AC5 16 HOH G .   ? HOH A 1069 . ? 1_555 ? 
35 AC5 16 HOH G .   ? HOH A 1105 . ? 1_555 ? 
# 
_atom_sites.entry_id                    1ZP5 
_atom_sites.fract_transf_matrix[1][1]   -0.02251461 
_atom_sites.fract_transf_matrix[1][2]   -0.01689357 
_atom_sites.fract_transf_matrix[1][3]   -0.01269207 
_atom_sites.fract_transf_matrix[2][1]   0.01289971 
_atom_sites.fract_transf_matrix[2][2]   -0.00963705 
_atom_sites.fract_transf_matrix[2][3]   -0.01005570 
_atom_sites.fract_transf_matrix[3][1]   0.00120511 
_atom_sites.fract_transf_matrix[3][2]   -0.00988473 
_atom_sites.fract_transf_matrix[3][3]   0.01101915 
_atom_sites.fract_transf_vector[1]      0.217454 
_atom_sites.fract_transf_vector[2]      0.448280 
_atom_sites.fract_transf_vector[3]      0.133444 
# 
loop_
_atom_type.symbol 
C  
CA 
N  
O  
S  
ZN 
# 
loop_
_atom_site.group_PDB 
_atom_site.id 
_atom_site.type_symbol 
_atom_site.label_atom_id 
_atom_site.label_alt_id 
_atom_site.label_comp_id 
_atom_site.label_asym_id 
_atom_site.label_entity_id 
_atom_site.label_seq_id 
_atom_site.pdbx_PDB_ins_code 
_atom_site.Cartn_x 
_atom_site.Cartn_y 
_atom_site.Cartn_z 
_atom_site.occupancy 
_atom_site.B_iso_or_equiv 
_atom_site.pdbx_formal_charge 
_atom_site.auth_seq_id 
_atom_site.auth_comp_id 
_atom_site.auth_asym_id 
_atom_site.auth_atom_id 
_atom_site.pdbx_PDB_model_num 
ATOM   1    N  N   . MET A 1 1   ? 12.169  5.449   -8.797  1.00 40.65 ? 80   MET A N   1 
ATOM   2    C  CA  . MET A 1 1   ? 10.809  5.235   -9.362  1.00 40.85 ? 80   MET A CA  1 
ATOM   3    C  C   . MET A 1 1   ? 10.622  3.760   -9.721  1.00 41.71 ? 80   MET A C   1 
ATOM   4    O  O   . MET A 1 1   ? 9.614   3.140   -9.370  1.00 39.91 ? 80   MET A O   1 
ATOM   5    C  CB  . MET A 1 1   ? 10.617  6.099   -10.617 1.00 41.11 ? 80   MET A CB  1 
ATOM   6    C  CG  . MET A 1 1   ? 9.172   6.244   -11.058 1.00 39.74 ? 80   MET A CG  1 
ATOM   7    S  SD  . MET A 1 1   ? 9.034   6.699   -12.790 1.00 38.91 ? 80   MET A SD  1 
ATOM   8    C  CE  . MET A 1 1   ? 9.539   8.429   -12.744 1.00 39.75 ? 80   MET A CE  1 
ATOM   9    N  N   . LEU A 1 2   ? 11.602  3.204   -10.427 1.00 43.06 ? 81   LEU A N   1 
ATOM   10   C  CA  . LEU A 1 2   ? 11.548  1.805   -10.836 1.00 44.12 ? 81   LEU A CA  1 
ATOM   11   C  C   . LEU A 1 2   ? 12.325  0.929   -9.852  1.00 44.84 ? 81   LEU A C   1 
ATOM   12   O  O   . LEU A 1 2   ? 13.551  1.009   -9.767  1.00 45.74 ? 81   LEU A O   1 
ATOM   13   C  CB  . LEU A 1 2   ? 12.134  1.640   -12.238 1.00 43.99 ? 81   LEU A CB  1 
ATOM   14   C  CG  . LEU A 1 2   ? 11.199  1.995   -13.394 1.00 44.31 ? 81   LEU A CG  1 
ATOM   15   C  CD1 . LEU A 1 2   ? 11.953  2.014   -14.718 1.00 43.87 ? 81   LEU A CD1 1 
ATOM   16   C  CD2 . LEU A 1 2   ? 10.071  0.977   -13.445 1.00 43.30 ? 81   LEU A CD2 1 
ATOM   17   N  N   . THR A 1 3   ? 11.609  0.097   -9.100  1.00 45.24 ? 82   THR A N   1 
ATOM   18   C  CA  . THR A 1 3   ? 12.252  -0.783  -8.127  1.00 45.28 ? 82   THR A CA  1 
ATOM   19   C  C   . THR A 1 3   ? 13.404  -1.512  -8.793  1.00 45.39 ? 82   THR A C   1 
ATOM   20   O  O   . THR A 1 3   ? 13.252  -2.082  -9.877  1.00 46.23 ? 82   THR A O   1 
ATOM   21   C  CB  . THR A 1 3   ? 11.276  -1.836  -7.552  1.00 44.99 ? 82   THR A CB  1 
ATOM   22   O  OG1 . THR A 1 3   ? 10.319  -1.189  -6.704  1.00 46.54 ? 82   THR A OG1 1 
ATOM   23   C  CG2 . THR A 1 3   ? 12.035  -2.874  -6.743  1.00 44.73 ? 82   THR A CG2 1 
ATOM   24   N  N   . PRO A 1 4   ? 14.579  -1.508  -8.149  1.00 45.33 ? 83   PRO A N   1 
ATOM   25   C  CA  . PRO A 1 4   ? 15.747  -2.182  -8.715  1.00 45.22 ? 83   PRO A CA  1 
ATOM   26   C  C   . PRO A 1 4   ? 15.447  -3.666  -8.911  1.00 45.72 ? 83   PRO A C   1 
ATOM   27   O  O   . PRO A 1 4   ? 15.132  -4.383  -7.958  1.00 46.41 ? 83   PRO A O   1 
ATOM   28   C  CB  . PRO A 1 4   ? 16.828  -1.930  -7.669  1.00 44.66 ? 83   PRO A CB  1 
ATOM   29   C  CG  . PRO A 1 4   ? 16.042  -1.867  -6.387  1.00 45.28 ? 83   PRO A CG  1 
ATOM   30   C  CD  . PRO A 1 4   ? 14.863  -1.016  -6.789  1.00 45.11 ? 83   PRO A CD  1 
ATOM   31   N  N   . GLY A 1 5   ? 15.538  -4.115  -10.157 1.00 46.45 ? 84   GLY A N   1 
ATOM   32   C  CA  . GLY A 1 5   ? 15.270  -5.505  -10.476 1.00 46.53 ? 84   GLY A CA  1 
ATOM   33   C  C   . GLY A 1 5   ? 14.054  -5.582  -11.373 1.00 47.11 ? 84   GLY A C   1 
ATOM   34   O  O   . GLY A 1 5   ? 13.736  -6.635  -11.930 1.00 47.90 ? 84   GLY A O   1 
ATOM   35   N  N   . ASN A 1 6   ? 13.375  -4.447  -11.512 1.00 46.71 ? 85   ASN A N   1 
ATOM   36   C  CA  . ASN A 1 6   ? 12.178  -4.354  -12.337 1.00 45.20 ? 85   ASN A CA  1 
ATOM   37   C  C   . ASN A 1 6   ? 11.189  -5.472  -12.005 1.00 43.49 ? 85   ASN A C   1 
ATOM   38   O  O   . ASN A 1 6   ? 10.558  -6.039  -12.897 1.00 44.32 ? 85   ASN A O   1 
ATOM   39   C  CB  . ASN A 1 6   ? 12.565  -4.426  -13.817 1.00 46.30 ? 85   ASN A CB  1 
ATOM   40   C  CG  . ASN A 1 6   ? 13.577  -3.362  -14.207 1.00 47.00 ? 85   ASN A CG  1 
ATOM   41   O  OD1 . ASN A 1 6   ? 13.294  -2.165  -14.144 1.00 47.28 ? 85   ASN A OD1 1 
ATOM   42   N  ND2 . ASN A 1 6   ? 14.767  -3.797  -14.610 1.00 47.02 ? 85   ASN A ND2 1 
ATOM   43   N  N   . PRO A 1 7   ? 11.031  -5.798  -10.709 1.00 41.19 ? 86   PRO A N   1 
ATOM   44   C  CA  . PRO A 1 7   ? 10.099  -6.861  -10.332 1.00 39.28 ? 86   PRO A CA  1 
ATOM   45   C  C   . PRO A 1 7   ? 8.651   -6.444  -10.583 1.00 36.82 ? 86   PRO A C   1 
ATOM   46   O  O   . PRO A 1 7   ? 8.256   -5.323  -10.262 1.00 36.24 ? 86   PRO A O   1 
ATOM   47   C  CB  . PRO A 1 7   ? 10.409  -7.069  -8.857  1.00 40.15 ? 86   PRO A CB  1 
ATOM   48   C  CG  . PRO A 1 7   ? 10.698  -5.674  -8.401  1.00 40.80 ? 86   PRO A CG  1 
ATOM   49   C  CD  . PRO A 1 7   ? 11.576  -5.132  -9.510  1.00 41.38 ? 86   PRO A CD  1 
ATOM   50   N  N   . LYS A 1 8   ? 7.867   -7.349  -11.159 1.00 34.43 ? 87   LYS A N   1 
ATOM   51   C  CA  . LYS A 1 8   ? 6.470   -7.066  -11.464 1.00 31.35 ? 87   LYS A CA  1 
ATOM   52   C  C   . LYS A 1 8   ? 5.615   -8.327  -11.450 1.00 30.08 ? 87   LYS A C   1 
ATOM   53   O  O   . LYS A 1 8   ? 6.126   -9.442  -11.521 1.00 28.66 ? 87   LYS A O   1 
ATOM   54   C  CB  . LYS A 1 8   ? 6.353   -6.412  -12.841 1.00 32.46 ? 87   LYS A CB  1 
ATOM   55   C  CG  . LYS A 1 8   ? 6.938   -7.255  -13.967 1.00 33.19 ? 87   LYS A CG  1 
ATOM   56   C  CD  . LYS A 1 8   ? 6.480   -6.768  -15.336 1.00 35.12 ? 87   LYS A CD  1 
ATOM   57   C  CE  . LYS A 1 8   ? 4.979   -6.955  -15.512 1.00 36.39 ? 87   LYS A CE  1 
ATOM   58   N  NZ  . LYS A 1 8   ? 4.517   -6.540  -16.864 1.00 38.87 ? 87   LYS A NZ  1 
ATOM   59   N  N   . TRP A 1 9   ? 4.303   -8.138  -11.364 1.00 27.80 ? 88   TRP A N   1 
ATOM   60   C  CA  . TRP A 1 9   ? 3.380   -9.259  -11.356 1.00 27.45 ? 88   TRP A CA  1 
ATOM   61   C  C   . TRP A 1 9   ? 3.158   -9.737  -12.779 1.00 27.16 ? 88   TRP A C   1 
ATOM   62   O  O   . TRP A 1 9   ? 3.281   -8.960  -13.719 1.00 26.20 ? 88   TRP A O   1 
ATOM   63   C  CB  . TRP A 1 9   ? 2.039   -8.845  -10.755 1.00 25.71 ? 88   TRP A CB  1 
ATOM   64   C  CG  . TRP A 1 9   ? 2.108   -8.552  -9.299  1.00 24.27 ? 88   TRP A CG  1 
ATOM   65   C  CD1 . TRP A 1 9   ? 2.102   -7.326  -8.705  1.00 22.97 ? 88   TRP A CD1 1 
ATOM   66   C  CD2 . TRP A 1 9   ? 2.175   -9.513  -8.244  1.00 23.12 ? 88   TRP A CD2 1 
ATOM   67   N  NE1 . TRP A 1 9   ? 2.154   -7.462  -7.335  1.00 21.81 ? 88   TRP A NE1 1 
ATOM   68   C  CE2 . TRP A 1 9   ? 2.199   -8.796  -7.027  1.00 22.67 ? 88   TRP A CE2 1 
ATOM   69   C  CE3 . TRP A 1 9   ? 2.215   -10.911 -8.208  1.00 23.39 ? 88   TRP A CE3 1 
ATOM   70   C  CZ2 . TRP A 1 9   ? 2.262   -9.433  -5.786  1.00 23.30 ? 88   TRP A CZ2 1 
ATOM   71   C  CZ3 . TRP A 1 9   ? 2.278   -11.543 -6.974  1.00 22.90 ? 88   TRP A CZ3 1 
ATOM   72   C  CH2 . TRP A 1 9   ? 2.299   -10.804 -5.780  1.00 24.10 ? 88   TRP A CH2 1 
ATOM   73   N  N   . GLU A 1 10  ? 2.832   -11.015 -12.929 1.00 29.92 ? 89   GLU A N   1 
ATOM   74   C  CA  . GLU A 1 10  ? 2.573   -11.581 -14.246 1.00 32.21 ? 89   GLU A CA  1 
ATOM   75   C  C   . GLU A 1 10  ? 1.069   -11.697 -14.452 1.00 32.89 ? 89   GLU A C   1 
ATOM   76   O  O   . GLU A 1 10  ? 0.591   -11.736 -15.585 1.00 34.45 ? 89   GLU A O   1 
ATOM   77   C  CB  . GLU A 1 10  ? 3.213   -12.964 -14.378 1.00 33.36 ? 89   GLU A CB  1 
ATOM   78   C  CG  . GLU A 1 10  ? 4.694   -13.002 -14.048 1.00 35.59 ? 89   GLU A CG  1 
ATOM   79   C  CD  . GLU A 1 10  ? 5.459   -11.848 -14.664 1.00 36.78 ? 89   GLU A CD  1 
ATOM   80   O  OE1 . GLU A 1 10  ? 5.303   -11.605 -15.879 1.00 37.80 ? 89   GLU A OE1 1 
ATOM   81   O  OE2 . GLU A 1 10  ? 6.223   -11.185 -13.929 1.00 37.31 ? 89   GLU A OE2 1 
ATOM   82   N  N   . ARG A 1 11  ? 0.329   -11.744 -13.348 1.00 32.93 ? 90   ARG A N   1 
ATOM   83   C  CA  . ARG A 1 11  ? -1.129  -11.777 -13.413 1.00 33.33 ? 90   ARG A CA  1 
ATOM   84   C  C   . ARG A 1 11  ? -1.615  -10.315 -13.307 1.00 32.71 ? 90   ARG A C   1 
ATOM   85   O  O   . ARG A 1 11  ? -0.995  -9.489  -12.626 1.00 33.64 ? 90   ARG A O   1 
ATOM   86   C  CB  . ARG A 1 11  ? -1.741  -12.640 -12.314 1.00 33.46 ? 90   ARG A CB  1 
ATOM   87   C  CG  . ARG A 1 11  ? -1.358  -14.108 -12.379 1.00 36.46 ? 90   ARG A CG  1 
ATOM   88   C  CD  . ARG A 1 11  ? -1.372  -14.735 -10.985 1.00 38.19 ? 90   ARG A CD  1 
ATOM   89   N  NE  . ARG A 1 11  ? -2.714  -14.986 -10.484 1.00 40.52 ? 90   ARG A NE  1 
ATOM   90   C  CZ  . ARG A 1 11  ? -3.273  -14.315 -9.484  1.00 42.19 ? 90   ARG A CZ  1 
ATOM   91   N  NH1 . ARG A 1 11  ? -2.596  -13.356 -8.873  1.00 41.25 ? 90   ARG A NH1 1 
ATOM   92   N  NH2 . ARG A 1 11  ? -4.510  -14.603 -9.096  1.00 42.91 ? 90   ARG A NH2 1 
ATOM   93   N  N   . THR A 1 12  ? -2.715  -10.027 -13.999 1.00 32.00 ? 91   THR A N   1 
ATOM   94   C  CA  . THR A 1 12  ? -3.288  -8.684  -13.997 1.00 29.60 ? 91   THR A CA  1 
ATOM   95   C  C   . THR A 1 12  ? -4.394  -8.573  -12.957 1.00 26.69 ? 91   THR A C   1 
ATOM   96   O  O   . THR A 1 12  ? -4.693  -7.483  -12.474 1.00 25.12 ? 91   THR A O   1 
ATOM   97   C  CB  . THR A 1 12  ? -3.878  -8.318  -15.375 1.00 31.09 ? 91   THR A CB  1 
ATOM   98   O  OG1 . THR A 1 12  ? -5.000  -9.161  -15.655 1.00 32.67 ? 91   THR A OG1 1 
ATOM   99   C  CG2 . THR A 1 12  ? -2.831  -8.497  -16.467 1.00 32.19 ? 91   THR A CG2 1 
ATOM   100  N  N   . ASN A 1 13  ? -5.007  -9.705  -12.627 1.00 24.19 ? 92   ASN A N   1 
ATOM   101  C  CA  . ASN A 1 13  ? -6.076  -9.742  -11.634 1.00 22.82 ? 92   ASN A CA  1 
ATOM   102  C  C   . ASN A 1 13  ? -5.467  -10.317 -10.369 1.00 22.34 ? 92   ASN A C   1 
ATOM   103  O  O   . ASN A 1 13  ? -5.229  -11.521 -10.268 1.00 21.30 ? 92   ASN A O   1 
ATOM   104  C  CB  . ASN A 1 13  ? -7.226  -10.634 -12.111 1.00 23.76 ? 92   ASN A CB  1 
ATOM   105  C  CG  . ASN A 1 13  ? -8.456  -10.544 -11.215 1.00 23.97 ? 92   ASN A CG  1 
ATOM   106  O  OD1 . ASN A 1 13  ? -9.398  -11.323 -11.357 1.00 25.34 ? 92   ASN A OD1 1 
ATOM   107  N  ND2 . ASN A 1 13  ? -8.453  -9.589  -10.292 1.00 23.27 ? 92   ASN A ND2 1 
ATOM   108  N  N   . LEU A 1 14  ? -5.204  -9.447  -9.405  1.00 17.84 ? 93   LEU A N   1 
ATOM   109  C  CA  . LEU A 1 14  ? -4.600  -9.871  -8.159  1.00 16.87 ? 93   LEU A CA  1 
ATOM   110  C  C   . LEU A 1 14  ? -5.619  -9.838  -7.025  1.00 16.94 ? 93   LEU A C   1 
ATOM   111  O  O   . LEU A 1 14  ? -6.475  -8.956  -6.967  1.00 16.71 ? 93   LEU A O   1 
ATOM   112  C  CB  . LEU A 1 14  ? -3.418  -8.959  -7.833  1.00 18.01 ? 93   LEU A CB  1 
ATOM   113  C  CG  . LEU A 1 14  ? -2.391  -8.797  -8.960  1.00 19.35 ? 93   LEU A CG  1 
ATOM   114  C  CD1 . LEU A 1 14  ? -1.354  -7.761  -8.551  1.00 21.87 ? 93   LEU A CD1 1 
ATOM   115  C  CD2 . LEU A 1 14  ? -1.729  -10.136 -9.264  1.00 20.38 ? 93   LEU A CD2 1 
ATOM   116  N  N   . THR A 1 15  ? -5.535  -10.819 -6.136  1.00 16.22 ? 94   THR A N   1 
ATOM   117  C  CA  . THR A 1 15  ? -6.439  -10.876 -5.001  1.00 16.15 ? 94   THR A CA  1 
ATOM   118  C  C   . THR A 1 15  ? -5.749  -10.252 -3.807  1.00 16.75 ? 94   THR A C   1 
ATOM   119  O  O   . THR A 1 15  ? -4.526  -10.226 -3.728  1.00 16.77 ? 94   THR A O   1 
ATOM   120  C  CB  . THR A 1 15  ? -6.803  -12.322 -4.622  1.00 16.79 ? 94   THR A CB  1 
ATOM   121  O  OG1 . THR A 1 15  ? -5.605  -13.063 -4.366  1.00 16.28 ? 94   THR A OG1 1 
ATOM   122  C  CG2 . THR A 1 15  ? -7.587  -12.989 -5.740  1.00 18.34 ? 94   THR A CG2 1 
ATOM   123  N  N   . TYR A 1 16  ? -6.540  -9.723  -2.885  1.00 16.30 ? 95   TYR A N   1 
ATOM   124  C  CA  . TYR A 1 16  ? -5.975  -9.148  -1.691  1.00 16.65 ? 95   TYR A CA  1 
ATOM   125  C  C   . TYR A 1 16  ? -6.902  -9.507  -0.550  1.00 17.54 ? 95   TYR A C   1 
ATOM   126  O  O   . TYR A 1 16  ? -8.082  -9.807  -0.760  1.00 17.79 ? 95   TYR A O   1 
ATOM   127  C  CB  . TYR A 1 16  ? -5.825  -7.628  -1.833  1.00 16.32 ? 95   TYR A CB  1 
ATOM   128  C  CG  . TYR A 1 16  ? -7.116  -6.842  -1.777  1.00 14.30 ? 95   TYR A CG  1 
ATOM   129  C  CD1 . TYR A 1 16  ? -7.637  -6.416  -0.561  1.00 13.12 ? 95   TYR A CD1 1 
ATOM   130  C  CD2 . TYR A 1 16  ? -7.785  -6.483  -2.946  1.00 13.55 ? 95   TYR A CD2 1 
ATOM   131  C  CE1 . TYR A 1 16  ? -8.793  -5.642  -0.503  1.00 13.74 ? 95   TYR A CE1 1 
ATOM   132  C  CE2 . TYR A 1 16  ? -8.939  -5.709  -2.901  1.00 15.60 ? 95   TYR A CE2 1 
ATOM   133  C  CZ  . TYR A 1 16  ? -9.435  -5.291  -1.679  1.00 14.45 ? 95   TYR A CZ  1 
ATOM   134  O  OH  . TYR A 1 16  ? -10.564 -4.512  -1.635  1.00 18.31 ? 95   TYR A OH  1 
ATOM   135  N  N   . ARG A 1 17  ? -6.357  -9.515  0.656   1.00 17.49 ? 96   ARG A N   1 
ATOM   136  C  CA  . ARG A 1 17  ? -7.159  -9.834  1.811   1.00 19.88 ? 96   ARG A CA  1 
ATOM   137  C  C   . ARG A 1 17  ? -6.702  -9.028  3.012   1.00 18.37 ? 96   ARG A C   1 
ATOM   138  O  O   . ARG A 1 17  ? -5.509  -8.968  3.318   1.00 18.91 ? 96   ARG A O   1 
ATOM   139  C  CB  . ARG A 1 17  ? -7.068  -11.328 2.129   1.00 22.24 ? 96   ARG A CB  1 
ATOM   140  C  CG  . ARG A 1 17  ? -8.243  -11.809 2.961   1.00 27.22 ? 96   ARG A CG  1 
ATOM   141  C  CD  . ARG A 1 17  ? -7.848  -12.304 4.336   1.00 29.01 ? 96   ARG A CD  1 
ATOM   142  N  NE  . ARG A 1 17  ? -7.409  -13.690 4.306   1.00 30.30 ? 96   ARG A NE  1 
ATOM   143  C  CZ  . ARG A 1 17  ? -7.381  -14.491 5.367   1.00 29.10 ? 96   ARG A CZ  1 
ATOM   144  N  NH1 . ARG A 1 17  ? -6.961  -15.739 5.238   1.00 28.67 ? 96   ARG A NH1 1 
ATOM   145  N  NH2 . ARG A 1 17  ? -7.787  -14.052 6.549   1.00 29.11 ? 96   ARG A NH2 1 
ATOM   146  N  N   . ILE A 1 18  ? -7.658  -8.391  3.677   1.00 17.78 ? 97   ILE A N   1 
ATOM   147  C  CA  . ILE A 1 18  ? -7.354  -7.624  4.868   1.00 16.58 ? 97   ILE A CA  1 
ATOM   148  C  C   . ILE A 1 18  ? -7.449  -8.690  5.948   1.00 17.15 ? 97   ILE A C   1 
ATOM   149  O  O   . ILE A 1 18  ? -8.543  -9.142  6.306   1.00 15.25 ? 97   ILE A O   1 
ATOM   150  C  CB  . ILE A 1 18  ? -8.395  -6.503  5.089   1.00 17.50 ? 97   ILE A CB  1 
ATOM   151  C  CG1 . ILE A 1 18  ? -8.412  -5.587  3.860   1.00 18.93 ? 97   ILE A CG1 1 
ATOM   152  C  CG2 . ILE A 1 18  ? -8.042  -5.690  6.342   1.00 15.60 ? 97   ILE A CG2 1 
ATOM   153  C  CD1 . ILE A 1 18  ? -9.401  -4.433  3.943   1.00 19.37 ? 97   ILE A CD1 1 
ATOM   154  N  N   . ARG A 1 19  ? -6.289  -9.107  6.442   1.00 15.26 ? 98   ARG A N   1 
ATOM   155  C  CA  . ARG A 1 19  ? -6.214  -10.162 7.440   1.00 17.73 ? 98   ARG A CA  1 
ATOM   156  C  C   . ARG A 1 19  ? -6.741  -9.760  8.800   1.00 17.15 ? 98   ARG A C   1 
ATOM   157  O  O   . ARG A 1 19  ? -7.333  -10.572 9.495   1.00 17.25 ? 98   ARG A O   1 
ATOM   158  C  CB  . ARG A 1 19  ? -4.777  -10.650 7.573   1.00 17.73 ? 98   ARG A CB  1 
ATOM   159  C  CG  . ARG A 1 19  ? -4.164  -11.076 6.248   1.00 18.99 ? 98   ARG A CG  1 
ATOM   160  C  CD  . ARG A 1 19  ? -2.910  -11.876 6.490   1.00 22.97 ? 98   ARG A CD  1 
ATOM   161  N  NE  . ARG A 1 19  ? -3.229  -13.141 7.138   1.00 24.10 ? 98   ARG A NE  1 
ATOM   162  C  CZ  . ARG A 1 19  ? -3.626  -14.235 6.496   1.00 23.63 ? 98   ARG A CZ  1 
ATOM   163  N  NH1 . ARG A 1 19  ? -3.904  -15.335 7.176   1.00 24.53 ? 98   ARG A NH1 1 
ATOM   164  N  NH2 . ARG A 1 19  ? -3.718  -14.240 5.174   1.00 24.72 ? 98   ARG A NH2 1 
ATOM   165  N  N   . ASN A 1 20  ? -6.519  -8.511  9.186   1.00 16.55 ? 99   ASN A N   1 
ATOM   166  C  CA  . ASN A 1 20  ? -7.010  -8.035  10.469  1.00 17.61 ? 99   ASN A CA  1 
ATOM   167  C  C   . ASN A 1 20  ? -7.206  -6.538  10.396  1.00 19.24 ? 99   ASN A C   1 
ATOM   168  O  O   . ASN A 1 20  ? -7.014  -5.931  9.339   1.00 18.20 ? 99   ASN A O   1 
ATOM   169  C  CB  . ASN A 1 20  ? -6.042  -8.400  11.603  1.00 15.60 ? 99   ASN A CB  1 
ATOM   170  C  CG  . ASN A 1 20  ? -4.674  -7.762  11.445  1.00 14.80 ? 99   ASN A CG  1 
ATOM   171  O  OD1 . ASN A 1 20  ? -4.479  -6.875  10.616  1.00 14.55 ? 99   ASN A OD1 1 
ATOM   172  N  ND2 . ASN A 1 20  ? -3.721  -8.204  12.261  1.00 14.72 ? 99   ASN A ND2 1 
ATOM   173  N  N   . TYR A 1 21  ? -7.587  -5.933  11.512  1.00 22.11 ? 100  TYR A N   1 
ATOM   174  C  CA  . TYR A 1 21  ? -7.828  -4.501  11.513  1.00 24.08 ? 100  TYR A CA  1 
ATOM   175  C  C   . TYR A 1 21  ? -7.208  -3.768  12.684  1.00 26.07 ? 100  TYR A C   1 
ATOM   176  O  O   . TYR A 1 21  ? -6.698  -4.375  13.625  1.00 27.49 ? 100  TYR A O   1 
ATOM   177  C  CB  . TYR A 1 21  ? -9.335  -4.231  11.491  1.00 25.39 ? 100  TYR A CB  1 
ATOM   178  C  CG  . TYR A 1 21  ? -10.043 -4.817  10.292  1.00 24.97 ? 100  TYR A CG  1 
ATOM   179  C  CD1 . TYR A 1 21  ? -10.322 -6.181  10.218  1.00 25.53 ? 100  TYR A CD1 1 
ATOM   180  C  CD2 . TYR A 1 21  ? -10.405 -4.011  9.215   1.00 25.00 ? 100  TYR A CD2 1 
ATOM   181  C  CE1 . TYR A 1 21  ? -10.945 -6.730  9.097   1.00 26.11 ? 100  TYR A CE1 1 
ATOM   182  C  CE2 . TYR A 1 21  ? -11.025 -4.548  8.092   1.00 26.53 ? 100  TYR A CE2 1 
ATOM   183  C  CZ  . TYR A 1 21  ? -11.292 -5.907  8.039   1.00 27.04 ? 100  TYR A CZ  1 
ATOM   184  O  OH  . TYR A 1 21  ? -11.899 -6.439  6.924   1.00 27.89 ? 100  TYR A OH  1 
ATOM   185  N  N   . THR A 1 22  ? -7.246  -2.444  12.596  1.00 27.54 ? 101  THR A N   1 
ATOM   186  C  CA  . THR A 1 22  ? -6.734  -1.570  13.637  1.00 27.79 ? 101  THR A CA  1 
ATOM   187  C  C   . THR A 1 22  ? -7.939  -1.110  14.449  1.00 29.13 ? 101  THR A C   1 
ATOM   188  O  O   . THR A 1 22  ? -8.948  -0.694  13.890  1.00 30.02 ? 101  THR A O   1 
ATOM   189  C  CB  . THR A 1 22  ? -6.029  -0.336  13.035  1.00 25.23 ? 101  THR A CB  1 
ATOM   190  O  OG1 . THR A 1 22  ? -5.909  0.682   14.035  1.00 24.99 ? 101  THR A OG1 1 
ATOM   191  C  CG2 . THR A 1 22  ? -6.815  0.209   11.857  1.00 25.08 ? 101  THR A CG2 1 
ATOM   192  N  N   . PRO A 1 23  ? -7.854  -1.197  15.784  1.00 32.10 ? 102  PRO A N   1 
ATOM   193  C  CA  . PRO A 1 23  ? -8.951  -0.787  16.666  1.00 33.90 ? 102  PRO A CA  1 
ATOM   194  C  C   . PRO A 1 23  ? -9.415  0.656   16.460  1.00 35.16 ? 102  PRO A C   1 
ATOM   195  O  O   . PRO A 1 23  ? -10.567 0.990   16.735  1.00 36.42 ? 102  PRO A O   1 
ATOM   196  C  CB  . PRO A 1 23  ? -8.365  -1.008  18.057  1.00 33.78 ? 102  PRO A CB  1 
ATOM   197  C  CG  . PRO A 1 23  ? -7.468  -2.186  17.847  1.00 34.19 ? 102  PRO A CG  1 
ATOM   198  C  CD  . PRO A 1 23  ? -6.768  -1.818  16.560  1.00 32.17 ? 102  PRO A CD  1 
ATOM   199  N  N   . GLN A 1 24  ? -8.518  1.503   15.968  1.00 36.48 ? 103  GLN A N   1 
ATOM   200  C  CA  . GLN A 1 24  ? -8.826  2.914   15.753  1.00 37.08 ? 103  GLN A CA  1 
ATOM   201  C  C   . GLN A 1 24  ? -9.823  3.212   14.640  1.00 36.64 ? 103  GLN A C   1 
ATOM   202  O  O   . GLN A 1 24  ? -10.349 4.322   14.554  1.00 36.40 ? 103  GLN A O   1 
ATOM   203  C  CB  . GLN A 1 24  ? -7.530  3.681   15.513  1.00 38.12 ? 103  GLN A CB  1 
ATOM   204  C  CG  . GLN A 1 24  ? -6.640  3.690   16.737  1.00 41.04 ? 103  GLN A CG  1 
ATOM   205  C  CD  . GLN A 1 24  ? -5.226  4.087   16.421  1.00 43.24 ? 103  GLN A CD  1 
ATOM   206  O  OE1 . GLN A 1 24  ? -4.796  5.202   16.722  1.00 45.25 ? 103  GLN A OE1 1 
ATOM   207  N  NE2 . GLN A 1 24  ? -4.488  3.174   15.804  1.00 43.82 ? 103  GLN A NE2 1 
ATOM   208  N  N   . LEU A 1 25  ? -10.085 2.230   13.789  1.00 35.05 ? 104  LEU A N   1 
ATOM   209  C  CA  . LEU A 1 25  ? -11.035 2.408   12.702  1.00 34.50 ? 104  LEU A CA  1 
ATOM   210  C  C   . LEU A 1 25  ? -11.959 1.208   12.625  1.00 34.25 ? 104  LEU A C   1 
ATOM   211  O  O   . LEU A 1 25  ? -11.588 0.105   13.022  1.00 35.07 ? 104  LEU A O   1 
ATOM   212  C  CB  . LEU A 1 25  ? -10.306 2.552   11.361  1.00 34.62 ? 104  LEU A CB  1 
ATOM   213  C  CG  . LEU A 1 25  ? -9.410  3.770   11.141  1.00 32.96 ? 104  LEU A CG  1 
ATOM   214  C  CD1 . LEU A 1 25  ? -8.735  3.657   9.781   1.00 33.42 ? 104  LEU A CD1 1 
ATOM   215  C  CD2 . LEU A 1 25  ? -10.242 5.047   11.227  1.00 34.14 ? 104  LEU A CD2 1 
ATOM   216  N  N   . SER A 1 26  ? -13.170 1.423   12.125  1.00 33.53 ? 105  SER A N   1 
ATOM   217  C  CA  . SER A 1 26  ? -14.110 0.325   11.973  1.00 33.68 ? 105  SER A CA  1 
ATOM   218  C  C   . SER A 1 26  ? -13.581 -0.455  10.778  1.00 32.95 ? 105  SER A C   1 
ATOM   219  O  O   . SER A 1 26  ? -12.819 0.082   9.980   1.00 33.33 ? 105  SER A O   1 
ATOM   220  C  CB  . SER A 1 26  ? -15.509 0.854   11.661  1.00 33.59 ? 105  SER A CB  1 
ATOM   221  O  OG  . SER A 1 26  ? -15.534 1.494   10.398  1.00 31.65 ? 105  SER A OG  1 
ATOM   222  N  N   . GLU A 1 27  ? -13.968 -1.714  10.648  1.00 32.58 ? 106  GLU A N   1 
ATOM   223  C  CA  . GLU A 1 27  ? -13.499 -2.502  9.519   1.00 34.19 ? 106  GLU A CA  1 
ATOM   224  C  C   . GLU A 1 27  ? -13.896 -1.830  8.207   1.00 33.86 ? 106  GLU A C   1 
ATOM   225  O  O   . GLU A 1 27  ? -13.213 -1.979  7.196   1.00 32.05 ? 106  GLU A O   1 
ATOM   226  C  CB  . GLU A 1 27  ? -14.093 -3.905  9.573   1.00 36.29 ? 106  GLU A CB  1 
ATOM   227  C  CG  . GLU A 1 27  ? -13.829 -4.624  10.877  1.00 38.94 ? 106  GLU A CG  1 
ATOM   228  C  CD  . GLU A 1 27  ? -15.095 -5.171  11.477  1.00 41.07 ? 106  GLU A CD  1 
ATOM   229  O  OE1 . GLU A 1 27  ? -15.757 -5.997  10.812  1.00 42.93 ? 106  GLU A OE1 1 
ATOM   230  O  OE2 . GLU A 1 27  ? -15.434 -4.770  12.610  1.00 43.04 ? 106  GLU A OE2 1 
ATOM   231  N  N   . ALA A 1 28  ? -15.000 -1.088  8.237   1.00 32.79 ? 107  ALA A N   1 
ATOM   232  C  CA  . ALA A 1 28  ? -15.507 -0.392  7.055   1.00 32.23 ? 107  ALA A CA  1 
ATOM   233  C  C   . ALA A 1 28  ? -14.557 0.696   6.555   1.00 31.11 ? 107  ALA A C   1 
ATOM   234  O  O   . ALA A 1 28  ? -14.233 0.749   5.371   1.00 32.32 ? 107  ALA A O   1 
ATOM   235  C  CB  . ALA A 1 28  ? -16.874 0.215   7.362   1.00 33.35 ? 107  ALA A CB  1 
ATOM   236  N  N   . GLU A 1 29  ? -14.126 1.567   7.460   1.00 29.64 ? 108  GLU A N   1 
ATOM   237  C  CA  . GLU A 1 29  ? -13.217 2.653   7.119   1.00 28.33 ? 108  GLU A CA  1 
ATOM   238  C  C   . GLU A 1 29  ? -11.889 2.106   6.602   1.00 26.81 ? 108  GLU A C   1 
ATOM   239  O  O   . GLU A 1 29  ? -11.250 2.704   5.737   1.00 25.15 ? 108  GLU A O   1 
ATOM   240  C  CB  . GLU A 1 29  ? -12.979 3.528   8.347   1.00 30.34 ? 108  GLU A CB  1 
ATOM   241  C  CG  . GLU A 1 29  ? -14.238 4.216   8.860   1.00 32.93 ? 108  GLU A CG  1 
ATOM   242  C  CD  . GLU A 1 29  ? -14.091 4.721   10.284  1.00 33.34 ? 108  GLU A CD  1 
ATOM   243  O  OE1 . GLU A 1 29  ? -13.973 3.881   11.200  1.00 33.76 ? 108  GLU A OE1 1 
ATOM   244  O  OE2 . GLU A 1 29  ? -14.086 5.953   10.486  1.00 33.69 ? 108  GLU A OE2 1 
ATOM   245  N  N   . VAL A 1 30  ? -11.473 0.968   7.147   1.00 24.45 ? 109  VAL A N   1 
ATOM   246  C  CA  . VAL A 1 30  ? -10.237 0.336   6.718   1.00 20.99 ? 109  VAL A CA  1 
ATOM   247  C  C   . VAL A 1 30  ? -10.490 -0.245  5.335   1.00 20.52 ? 109  VAL A C   1 
ATOM   248  O  O   . VAL A 1 30  ? -9.686  -0.088  4.419   1.00 18.37 ? 109  VAL A O   1 
ATOM   249  C  CB  . VAL A 1 30  ? -9.833  -0.806  7.678   1.00 19.97 ? 109  VAL A CB  1 
ATOM   250  C  CG1 . VAL A 1 30  ? -8.777  -1.687  7.032   1.00 19.13 ? 109  VAL A CG1 1 
ATOM   251  C  CG2 . VAL A 1 30  ? -9.302  -0.222  8.981   1.00 19.22 ? 109  VAL A CG2 1 
ATOM   252  N  N   . GLU A 1 31  ? -11.630 -0.914  5.203   1.00 21.07 ? 110  GLU A N   1 
ATOM   253  C  CA  . GLU A 1 31  ? -12.033 -1.541  3.956   1.00 23.85 ? 110  GLU A CA  1 
ATOM   254  C  C   . GLU A 1 31  ? -12.042 -0.503  2.835   1.00 23.62 ? 110  GLU A C   1 
ATOM   255  O  O   . GLU A 1 31  ? -11.506 -0.739  1.754   1.00 20.34 ? 110  GLU A O   1 
ATOM   256  C  CB  . GLU A 1 31  ? -13.427 -2.149  4.123   1.00 26.10 ? 110  GLU A CB  1 
ATOM   257  C  CG  . GLU A 1 31  ? -13.711 -3.335  3.228   1.00 31.94 ? 110  GLU A CG  1 
ATOM   258  C  CD  . GLU A 1 31  ? -12.750 -4.484  3.462   1.00 32.70 ? 110  GLU A CD  1 
ATOM   259  O  OE1 . GLU A 1 31  ? -12.695 -5.007  4.599   1.00 35.58 ? 110  GLU A OE1 1 
ATOM   260  O  OE2 . GLU A 1 31  ? -12.047 -4.864  2.506   1.00 34.61 ? 110  GLU A OE2 1 
ATOM   261  N  N   . ARG A 1 32  ? -12.699 0.571   3.162   1.00 23.04 ? 111  ARG A N   1 
ATOM   262  C  CA  . ARG A 1 32  ? -12.830 1.654   2.220   1.00 23.99 ? 111  ARG A CA  1 
ATOM   263  C  C   . ARG A 1 32  ? -11.496 2.231   1.839   1.00 22.92 ? 111  ARG A C   1 
ATOM   264  O  O   . ARG A 1 32  ? -11.221 2.430   0.664   1.00 20.81 ? 111  ARG A O   1 
ATOM   265  C  CB  . ARG A 1 32  ? -13.694 2.771   2.778   1.00 26.90 ? 111  ARG A CB  1 
ATOM   266  C  CG  . ARG A 1 32  ? -13.306 4.144   2.281   1.00 30.87 ? 111  ARG A CG  1 
ATOM   267  C  CD  . ARG A 1 32  ? -12.819 5.036   3.392   1.00 33.62 ? 111  ARG A CD  1 
ATOM   268  N  NE  . ARG A 1 32  ? -12.736 6.387   2.883   1.00 38.09 ? 111  ARG A NE  1 
ATOM   269  C  CZ  . ARG A 1 32  ? -13.055 7.451   3.560   1.00 39.39 ? 111  ARG A CZ  1 
ATOM   270  N  NH1 . ARG A 1 32  ? -13.496 7.331   4.798   1.00 40.12 ? 111  ARG A NH1 1 
ATOM   271  N  NH2 . ARG A 1 32  ? -12.931 8.636   3.008   1.00 40.20 ? 111  ARG A NH2 1 
ATOM   272  N  N   . ALA A 1 33  ? -10.650 2.497   2.830   1.00 19.66 ? 112  ALA A N   1 
ATOM   273  C  CA  . ALA A 1 33  ? -9.358  3.107   2.557   1.00 17.54 ? 112  ALA A CA  1 
ATOM   274  C  C   . ALA A 1 33  ? -8.526  2.168   1.692   1.00 16.93 ? 112  ALA A C   1 
ATOM   275  O  O   . ALA A 1 33  ? -7.855  2.607   0.761   1.00 15.63 ? 112  ALA A O   1 
ATOM   276  C  CB  . ALA A 1 33  ? -8.623  3.403   3.857   1.00 19.78 ? 112  ALA A CB  1 
ATOM   277  N  N   . ILE A 1 34  ? -8.585  0.877   1.997   1.00 15.75 ? 113  ILE A N   1 
ATOM   278  C  CA  . ILE A 1 34  ? -7.820  -0.116  1.249   1.00 15.32 ? 113  ILE A CA  1 
ATOM   279  C  C   . ILE A 1 34  ? -8.305  -0.271  -0.184  1.00 14.94 ? 113  ILE A C   1 
ATOM   280  O  O   . ILE A 1 34  ? -7.498  -0.343  -1.109  1.00 14.50 ? 113  ILE A O   1 
ATOM   281  C  CB  . ILE A 1 34  ? -7.880  -1.507  1.916   1.00 15.60 ? 113  ILE A CB  1 
ATOM   282  C  CG1 . ILE A 1 34  ? -7.241  -1.453  3.305   1.00 16.10 ? 113  ILE A CG1 1 
ATOM   283  C  CG2 . ILE A 1 34  ? -7.175  -2.529  1.029   1.00 14.82 ? 113  ILE A CG2 1 
ATOM   284  C  CD1 . ILE A 1 34  ? -5.802  -0.980  3.318   1.00 17.86 ? 113  ILE A CD1 1 
ATOM   285  N  N   . LYS A 1 35  ? -9.619  -0.353  -0.366  1.00 15.50 ? 114  LYS A N   1 
ATOM   286  C  CA  . LYS A 1 35  ? -10.167 -0.494  -1.712  1.00 17.32 ? 114  LYS A CA  1 
ATOM   287  C  C   . LYS A 1 35  ? -9.827  0.722   -2.553  1.00 16.67 ? 114  LYS A C   1 
ATOM   288  O  O   . LYS A 1 35  ? -9.401  0.591   -3.695  1.00 17.53 ? 114  LYS A O   1 
ATOM   289  C  CB  . LYS A 1 35  ? -11.688 -0.666  -1.673  1.00 21.86 ? 114  LYS A CB  1 
ATOM   290  C  CG  . LYS A 1 35  ? -12.142 -1.845  -0.857  1.00 27.25 ? 114  LYS A CG  1 
ATOM   291  C  CD  . LYS A 1 35  ? -13.273 -2.596  -1.535  1.00 32.15 ? 114  LYS A CD  1 
ATOM   292  C  CE  . LYS A 1 35  ? -13.651 -3.798  -0.695  1.00 33.09 ? 114  LYS A CE  1 
ATOM   293  N  NZ  . LYS A 1 35  ? -12.424 -4.343  -0.056  1.00 36.47 ? 114  LYS A NZ  1 
ATOM   294  N  N   . ASP A 1 36  ? -10.024 1.912   -1.994  1.00 16.69 ? 115  ASP A N   1 
ATOM   295  C  CA  . ASP A 1 36  ? -9.729  3.126   -2.739  1.00 15.58 ? 115  ASP A CA  1 
ATOM   296  C  C   . ASP A 1 36  ? -8.246  3.197   -3.107  1.00 14.65 ? 115  ASP A C   1 
ATOM   297  O  O   . ASP A 1 36  ? -7.889  3.710   -4.169  1.00 13.51 ? 115  ASP A O   1 
ATOM   298  C  CB  . ASP A 1 36  ? -10.127 4.366   -1.933  1.00 14.66 ? 115  ASP A CB  1 
ATOM   299  C  CG  . ASP A 1 36  ? -11.631 4.471   -1.721  1.00 17.78 ? 115  ASP A CG  1 
ATOM   300  O  OD1 . ASP A 1 36  ? -12.390 3.796   -2.442  1.00 17.71 ? 115  ASP A OD1 1 
ATOM   301  O  OD2 . ASP A 1 36  ? -12.053 5.250   -0.839  1.00 19.11 ? 115  ASP A OD2 1 
ATOM   302  N  N   . ALA A 1 37  ? -7.386  2.682   -2.227  1.00 13.69 ? 116  ALA A N   1 
ATOM   303  C  CA  . ALA A 1 37  ? -5.944  2.690   -2.477  1.00 12.39 ? 116  ALA A CA  1 
ATOM   304  C  C   . ALA A 1 37  ? -5.601  1.822   -3.679  1.00 11.78 ? 116  ALA A C   1 
ATOM   305  O  O   . ALA A 1 37  ? -4.788  2.206   -4.527  1.00 11.86 ? 116  ALA A O   1 
ATOM   306  C  CB  . ALA A 1 37  ? -5.187  2.200   -1.242  1.00 12.95 ? 116  ALA A CB  1 
ATOM   307  N  N   . PHE A 1 38  ? -6.200  0.639   -3.753  1.00 11.26 ? 117  PHE A N   1 
ATOM   308  C  CA  . PHE A 1 38  ? -5.944  -0.232  -4.895  1.00 12.75 ? 117  PHE A CA  1 
ATOM   309  C  C   . PHE A 1 38  ? -6.520  0.412   -6.149  1.00 12.71 ? 117  PHE A C   1 
ATOM   310  O  O   . PHE A 1 38  ? -5.926  0.346   -7.213  1.00 12.88 ? 117  PHE A O   1 
ATOM   311  C  CB  . PHE A 1 38  ? -6.587  -1.602  -4.692  1.00 12.93 ? 117  PHE A CB  1 
ATOM   312  C  CG  . PHE A 1 38  ? -5.767  -2.530  -3.856  1.00 14.17 ? 117  PHE A CG  1 
ATOM   313  C  CD1 . PHE A 1 38  ? -4.488  -2.899  -4.265  1.00 14.70 ? 117  PHE A CD1 1 
ATOM   314  C  CD2 . PHE A 1 38  ? -6.275  -3.061  -2.674  1.00 14.47 ? 117  PHE A CD2 1 
ATOM   315  C  CE1 . PHE A 1 38  ? -3.725  -3.785  -3.511  1.00 15.63 ? 117  PHE A CE1 1 
ATOM   316  C  CE2 . PHE A 1 38  ? -5.517  -3.949  -1.914  1.00 13.17 ? 117  PHE A CE2 1 
ATOM   317  C  CZ  . PHE A 1 38  ? -4.238  -4.313  -2.337  1.00 13.85 ? 117  PHE A CZ  1 
ATOM   318  N  N   . GLU A 1 39  ? -7.683  1.037   -6.010  1.00 14.75 ? 118  GLU A N   1 
ATOM   319  C  CA  . GLU A 1 39  ? -8.336  1.686   -7.141  1.00 15.32 ? 118  GLU A CA  1 
ATOM   320  C  C   . GLU A 1 39  ? -7.443  2.769   -7.749  1.00 13.91 ? 118  GLU A C   1 
ATOM   321  O  O   . GLU A 1 39  ? -7.439  2.960   -8.965  1.00 15.49 ? 118  GLU A O   1 
ATOM   322  C  CB  . GLU A 1 39  ? -9.676  2.287   -6.696  1.00 18.98 ? 118  GLU A CB  1 
ATOM   323  C  CG  . GLU A 1 39  ? -10.524 2.835   -7.827  1.00 23.84 ? 118  GLU A CG  1 
ATOM   324  C  CD  . GLU A 1 39  ? -11.039 1.756   -8.770  1.00 29.02 ? 118  GLU A CD  1 
ATOM   325  O  OE1 . GLU A 1 39  ? -11.750 2.108   -9.735  1.00 31.87 ? 118  GLU A OE1 1 
ATOM   326  O  OE2 . GLU A 1 39  ? -10.742 0.562   -8.551  1.00 31.82 ? 118  GLU A OE2 1 
ATOM   327  N  N   . LEU A 1 40  ? -6.690  3.479   -6.910  1.00 13.11 ? 119  LEU A N   1 
ATOM   328  C  CA  . LEU A 1 40  ? -5.789  4.522   -7.398  1.00 14.92 ? 119  LEU A CA  1 
ATOM   329  C  C   . LEU A 1 40  ? -4.825  3.931   -8.416  1.00 15.02 ? 119  LEU A C   1 
ATOM   330  O  O   . LEU A 1 40  ? -4.499  4.557   -9.428  1.00 16.38 ? 119  LEU A O   1 
ATOM   331  C  CB  . LEU A 1 40  ? -4.958  5.120   -6.260  1.00 17.99 ? 119  LEU A CB  1 
ATOM   332  C  CG  . LEU A 1 40  ? -5.466  6.299   -5.436  1.00 22.00 ? 119  LEU A CG  1 
ATOM   333  C  CD1 . LEU A 1 40  ? -4.351  6.722   -4.479  1.00 24.10 ? 119  LEU A CD1 1 
ATOM   334  C  CD2 . LEU A 1 40  ? -5.857  7.461   -6.351  1.00 20.58 ? 119  LEU A CD2 1 
ATOM   335  N  N   . TRP A 1 41  ? -4.345  2.729   -8.126  1.00 13.95 ? 120  TRP A N   1 
ATOM   336  C  CA  . TRP A 1 41  ? -3.414  2.073   -9.028  1.00 12.43 ? 120  TRP A CA  1 
ATOM   337  C  C   . TRP A 1 41  ? -4.109  1.394   -10.200 1.00 14.70 ? 120  TRP A C   1 
ATOM   338  O  O   . TRP A 1 41  ? -3.604  1.412   -11.318 1.00 16.21 ? 120  TRP A O   1 
ATOM   339  C  CB  . TRP A 1 41  ? -2.574  1.054   -8.260  1.00 13.82 ? 120  TRP A CB  1 
ATOM   340  C  CG  . TRP A 1 41  ? -1.686  1.692   -7.256  1.00 12.47 ? 120  TRP A CG  1 
ATOM   341  C  CD1 . TRP A 1 41  ? -1.843  1.674   -5.896  1.00 14.59 ? 120  TRP A CD1 1 
ATOM   342  C  CD2 . TRP A 1 41  ? -0.521  2.478   -7.519  1.00 12.15 ? 120  TRP A CD2 1 
ATOM   343  N  NE1 . TRP A 1 41  ? -0.845  2.403   -5.300  1.00 13.62 ? 120  TRP A NE1 1 
ATOM   344  C  CE2 . TRP A 1 41  ? -0.018  2.908   -6.270  1.00 12.05 ? 120  TRP A CE2 1 
ATOM   345  C  CE3 . TRP A 1 41  ? 0.148   2.866   -8.690  1.00 9.37  ? 120  TRP A CE3 1 
ATOM   346  C  CZ2 . TRP A 1 41  ? 1.121   3.705   -6.155  1.00 11.35 ? 120  TRP A CZ2 1 
ATOM   347  C  CZ3 . TRP A 1 41  ? 1.286   3.664   -8.578  1.00 11.09 ? 120  TRP A CZ3 1 
ATOM   348  C  CH2 . TRP A 1 41  ? 1.761   4.074   -7.315  1.00 13.91 ? 120  TRP A CH2 1 
ATOM   349  N  N   . SER A 1 42  ? -5.264  0.789   -9.957  1.00 15.64 ? 121  SER A N   1 
ATOM   350  C  CA  . SER A 1 42  ? -5.972  0.115   -11.039 1.00 16.23 ? 121  SER A CA  1 
ATOM   351  C  C   . SER A 1 42  ? -6.419  1.077   -12.135 1.00 16.37 ? 121  SER A C   1 
ATOM   352  O  O   . SER A 1 42  ? -6.491  0.701   -13.296 1.00 14.57 ? 121  SER A O   1 
ATOM   353  C  CB  . SER A 1 42  ? -7.183  -0.658  -10.497 1.00 19.89 ? 121  SER A CB  1 
ATOM   354  O  OG  . SER A 1 42  ? -8.006  0.180   -9.716  1.00 29.36 ? 121  SER A OG  1 
ATOM   355  N  N   . VAL A 1 43  ? -6.703  2.324   -11.783 1.00 15.36 ? 122  VAL A N   1 
ATOM   356  C  CA  . VAL A 1 43  ? -7.139  3.279   -12.792 1.00 14.70 ? 122  VAL A CA  1 
ATOM   357  C  C   . VAL A 1 43  ? -5.977  3.812   -13.632 1.00 14.28 ? 122  VAL A C   1 
ATOM   358  O  O   . VAL A 1 43  ? -6.187  4.540   -14.606 1.00 11.97 ? 122  VAL A O   1 
ATOM   359  C  CB  . VAL A 1 43  ? -7.867  4.479   -12.153 1.00 16.61 ? 122  VAL A CB  1 
ATOM   360  C  CG1 . VAL A 1 43  ? -9.077  3.999   -11.381 1.00 17.59 ? 122  VAL A CG1 1 
ATOM   361  C  CG2 . VAL A 1 43  ? -6.930  5.242   -11.264 1.00 16.99 ? 122  VAL A CG2 1 
ATOM   362  N  N   . ALA A 1 44  ? -4.758  3.426   -13.269 1.00 12.30 ? 123  ALA A N   1 
ATOM   363  C  CA  . ALA A 1 44  ? -3.566  3.885   -13.979 1.00 12.55 ? 123  ALA A CA  1 
ATOM   364  C  C   . ALA A 1 44  ? -2.746  2.727   -14.522 1.00 13.53 ? 123  ALA A C   1 
ATOM   365  O  O   . ALA A 1 44  ? -1.640  2.925   -15.008 1.00 13.34 ? 123  ALA A O   1 
ATOM   366  C  CB  . ALA A 1 44  ? -2.700  4.723   -13.044 1.00 11.88 ? 123  ALA A CB  1 
ATOM   367  N  N   . SER A 1 45  ? -3.288  1.521   -14.429 1.00 13.24 ? 124  SER A N   1 
ATOM   368  C  CA  . SER A 1 45  ? -2.593  0.331   -14.898 1.00 14.45 ? 124  SER A CA  1 
ATOM   369  C  C   . SER A 1 45  ? -3.613  -0.713  -15.334 1.00 14.91 ? 124  SER A C   1 
ATOM   370  O  O   . SER A 1 45  ? -4.810  -0.495  -15.223 1.00 14.85 ? 124  SER A O   1 
ATOM   371  C  CB  . SER A 1 45  ? -1.732  -0.243  -13.778 1.00 13.08 ? 124  SER A CB  1 
ATOM   372  O  OG  . SER A 1 45  ? -2.535  -0.652  -12.686 1.00 15.05 ? 124  SER A OG  1 
ATOM   373  N  N   . PRO A 1 46  ? -3.145  -1.856  -15.849 1.00 17.07 ? 125  PRO A N   1 
ATOM   374  C  CA  . PRO A 1 46  ? -4.068  -2.907  -16.287 1.00 17.37 ? 125  PRO A CA  1 
ATOM   375  C  C   . PRO A 1 46  ? -4.503  -3.781  -15.113 1.00 18.43 ? 125  PRO A C   1 
ATOM   376  O  O   . PRO A 1 46  ? -5.379  -4.632  -15.247 1.00 18.68 ? 125  PRO A O   1 
ATOM   377  C  CB  . PRO A 1 46  ? -3.233  -3.710  -17.291 1.00 19.54 ? 125  PRO A CB  1 
ATOM   378  C  CG  . PRO A 1 46  ? -2.152  -2.756  -17.719 1.00 20.51 ? 125  PRO A CG  1 
ATOM   379  C  CD  . PRO A 1 46  ? -1.809  -2.075  -16.425 1.00 19.21 ? 125  PRO A CD  1 
ATOM   380  N  N   . LEU A 1 47  ? -3.889  -3.558  -13.959 1.00 16.72 ? 126  LEU A N   1 
ATOM   381  C  CA  . LEU A 1 47  ? -4.180  -4.369  -12.788 1.00 16.08 ? 126  LEU A CA  1 
ATOM   382  C  C   . LEU A 1 47  ? -5.594  -4.242  -12.255 1.00 15.25 ? 126  LEU A C   1 
ATOM   383  O  O   . LEU A 1 47  ? -6.156  -3.152  -12.183 1.00 14.28 ? 126  LEU A O   1 
ATOM   384  C  CB  . LEU A 1 47  ? -3.178  -4.046  -11.676 1.00 17.48 ? 126  LEU A CB  1 
ATOM   385  C  CG  . LEU A 1 47  ? -1.718  -4.150  -12.128 1.00 17.24 ? 126  LEU A CG  1 
ATOM   386  C  CD1 . LEU A 1 47  ? -0.799  -3.833  -10.969 1.00 19.46 ? 126  LEU A CD1 1 
ATOM   387  C  CD2 . LEU A 1 47  ? -1.444  -5.552  -12.655 1.00 21.66 ? 126  LEU A CD2 1 
ATOM   388  N  N   . ILE A 1 48  ? -6.162  -5.380  -11.879 1.00 14.54 ? 127  ILE A N   1 
ATOM   389  C  CA  . ILE A 1 48  ? -7.508  -5.421  -11.324 1.00 17.38 ? 127  ILE A CA  1 
ATOM   390  C  C   . ILE A 1 48  ? -7.380  -6.103  -9.974  1.00 17.58 ? 127  ILE A C   1 
ATOM   391  O  O   . ILE A 1 48  ? -6.840  -7.201  -9.880  1.00 18.59 ? 127  ILE A O   1 
ATOM   392  C  CB  . ILE A 1 48  ? -8.457  -6.217  -12.232 1.00 17.44 ? 127  ILE A CB  1 
ATOM   393  C  CG1 . ILE A 1 48  ? -8.550  -5.533  -13.601 1.00 18.69 ? 127  ILE A CG1 1 
ATOM   394  C  CG2 . ILE A 1 48  ? -9.836  -6.300  -11.591 1.00 18.28 ? 127  ILE A CG2 1 
ATOM   395  C  CD1 . ILE A 1 48  ? -9.418  -6.275  -14.624 1.00 16.61 ? 127  ILE A CD1 1 
ATOM   396  N  N   . PHE A 1 49  ? -7.870  -5.450  -8.926  1.00 16.60 ? 128  PHE A N   1 
ATOM   397  C  CA  . PHE A 1 49  ? -7.756  -6.002  -7.580  1.00 16.48 ? 128  PHE A CA  1 
ATOM   398  C  C   . PHE A 1 49  ? -9.059  -6.572  -7.067  1.00 17.61 ? 128  PHE A C   1 
ATOM   399  O  O   . PHE A 1 49  ? -10.089 -5.900  -7.051  1.00 16.55 ? 128  PHE A O   1 
ATOM   400  C  CB  . PHE A 1 49  ? -7.224  -4.917  -6.643  1.00 15.52 ? 128  PHE A CB  1 
ATOM   401  C  CG  . PHE A 1 49  ? -5.896  -4.388  -7.065  1.00 15.12 ? 128  PHE A CG  1 
ATOM   402  C  CD1 . PHE A 1 49  ? -4.740  -5.128  -6.846  1.00 18.24 ? 128  PHE A CD1 1 
ATOM   403  C  CD2 . PHE A 1 49  ? -5.797  -3.176  -7.747  1.00 17.42 ? 128  PHE A CD2 1 
ATOM   404  C  CE1 . PHE A 1 49  ? -3.505  -4.675  -7.300  1.00 15.95 ? 128  PHE A CE1 1 
ATOM   405  C  CE2 . PHE A 1 49  ? -4.565  -2.715  -8.205  1.00 16.61 ? 128  PHE A CE2 1 
ATOM   406  C  CZ  . PHE A 1 49  ? -3.420  -3.465  -7.984  1.00 14.63 ? 128  PHE A CZ  1 
ATOM   407  N  N   . THR A 1 50  ? -8.997  -7.822  -6.635  1.00 17.30 ? 129  THR A N   1 
ATOM   408  C  CA  . THR A 1 50  ? -10.170 -8.515  -6.145  1.00 19.28 ? 129  THR A CA  1 
ATOM   409  C  C   . THR A 1 50  ? -9.991  -8.909  -4.699  1.00 18.67 ? 129  THR A C   1 
ATOM   410  O  O   . THR A 1 50  ? -9.009  -9.553  -4.339  1.00 17.90 ? 129  THR A O   1 
ATOM   411  C  CB  . THR A 1 50  ? -10.448 -9.770  -6.981  1.00 17.91 ? 129  THR A CB  1 
ATOM   412  O  OG1 . THR A 1 50  ? -10.633 -9.383  -8.349  1.00 19.06 ? 129  THR A OG1 1 
ATOM   413  C  CG2 . THR A 1 50  ? -11.709 -10.486 -6.483  1.00 19.17 ? 129  THR A CG2 1 
ATOM   414  N  N   . ARG A 1 51  ? -10.956 -8.508  -3.881  1.00 18.61 ? 130  ARG A N   1 
ATOM   415  C  CA  . ARG A 1 51  ? -10.941 -8.791  -2.460  1.00 21.19 ? 130  ARG A CA  1 
ATOM   416  C  C   . ARG A 1 51  ? -11.513 -10.154 -2.116  1.00 21.77 ? 130  ARG A C   1 
ATOM   417  O  O   . ARG A 1 51  ? -12.524 -10.575 -2.676  1.00 22.09 ? 130  ARG A O   1 
ATOM   418  C  CB  . ARG A 1 51  ? -11.750 -7.727  -1.713  1.00 22.74 ? 130  ARG A CB  1 
ATOM   419  C  CG  . ARG A 1 51  ? -11.915 -7.996  -0.221  1.00 24.87 ? 130  ARG A CG  1 
ATOM   420  C  CD  . ARG A 1 51  ? -12.845 -6.975  0.426   1.00 26.79 ? 130  ARG A CD  1 
ATOM   421  N  NE  . ARG A 1 51  ? -12.932 -7.145  1.875   1.00 29.95 ? 130  ARG A NE  1 
ATOM   422  C  CZ  . ARG A 1 51  ? -13.558 -8.153  2.476   1.00 30.79 ? 130  ARG A CZ  1 
ATOM   423  N  NH1 . ARG A 1 51  ? -13.582 -8.229  3.800   1.00 30.60 ? 130  ARG A NH1 1 
ATOM   424  N  NH2 . ARG A 1 51  ? -14.171 -9.077  1.754   1.00 29.20 ? 130  ARG A NH2 1 
ATOM   425  N  N   . ILE A 1 52  ? -10.844 -10.844 -1.199  1.00 22.07 ? 131  ILE A N   1 
ATOM   426  C  CA  . ILE A 1 52  ? -11.313 -12.130 -0.708  1.00 22.52 ? 131  ILE A CA  1 
ATOM   427  C  C   . ILE A 1 52  ? -11.411 -11.910 0.801   1.00 22.23 ? 131  ILE A C   1 
ATOM   428  O  O   . ILE A 1 52  ? -10.704 -11.063 1.350   1.00 17.83 ? 131  ILE A O   1 
ATOM   429  C  CB  . ILE A 1 52  ? -10.341 -13.281 -1.044  1.00 24.80 ? 131  ILE A CB  1 
ATOM   430  C  CG1 . ILE A 1 52  ? -8.982  -13.046 -0.392  1.00 26.13 ? 131  ILE A CG1 1 
ATOM   431  C  CG2 . ILE A 1 52  ? -10.202 -13.411 -2.563  1.00 25.03 ? 131  ILE A CG2 1 
ATOM   432  C  CD1 . ILE A 1 52  ? -8.017  -14.178 -0.631  1.00 27.68 ? 131  ILE A CD1 1 
ATOM   433  N  N   . SER A 1 53  ? -12.289 -12.643 1.474   1.00 22.23 ? 132  SER A N   1 
ATOM   434  C  CA  . SER A 1 53  ? -12.475 -12.444 2.908   1.00 24.22 ? 132  SER A CA  1 
ATOM   435  C  C   . SER A 1 53  ? -11.724 -13.398 3.816   1.00 26.43 ? 132  SER A C   1 
ATOM   436  O  O   . SER A 1 53  ? -11.548 -13.123 4.998   1.00 27.35 ? 132  SER A O   1 
ATOM   437  C  CB  . SER A 1 53  ? -13.967 -12.487 3.243   1.00 23.10 ? 132  SER A CB  1 
ATOM   438  O  OG  . SER A 1 53  ? -14.654 -11.484 2.514   1.00 23.88 ? 132  SER A OG  1 
ATOM   439  N  N   . GLN A 1 54  ? -11.287 -14.522 3.268   1.00 29.16 ? 133  GLN A N   1 
ATOM   440  C  CA  . GLN A 1 54  ? -10.549 -15.511 4.038   1.00 31.14 ? 133  GLN A CA  1 
ATOM   441  C  C   . GLN A 1 54  ? -9.662  -16.232 3.040   1.00 32.49 ? 133  GLN A C   1 
ATOM   442  O  O   . GLN A 1 54  ? -9.842  -16.085 1.834   1.00 33.56 ? 133  GLN A O   1 
ATOM   443  C  CB  . GLN A 1 54  ? -11.516 -16.500 4.700   1.00 32.75 ? 133  GLN A CB  1 
ATOM   444  C  CG  . GLN A 1 54  ? -12.626 -15.837 5.521   1.00 35.21 ? 133  GLN A CG  1 
ATOM   445  C  CD  . GLN A 1 54  ? -12.220 -15.514 6.951   1.00 37.18 ? 133  GLN A CD  1 
ATOM   446  O  OE1 . GLN A 1 54  ? -12.485 -16.289 7.871   1.00 40.65 ? 133  GLN A OE1 1 
ATOM   447  N  NE2 . GLN A 1 54  ? -11.574 -14.371 7.144   1.00 37.87 ? 133  GLN A NE2 1 
ATOM   448  N  N   . GLY A 1 55  ? -8.701  -17.001 3.533   1.00 33.86 ? 134  GLY A N   1 
ATOM   449  C  CA  . GLY A 1 55  ? -7.816  -17.715 2.632   1.00 34.09 ? 134  GLY A CA  1 
ATOM   450  C  C   . GLY A 1 55  ? -6.571  -16.926 2.278   1.00 34.73 ? 134  GLY A C   1 
ATOM   451  O  O   . GLY A 1 55  ? -6.327  -15.844 2.817   1.00 34.05 ? 134  GLY A O   1 
ATOM   452  N  N   . GLU A 1 56  ? -5.780  -17.472 1.362   1.00 34.24 ? 135  GLU A N   1 
ATOM   453  C  CA  . GLU A 1 56  ? -4.550  -16.829 0.938   1.00 34.03 ? 135  GLU A CA  1 
ATOM   454  C  C   . GLU A 1 56  ? -4.768  -15.989 -0.316  1.00 31.94 ? 135  GLU A C   1 
ATOM   455  O  O   . GLU A 1 56  ? -5.370  -16.444 -1.285  1.00 32.98 ? 135  GLU A O   1 
ATOM   456  C  CB  . GLU A 1 56  ? -3.474  -17.885 0.680   1.00 37.06 ? 135  GLU A CB  1 
ATOM   457  C  CG  . GLU A 1 56  ? -2.197  -17.630 1.444   1.00 40.49 ? 135  GLU A CG  1 
ATOM   458  C  CD  . GLU A 1 56  ? -1.569  -16.304 1.078   1.00 43.25 ? 135  GLU A CD  1 
ATOM   459  O  OE1 . GLU A 1 56  ? -0.916  -16.228 0.015   1.00 44.22 ? 135  GLU A OE1 1 
ATOM   460  O  OE2 . GLU A 1 56  ? -1.741  -15.334 1.846   1.00 45.12 ? 135  GLU A OE2 1 
ATOM   461  N  N   . ALA A 1 57  ? -4.276  -14.756 -0.283  1.00 29.40 ? 136  ALA A N   1 
ATOM   462  C  CA  . ALA A 1 57  ? -4.417  -13.843 -1.410  1.00 25.46 ? 136  ALA A CA  1 
ATOM   463  C  C   . ALA A 1 57  ? -3.038  -13.461 -1.925  1.00 23.26 ? 136  ALA A C   1 
ATOM   464  O  O   . ALA A 1 57  ? -2.032  -13.707 -1.259  1.00 20.64 ? 136  ALA A O   1 
ATOM   465  C  CB  . ALA A 1 57  ? -5.173  -12.592 -0.975  1.00 25.80 ? 136  ALA A CB  1 
ATOM   466  N  N   . ASP A 1 58  ? -2.990  -12.867 -3.112  1.00 20.40 ? 137  ASP A N   1 
ATOM   467  C  CA  . ASP A 1 58  ? -1.718  -12.432 -3.679  1.00 21.09 ? 137  ASP A CA  1 
ATOM   468  C  C   . ASP A 1 58  ? -1.182  -11.300 -2.814  1.00 19.26 ? 137  ASP A C   1 
ATOM   469  O  O   . ASP A 1 58  ? 0.018   -11.164 -2.621  1.00 19.52 ? 137  ASP A O   1 
ATOM   470  C  CB  . ASP A 1 58  ? -1.901  -11.900 -5.107  1.00 21.10 ? 137  ASP A CB  1 
ATOM   471  C  CG  . ASP A 1 58  ? -2.483  -12.931 -6.053  1.00 22.99 ? 137  ASP A CG  1 
ATOM   472  O  OD1 . ASP A 1 58  ? -1.934  -14.049 -6.133  1.00 25.93 ? 137  ASP A OD1 1 
ATOM   473  O  OD2 . ASP A 1 58  ? -3.484  -12.614 -6.726  1.00 20.49 ? 137  ASP A OD2 1 
ATOM   474  N  N   . ILE A 1 59  ? -2.076  -10.464 -2.306  1.00 17.53 ? 138  ILE A N   1 
ATOM   475  C  CA  . ILE A 1 59  ? -1.628  -9.355  -1.477  1.00 14.71 ? 138  ILE A CA  1 
ATOM   476  C  C   . ILE A 1 59  ? -2.323  -9.367  -0.134  1.00 16.28 ? 138  ILE A C   1 
ATOM   477  O  O   . ILE A 1 59  ? -3.507  -9.043  -0.030  1.00 16.57 ? 138  ILE A O   1 
ATOM   478  C  CB  . ILE A 1 59  ? -1.874  -7.994  -2.175  1.00 13.30 ? 138  ILE A CB  1 
ATOM   479  C  CG1 . ILE A 1 59  ? -1.080  -7.941  -3.484  1.00 12.78 ? 138  ILE A CG1 1 
ATOM   480  C  CG2 . ILE A 1 59  ? -1.438  -6.843  -1.258  1.00 12.21 ? 138  ILE A CG2 1 
ATOM   481  C  CD1 . ILE A 1 59  ? -1.359  -6.707  -4.335  1.00 14.50 ? 138  ILE A CD1 1 
ATOM   482  N  N   . ASN A 1 60  ? -1.579  -9.763  0.891   1.00 16.93 ? 139  ASN A N   1 
ATOM   483  C  CA  . ASN A 1 60  ? -2.105  -9.804  2.243   1.00 17.35 ? 139  ASN A CA  1 
ATOM   484  C  C   . ASN A 1 60  ? -1.846  -8.460  2.900   1.00 17.07 ? 139  ASN A C   1 
ATOM   485  O  O   . ASN A 1 60  ? -0.742  -7.921  2.819   1.00 17.42 ? 139  ASN A O   1 
ATOM   486  C  CB  . ASN A 1 60  ? -1.419  -10.900 3.061   1.00 18.98 ? 139  ASN A CB  1 
ATOM   487  C  CG  . ASN A 1 60  ? -1.746  -12.288 2.563   1.00 23.34 ? 139  ASN A CG  1 
ATOM   488  O  OD1 . ASN A 1 60  ? -2.899  -12.710 2.587   1.00 25.34 ? 139  ASN A OD1 1 
ATOM   489  N  ND2 . ASN A 1 60  ? -0.728  -13.008 2.105   1.00 24.08 ? 139  ASN A ND2 1 
ATOM   490  N  N   . ILE A 1 61  ? -2.873  -7.925  3.544   1.00 15.14 ? 140  ILE A N   1 
ATOM   491  C  CA  . ILE A 1 61  ? -2.783  -6.652  4.237   1.00 14.24 ? 140  ILE A CA  1 
ATOM   492  C  C   . ILE A 1 61  ? -3.059  -6.948  5.699   1.00 14.63 ? 140  ILE A C   1 
ATOM   493  O  O   . ILE A 1 61  ? -3.984  -7.698  6.029   1.00 12.50 ? 140  ILE A O   1 
ATOM   494  C  CB  . ILE A 1 61  ? -3.837  -5.658  3.728   1.00 15.10 ? 140  ILE A CB  1 
ATOM   495  C  CG1 . ILE A 1 61  ? -3.479  -5.201  2.311   1.00 15.83 ? 140  ILE A CG1 1 
ATOM   496  C  CG2 . ILE A 1 61  ? -3.936  -4.472  4.673   1.00 18.02 ? 140  ILE A CG2 1 
ATOM   497  C  CD1 . ILE A 1 61  ? -4.516  -5.552  1.286   1.00 15.04 ? 140  ILE A CD1 1 
ATOM   498  N  N   . ALA A 1 62  ? -2.260  -6.367  6.580   1.00 12.14 ? 141  ALA A N   1 
ATOM   499  C  CA  . ALA A 1 62  ? -2.459  -6.620  7.990   1.00 14.76 ? 141  ALA A CA  1 
ATOM   500  C  C   . ALA A 1 62  ? -1.832  -5.537  8.835   1.00 13.63 ? 141  ALA A C   1 
ATOM   501  O  O   . ALA A 1 62  ? -0.887  -4.873  8.416   1.00 13.22 ? 141  ALA A O   1 
ATOM   502  C  CB  . ALA A 1 62  ? -1.866  -7.978  8.362   1.00 14.30 ? 141  ALA A CB  1 
ATOM   503  N  N   . PHE A 1 63  ? -2.379  -5.371  10.030  1.00 14.14 ? 142  PHE A N   1 
ATOM   504  C  CA  . PHE A 1 63  ? -1.874  -4.395  10.973  1.00 13.82 ? 142  PHE A CA  1 
ATOM   505  C  C   . PHE A 1 63  ? -1.140  -5.197  12.029  1.00 12.46 ? 142  PHE A C   1 
ATOM   506  O  O   . PHE A 1 63  ? -1.722  -6.065  12.676  1.00 13.23 ? 142  PHE A O   1 
ATOM   507  C  CB  . PHE A 1 63  ? -3.027  -3.606  11.606  1.00 15.11 ? 142  PHE A CB  1 
ATOM   508  C  CG  . PHE A 1 63  ? -3.813  -2.801  10.616  1.00 15.03 ? 142  PHE A CG  1 
ATOM   509  C  CD1 . PHE A 1 63  ? -4.823  -3.393  9.866   1.00 13.84 ? 142  PHE A CD1 1 
ATOM   510  C  CD2 . PHE A 1 63  ? -3.492  -1.469  10.375  1.00 15.72 ? 142  PHE A CD2 1 
ATOM   511  C  CE1 . PHE A 1 63  ? -5.496  -2.674  8.885   1.00 17.35 ? 142  PHE A CE1 1 
ATOM   512  C  CE2 . PHE A 1 63  ? -4.161  -0.743  9.394   1.00 15.33 ? 142  PHE A CE2 1 
ATOM   513  C  CZ  . PHE A 1 63  ? -5.162  -1.346  8.649   1.00 15.84 ? 142  PHE A CZ  1 
ATOM   514  N  N   . TYR A 1 64  ? 0.150   -4.931  12.178  1.00 12.17 ? 143  TYR A N   1 
ATOM   515  C  CA  . TYR A 1 64  ? 0.949   -5.643  13.162  1.00 11.51 ? 143  TYR A CA  1 
ATOM   516  C  C   . TYR A 1 64  ? 1.752   -4.643  13.952  1.00 13.76 ? 143  TYR A C   1 
ATOM   517  O  O   . TYR A 1 64  ? 1.894   -3.493  13.551  1.00 13.42 ? 143  TYR A O   1 
ATOM   518  C  CB  . TYR A 1 64  ? 1.924   -6.601  12.481  1.00 13.81 ? 143  TYR A CB  1 
ATOM   519  C  CG  . TYR A 1 64  ? 1.275   -7.698  11.676  1.00 13.20 ? 143  TYR A CG  1 
ATOM   520  C  CD1 . TYR A 1 64  ? 0.279   -8.502  12.230  1.00 12.67 ? 143  TYR A CD1 1 
ATOM   521  C  CD2 . TYR A 1 64  ? 1.705   -7.973  10.380  1.00 14.85 ? 143  TYR A CD2 1 
ATOM   522  C  CE1 . TYR A 1 64  ? -0.270  -9.558  11.513  1.00 14.99 ? 143  TYR A CE1 1 
ATOM   523  C  CE2 . TYR A 1 64  ? 1.169   -9.023  9.655   1.00 16.86 ? 143  TYR A CE2 1 
ATOM   524  C  CZ  . TYR A 1 64  ? 0.185   -9.812  10.223  1.00 16.32 ? 143  TYR A CZ  1 
ATOM   525  O  OH  . TYR A 1 64  ? -0.342  -10.846 9.493   1.00 16.29 ? 143  TYR A OH  1 
ATOM   526  N  N   . GLN A 1 65  ? 2.282   -5.080  15.081  1.00 14.46 ? 144  GLN A N   1 
ATOM   527  C  CA  . GLN A 1 65  ? 3.101   -4.190  15.864  1.00 17.19 ? 144  GLN A CA  1 
ATOM   528  C  C   . GLN A 1 65  ? 4.437   -4.870  16.104  1.00 15.22 ? 144  GLN A C   1 
ATOM   529  O  O   . GLN A 1 65  ? 4.527   -6.103  16.119  1.00 12.82 ? 144  GLN A O   1 
ATOM   530  C  CB  . GLN A 1 65  ? 2.424   -3.865  17.190  1.00 22.27 ? 144  GLN A CB  1 
ATOM   531  C  CG  . GLN A 1 65  ? 2.765   -4.813  18.299  1.00 28.93 ? 144  GLN A CG  1 
ATOM   532  C  CD  . GLN A 1 65  ? 1.971   -4.534  19.550  1.00 33.01 ? 144  GLN A CD  1 
ATOM   533  O  OE1 . GLN A 1 65  ? 2.170   -5.180  20.579  1.00 36.16 ? 144  GLN A OE1 1 
ATOM   534  N  NE2 . GLN A 1 65  ? 1.053   -3.572  19.468  1.00 32.63 ? 144  GLN A NE2 1 
ATOM   535  N  N   . ARG A 1 66  ? 5.468   -4.049  16.261  1.00 13.79 ? 145  ARG A N   1 
ATOM   536  C  CA  . ARG A 1 66  ? 6.822   -4.512  16.520  1.00 15.37 ? 145  ARG A CA  1 
ATOM   537  C  C   . ARG A 1 66  ? 7.156   -5.745  15.687  1.00 12.99 ? 145  ARG A C   1 
ATOM   538  O  O   . ARG A 1 66  ? 6.925   -5.759  14.475  1.00 13.88 ? 145  ARG A O   1 
ATOM   539  C  CB  . ARG A 1 66  ? 6.981   -4.801  18.021  1.00 17.65 ? 145  ARG A CB  1 
ATOM   540  C  CG  . ARG A 1 66  ? 6.432   -3.688  18.916  1.00 24.16 ? 145  ARG A CG  1 
ATOM   541  C  CD  . ARG A 1 66  ? 6.918   -2.324  18.459  1.00 28.53 ? 145  ARG A CD  1 
ATOM   542  N  NE  . ARG A 1 66  ? 7.750   -1.652  19.450  1.00 35.73 ? 145  ARG A NE  1 
ATOM   543  C  CZ  . ARG A 1 66  ? 7.326   -0.692  20.264  1.00 36.89 ? 145  ARG A CZ  1 
ATOM   544  N  NH1 . ARG A 1 66  ? 8.164   -0.143  21.132  1.00 37.29 ? 145  ARG A NH1 1 
ATOM   545  N  NH2 . ARG A 1 66  ? 6.068   -0.275  20.209  1.00 39.09 ? 145  ARG A NH2 1 
ATOM   546  N  N   . ASP A 1 67  ? 7.695   -6.775  16.334  1.00 12.17 ? 146  ASP A N   1 
ATOM   547  C  CA  . ASP A 1 67  ? 8.062   -8.008  15.631  1.00 13.86 ? 146  ASP A CA  1 
ATOM   548  C  C   . ASP A 1 67  ? 6.810   -8.726  15.152  1.00 12.39 ? 146  ASP A C   1 
ATOM   549  O  O   . ASP A 1 67  ? 5.910   -9.005  15.943  1.00 11.34 ? 146  ASP A O   1 
ATOM   550  C  CB  . ASP A 1 67  ? 8.851   -8.938  16.553  1.00 13.01 ? 146  ASP A CB  1 
ATOM   551  C  CG  . ASP A 1 67  ? 10.086  -8.277  17.116  1.00 18.77 ? 146  ASP A CG  1 
ATOM   552  O  OD1 . ASP A 1 67  ? 10.806  -7.621  16.342  1.00 19.91 ? 146  ASP A OD1 1 
ATOM   553  O  OD2 . ASP A 1 67  ? 10.342  -8.411  18.329  1.00 23.64 ? 146  ASP A OD2 1 
ATOM   554  N  N   . HIS A 1 68  ? 6.757   -9.031  13.861  1.00 13.52 ? 147  HIS A N   1 
ATOM   555  C  CA  . HIS A 1 68  ? 5.593   -9.711  13.326  1.00 13.20 ? 147  HIS A CA  1 
ATOM   556  C  C   . HIS A 1 68  ? 5.876   -10.748 12.233  1.00 13.48 ? 147  HIS A C   1 
ATOM   557  O  O   . HIS A 1 68  ? 5.159   -10.818 11.239  1.00 11.29 ? 147  HIS A O   1 
ATOM   558  C  CB  . HIS A 1 68  ? 4.575   -8.678  12.829  1.00 11.96 ? 147  HIS A CB  1 
ATOM   559  C  CG  . HIS A 1 68  ? 5.132   -7.719  11.826  1.00 12.31 ? 147  HIS A CG  1 
ATOM   560  N  ND1 . HIS A 1 68  ? 5.946   -6.664  12.176  1.00 11.92 ? 147  HIS A ND1 1 
ATOM   561  C  CD2 . HIS A 1 68  ? 5.019   -7.677  10.478  1.00 13.89 ? 147  HIS A CD2 1 
ATOM   562  C  CE1 . HIS A 1 68  ? 6.313   -6.014  11.089  1.00 12.84 ? 147  HIS A CE1 1 
ATOM   563  N  NE2 . HIS A 1 68  ? 5.763   -6.608  10.044  1.00 14.20 ? 147  HIS A NE2 1 
ATOM   564  N  N   . GLY A 1 69  ? 6.935   -11.532 12.422  1.00 14.44 ? 148  GLY A N   1 
ATOM   565  C  CA  . GLY A 1 69  ? 7.250   -12.606 11.494  1.00 17.23 ? 148  GLY A CA  1 
ATOM   566  C  C   . GLY A 1 69  ? 7.964   -12.403 10.172  1.00 17.93 ? 148  GLY A C   1 
ATOM   567  O  O   . GLY A 1 69  ? 8.150   -13.378 9.444   1.00 17.25 ? 148  GLY A O   1 
ATOM   568  N  N   . ASP A 1 70  ? 8.362   -11.183 9.833   1.00 17.44 ? 149  ASP A N   1 
ATOM   569  C  CA  . ASP A 1 70  ? 9.066   -10.984 8.567   1.00 20.13 ? 149  ASP A CA  1 
ATOM   570  C  C   . ASP A 1 70  ? 10.329  -10.198 8.815   1.00 21.79 ? 149  ASP A C   1 
ATOM   571  O  O   . ASP A 1 70  ? 10.984  -9.703  7.895   1.00 20.75 ? 149  ASP A O   1 
ATOM   572  C  CB  . ASP A 1 70  ? 8.200   -10.247 7.558   1.00 17.87 ? 149  ASP A CB  1 
ATOM   573  C  CG  . ASP A 1 70  ? 7.897   -8.824  7.969   1.00 16.25 ? 149  ASP A CG  1 
ATOM   574  O  OD1 . ASP A 1 70  ? 8.512   -8.295  8.921   1.00 15.04 ? 149  ASP A OD1 1 
ATOM   575  O  OD2 . ASP A 1 70  ? 7.044   -8.231  7.300   1.00 14.93 ? 149  ASP A OD2 1 
ATOM   576  N  N   . ASN A 1 71  ? 10.649  -10.078 10.087  1.00 22.15 ? 150  ASN A N   1 
ATOM   577  C  CA  . ASN A 1 71  ? 11.823  -9.372  10.520  1.00 29.79 ? 150  ASN A CA  1 
ATOM   578  C  C   . ASN A 1 71  ? 12.133  -7.989  9.996   1.00 31.76 ? 150  ASN A C   1 
ATOM   579  O  O   . ASN A 1 71  ? 13.294  -7.600  9.842   1.00 32.59 ? 150  ASN A O   1 
ATOM   580  C  CB  . ASN A 1 71  ? 13.034  -10.252 10.372  1.00 35.02 ? 150  ASN A CB  1 
ATOM   581  C  CG  . ASN A 1 71  ? 13.424  -10.834 11.675  1.00 37.33 ? 150  ASN A CG  1 
ATOM   582  O  OD1 . ASN A 1 71  ? 13.276  -10.176 12.704  1.00 42.06 ? 150  ASN A OD1 1 
ATOM   583  N  ND2 . ASN A 1 71  ? 13.932  -12.051 11.668  1.00 39.77 ? 150  ASN A ND2 1 
ATOM   584  N  N   . SER A 1 72  ? 11.079  -7.254  9.699   1.00 29.34 ? 151  SER A N   1 
ATOM   585  C  CA  . SER A 1 72  ? 11.224  -5.870  9.330   1.00 26.67 ? 151  SER A CA  1 
ATOM   586  C  C   . SER A 1 72  ? 10.274  -5.418  10.425  1.00 22.76 ? 151  SER A C   1 
ATOM   587  O  O   . SER A 1 72  ? 9.181   -4.941  10.157  1.00 20.45 ? 151  SER A O   1 
ATOM   588  C  CB  . SER A 1 72  ? 10.652  -5.583  7.947   1.00 29.86 ? 151  SER A CB  1 
ATOM   589  O  OG  . SER A 1 72  ? 11.149  -4.342  7.481   1.00 32.12 ? 151  SER A OG  1 
ATOM   590  N  N   . PRO A 1 73  ? 10.673  -5.635  11.691  1.00 20.10 ? 152  PRO A N   1 
ATOM   591  C  CA  . PRO A 1 73  ? 9.840   -5.254  12.830  1.00 17.34 ? 152  PRO A CA  1 
ATOM   592  C  C   . PRO A 1 73  ? 9.463   -3.795  12.842  1.00 16.23 ? 152  PRO A C   1 
ATOM   593  O  O   . PRO A 1 73  ? 10.259  -2.930  12.478  1.00 13.84 ? 152  PRO A O   1 
ATOM   594  C  CB  . PRO A 1 73  ? 10.700  -5.636  14.034  1.00 18.28 ? 152  PRO A CB  1 
ATOM   595  C  CG  . PRO A 1 73  ? 12.090  -5.443  13.519  1.00 23.43 ? 152  PRO A CG  1 
ATOM   596  C  CD  . PRO A 1 73  ? 12.003  -6.069  12.152  1.00 20.20 ? 152  PRO A CD  1 
ATOM   597  N  N   . PHE A 1 74  ? 8.234   -3.519  13.257  1.00 14.96 ? 153  PHE A N   1 
ATOM   598  C  CA  . PHE A 1 74  ? 7.799   -2.146  13.331  1.00 14.60 ? 153  PHE A CA  1 
ATOM   599  C  C   . PHE A 1 74  ? 8.412   -1.528  14.574  1.00 15.67 ? 153  PHE A C   1 
ATOM   600  O  O   . PHE A 1 74  ? 9.035   -2.232  15.363  1.00 16.56 ? 153  PHE A O   1 
ATOM   601  C  CB  . PHE A 1 74  ? 6.277   -2.072  13.295  1.00 15.19 ? 153  PHE A CB  1 
ATOM   602  C  CG  . PHE A 1 74  ? 5.725   -2.262  11.917  1.00 14.29 ? 153  PHE A CG  1 
ATOM   603  C  CD1 . PHE A 1 74  ? 6.254   -1.532  10.845  1.00 10.78 ? 153  PHE A CD1 1 
ATOM   604  C  CD2 . PHE A 1 74  ? 4.704   -3.169  11.671  1.00 12.83 ? 153  PHE A CD2 1 
ATOM   605  C  CE1 . PHE A 1 74  ? 5.769   -1.710  9.550   1.00 11.22 ? 153  PHE A CE1 1 
ATOM   606  C  CE2 . PHE A 1 74  ? 4.212   -3.355  10.379  1.00 13.22 ? 153  PHE A CE2 1 
ATOM   607  C  CZ  . PHE A 1 74  ? 4.742   -2.628  9.318   1.00 12.27 ? 153  PHE A CZ  1 
ATOM   608  N  N   . ASP A 1 75  ? 8.239   -0.223  14.746  1.00 16.80 ? 154  ASP A N   1 
ATOM   609  C  CA  . ASP A 1 75  ? 8.887   0.500   15.840  1.00 16.89 ? 154  ASP A CA  1 
ATOM   610  C  C   . ASP A 1 75  ? 8.010   1.328   16.770  1.00 17.72 ? 154  ASP A C   1 
ATOM   611  O  O   . ASP A 1 75  ? 8.469   2.348   17.289  1.00 18.72 ? 154  ASP A O   1 
ATOM   612  C  CB  . ASP A 1 75  ? 9.936   1.425   15.224  1.00 16.39 ? 154  ASP A CB  1 
ATOM   613  C  CG  . ASP A 1 75  ? 9.347   2.282   14.121  1.00 16.59 ? 154  ASP A CG  1 
ATOM   614  O  OD1 . ASP A 1 75  ? 8.165   2.057   13.812  1.00 14.39 ? 154  ASP A OD1 1 
ATOM   615  O  OD2 . ASP A 1 75  ? 10.029  3.162   13.553  1.00 15.20 ? 154  ASP A OD2 1 
ATOM   616  N  N   . GLY A 1 76  ? 6.768   0.915   16.991  1.00 17.26 ? 155  GLY A N   1 
ATOM   617  C  CA  . GLY A 1 76  ? 5.903   1.683   17.871  1.00 16.48 ? 155  GLY A CA  1 
ATOM   618  C  C   . GLY A 1 76  ? 5.469   2.973   17.201  1.00 17.60 ? 155  GLY A C   1 
ATOM   619  O  O   . GLY A 1 76  ? 5.794   3.191   16.051  1.00 16.60 ? 155  GLY A O   1 
ATOM   620  N  N   . PRO A 1 77  ? 4.746   3.860   17.893  1.00 16.55 ? 156  PRO A N   1 
ATOM   621  C  CA  . PRO A 1 77  ? 4.293   5.122   17.297  1.00 18.67 ? 156  PRO A CA  1 
ATOM   622  C  C   . PRO A 1 77  ? 5.296   5.862   16.397  1.00 18.62 ? 156  PRO A C   1 
ATOM   623  O  O   . PRO A 1 77  ? 6.484   5.946   16.707  1.00 19.94 ? 156  PRO A O   1 
ATOM   624  C  CB  . PRO A 1 77  ? 3.901   5.942   18.516  1.00 16.93 ? 156  PRO A CB  1 
ATOM   625  C  CG  . PRO A 1 77  ? 3.355   4.895   19.437  1.00 17.49 ? 156  PRO A CG  1 
ATOM   626  C  CD  . PRO A 1 77  ? 4.369   3.784   19.314  1.00 16.55 ? 156  PRO A CD  1 
ATOM   627  N  N   . ASN A 1 78  ? 4.796   6.380   15.278  1.00 18.81 ? 157  ASN A N   1 
ATOM   628  C  CA  . ASN A 1 78  ? 5.591   7.142   14.319  1.00 19.40 ? 157  ASN A CA  1 
ATOM   629  C  C   . ASN A 1 78  ? 6.771   6.389   13.713  1.00 19.92 ? 157  ASN A C   1 
ATOM   630  O  O   . ASN A 1 78  ? 6.878   5.187   13.853  1.00 19.13 ? 157  ASN A O   1 
ATOM   631  C  CB  . ASN A 1 78  ? 6.064   8.426   14.985  1.00 22.55 ? 157  ASN A CB  1 
ATOM   632  C  CG  . ASN A 1 78  ? 4.925   9.179   15.631  1.00 24.13 ? 157  ASN A CG  1 
ATOM   633  O  OD1 . ASN A 1 78  ? 3.951   9.538   14.968  1.00 24.96 ? 157  ASN A OD1 1 
ATOM   634  N  ND2 . ASN A 1 78  ? 5.032   9.412   16.931  1.00 25.04 ? 157  ASN A ND2 1 
ATOM   635  N  N   . GLY A 1 79  ? 7.668   7.095   13.042  1.00 18.71 ? 158  GLY A N   1 
ATOM   636  C  CA  . GLY A 1 79  ? 8.791   6.412   12.426  1.00 19.20 ? 158  GLY A CA  1 
ATOM   637  C  C   . GLY A 1 79  ? 8.283   5.599   11.247  1.00 18.68 ? 158  GLY A C   1 
ATOM   638  O  O   . GLY A 1 79  ? 7.707   6.163   10.320  1.00 19.29 ? 158  GLY A O   1 
ATOM   639  N  N   . ILE A 1 80  ? 8.492   4.285   11.280  1.00 16.91 ? 159  ILE A N   1 
ATOM   640  C  CA  . ILE A 1 80  ? 8.035   3.397   10.209  1.00 17.10 ? 159  ILE A CA  1 
ATOM   641  C  C   . ILE A 1 80  ? 6.519   3.237   10.281  1.00 15.32 ? 159  ILE A C   1 
ATOM   642  O  O   . ILE A 1 80  ? 6.007   2.641   11.213  1.00 15.66 ? 159  ILE A O   1 
ATOM   643  C  CB  . ILE A 1 80  ? 8.661   1.991   10.334  1.00 17.20 ? 159  ILE A CB  1 
ATOM   644  C  CG1 . ILE A 1 80  ? 10.187  2.087   10.308  1.00 18.25 ? 159  ILE A CG1 1 
ATOM   645  C  CG2 . ILE A 1 80  ? 8.143   1.085   9.215   1.00 17.48 ? 159  ILE A CG2 1 
ATOM   646  C  CD1 . ILE A 1 80  ? 10.745  2.690   9.053   1.00 20.23 ? 159  ILE A CD1 1 
ATOM   647  N  N   . LEU A 1 81  ? 5.797   3.740   9.290   1.00 13.52 ? 160  LEU A N   1 
ATOM   648  C  CA  . LEU A 1 81  ? 4.343   3.645   9.314   1.00 14.01 ? 160  LEU A CA  1 
ATOM   649  C  C   . LEU A 1 81  ? 3.832   2.319   8.781   1.00 13.39 ? 160  LEU A C   1 
ATOM   650  O  O   . LEU A 1 81  ? 2.800   1.808   9.222   1.00 12.53 ? 160  LEU A O   1 
ATOM   651  C  CB  . LEU A 1 81  ? 3.727   4.779   8.499   1.00 14.32 ? 160  LEU A CB  1 
ATOM   652  C  CG  . LEU A 1 81  ? 4.082   6.205   8.914   1.00 14.84 ? 160  LEU A CG  1 
ATOM   653  C  CD1 . LEU A 1 81  ? 3.218   7.184   8.129   1.00 16.16 ? 160  LEU A CD1 1 
ATOM   654  C  CD2 . LEU A 1 81  ? 3.848   6.372   10.405  1.00 16.36 ? 160  LEU A CD2 1 
ATOM   655  N  N   . ALA A 1 82  ? 4.565   1.770   7.823   1.00 13.87 ? 161  ALA A N   1 
ATOM   656  C  CA  . ALA A 1 82  ? 4.186   0.516   7.206   1.00 14.35 ? 161  ALA A CA  1 
ATOM   657  C  C   . ALA A 1 82  ? 5.266   0.139   6.215   1.00 13.80 ? 161  ALA A C   1 
ATOM   658  O  O   . ALA A 1 82  ? 6.245   0.854   6.047   1.00 14.25 ? 161  ALA A O   1 
ATOM   659  C  CB  . ALA A 1 82  ? 2.861   0.683   6.478   1.00 16.16 ? 161  ALA A CB  1 
ATOM   660  N  N   . HIS A 1 83  ? 5.086   -1.003  5.573   1.00 14.22 ? 162  HIS A N   1 
ATOM   661  C  CA  . HIS A 1 83  ? 6.014   -1.443  4.551   1.00 14.04 ? 162  HIS A CA  1 
ATOM   662  C  C   . HIS A 1 83  ? 5.332   -2.501  3.721   1.00 14.59 ? 162  HIS A C   1 
ATOM   663  O  O   . HIS A 1 83  ? 4.291   -3.037  4.102   1.00 12.74 ? 162  HIS A O   1 
ATOM   664  C  CB  . HIS A 1 83  ? 7.323   -1.970  5.154   1.00 12.51 ? 162  HIS A CB  1 
ATOM   665  C  CG  . HIS A 1 83  ? 7.144   -3.090  6.127   1.00 13.44 ? 162  HIS A CG  1 
ATOM   666  N  ND1 . HIS A 1 83  ? 7.847   -3.156  7.309   1.00 13.62 ? 162  HIS A ND1 1 
ATOM   667  C  CD2 . HIS A 1 83  ? 6.369   -4.199  6.086   1.00 11.15 ? 162  HIS A CD2 1 
ATOM   668  C  CE1 . HIS A 1 83  ? 7.512   -4.254  7.957   1.00 15.21 ? 162  HIS A CE1 1 
ATOM   669  N  NE2 . HIS A 1 83  ? 6.617   -4.906  7.235   1.00 13.20 ? 162  HIS A NE2 1 
ATOM   670  N  N   . ALA A 1 84  ? 5.909   -2.784  2.569   1.00 13.52 ? 163  ALA A N   1 
ATOM   671  C  CA  . ALA A 1 84  ? 5.335   -3.767  1.685   1.00 14.53 ? 163  ALA A CA  1 
ATOM   672  C  C   . ALA A 1 84  ? 6.479   -4.447  0.974   1.00 16.75 ? 163  ALA A C   1 
ATOM   673  O  O   . ALA A 1 84  ? 7.597   -3.932  0.935   1.00 16.97 ? 163  ALA A O   1 
ATOM   674  C  CB  . ALA A 1 84  ? 4.411   -3.092  0.689   1.00 11.52 ? 163  ALA A CB  1 
ATOM   675  N  N   . PHE A 1 85  ? 6.192   -5.605  0.405   1.00 17.72 ? 164  PHE A N   1 
ATOM   676  C  CA  . PHE A 1 85  ? 7.209   -6.362  -0.287  1.00 19.52 ? 164  PHE A CA  1 
ATOM   677  C  C   . PHE A 1 85  ? 6.948   -6.370  -1.775  1.00 19.39 ? 164  PHE A C   1 
ATOM   678  O  O   . PHE A 1 85  ? 5.804   -6.426  -2.215  1.00 18.51 ? 164  PHE A O   1 
ATOM   679  C  CB  . PHE A 1 85  ? 7.251   -7.773  0.290   1.00 20.88 ? 164  PHE A CB  1 
ATOM   680  C  CG  . PHE A 1 85  ? 7.555   -7.792  1.759   1.00 22.73 ? 164  PHE A CG  1 
ATOM   681  C  CD1 . PHE A 1 85  ? 6.619   -7.332  2.683   1.00 23.74 ? 164  PHE A CD1 1 
ATOM   682  C  CD2 . PHE A 1 85  ? 8.808   -8.178  2.214   1.00 24.18 ? 164  PHE A CD2 1 
ATOM   683  C  CE1 . PHE A 1 85  ? 6.936   -7.248  4.037   1.00 23.67 ? 164  PHE A CE1 1 
ATOM   684  C  CE2 . PHE A 1 85  ? 9.135   -8.097  3.565   1.00 25.51 ? 164  PHE A CE2 1 
ATOM   685  C  CZ  . PHE A 1 85  ? 8.197   -7.628  4.479   1.00 24.53 ? 164  PHE A CZ  1 
ATOM   686  N  N   . GLN A 1 86  ? 8.023   -6.298  -2.548  1.00 20.86 ? 165  GLN A N   1 
ATOM   687  C  CA  . GLN A 1 86  ? 7.913   -6.274  -3.996  1.00 20.63 ? 165  GLN A CA  1 
ATOM   688  C  C   . GLN A 1 86  ? 7.250   -7.546  -4.507  1.00 19.03 ? 165  GLN A C   1 
ATOM   689  O  O   . GLN A 1 86  ? 7.188   -8.551  -3.797  1.00 18.43 ? 165  GLN A O   1 
ATOM   690  C  CB  . GLN A 1 86  ? 9.302   -6.104  -4.612  1.00 23.20 ? 165  GLN A CB  1 
ATOM   691  C  CG  . GLN A 1 86  ? 10.250  -7.259  -4.333  1.00 29.06 ? 165  GLN A CG  1 
ATOM   692  C  CD  . GLN A 1 86  ? 11.676  -6.943  -4.738  1.00 31.06 ? 165  GLN A CD  1 
ATOM   693  O  OE1 . GLN A 1 86  ? 12.419  -6.297  -3.993  1.00 33.94 ? 165  GLN A OE1 1 
ATOM   694  N  NE2 . GLN A 1 86  ? 12.063  -7.383  -5.929  1.00 31.99 ? 165  GLN A NE2 1 
ATOM   695  N  N   . PRO A 1 87  ? 6.727   -7.513  -5.744  1.00 19.46 ? 166  PRO A N   1 
ATOM   696  C  CA  . PRO A 1 87  ? 6.071   -8.690  -6.316  1.00 19.82 ? 166  PRO A CA  1 
ATOM   697  C  C   . PRO A 1 87  ? 6.924   -9.932  -6.102  1.00 22.47 ? 166  PRO A C   1 
ATOM   698  O  O   . PRO A 1 87  ? 8.109   -9.957  -6.439  1.00 21.49 ? 166  PRO A O   1 
ATOM   699  C  CB  . PRO A 1 87  ? 5.930   -8.321  -7.787  1.00 20.44 ? 166  PRO A CB  1 
ATOM   700  C  CG  . PRO A 1 87  ? 5.717   -6.835  -7.727  1.00 18.79 ? 166  PRO A CG  1 
ATOM   701  C  CD  . PRO A 1 87  ? 6.736   -6.396  -6.705  1.00 19.09 ? 166  PRO A CD  1 
ATOM   702  N  N   . GLY A 1 88  ? 6.311   -10.952 -5.518  1.00 24.86 ? 167  GLY A N   1 
ATOM   703  C  CA  . GLY A 1 88  ? 7.005   -12.193 -5.241  1.00 27.91 ? 167  GLY A CA  1 
ATOM   704  C  C   . GLY A 1 88  ? 6.019   -13.158 -4.619  1.00 29.84 ? 167  GLY A C   1 
ATOM   705  O  O   . GLY A 1 88  ? 4.826   -12.867 -4.558  1.00 30.66 ? 167  GLY A O   1 
ATOM   706  N  N   . GLN A 1 89  ? 6.514   -14.297 -4.152  1.00 32.82 ? 168  GLN A N   1 
ATOM   707  C  CA  . GLN A 1 89  ? 5.663   -15.311 -3.540  1.00 34.56 ? 168  GLN A CA  1 
ATOM   708  C  C   . GLN A 1 89  ? 5.562   -15.106 -2.034  1.00 34.42 ? 168  GLN A C   1 
ATOM   709  O  O   . GLN A 1 89  ? 6.366   -14.387 -1.439  1.00 34.41 ? 168  GLN A O   1 
ATOM   710  C  CB  . GLN A 1 89  ? 6.234   -16.704 -3.823  1.00 36.60 ? 168  GLN A CB  1 
ATOM   711  C  CG  . GLN A 1 89  ? 7.605   -16.949 -3.196  1.00 40.53 ? 168  GLN A CG  1 
ATOM   712  C  CD  . GLN A 1 89  ? 7.536   -17.287 -1.711  1.00 42.23 ? 168  GLN A CD  1 
ATOM   713  O  OE1 . GLN A 1 89  ? 8.525   -17.160 -0.986  1.00 44.04 ? 168  GLN A OE1 1 
ATOM   714  N  NE2 . GLN A 1 89  ? 6.369   -17.735 -1.258  1.00 42.18 ? 168  GLN A NE2 1 
ATOM   715  N  N   . GLY A 1 90  ? 4.571   -15.753 -1.428  1.00 33.64 ? 169  GLY A N   1 
ATOM   716  C  CA  . GLY A 1 90  ? 4.387   -15.657 0.009   1.00 33.47 ? 169  GLY A CA  1 
ATOM   717  C  C   . GLY A 1 90  ? 4.255   -14.240 0.526   1.00 33.44 ? 169  GLY A C   1 
ATOM   718  O  O   . GLY A 1 90  ? 3.169   -13.675 0.526   1.00 35.07 ? 169  GLY A O   1 
ATOM   719  N  N   . ILE A 1 91  ? 5.358   -13.654 0.969   1.00 30.15 ? 170  ILE A N   1 
ATOM   720  C  CA  . ILE A 1 91  ? 5.306   -12.302 1.495   1.00 27.84 ? 170  ILE A CA  1 
ATOM   721  C  C   . ILE A 1 91  ? 5.367   -11.242 0.389   1.00 24.76 ? 170  ILE A C   1 
ATOM   722  O  O   . ILE A 1 91  ? 4.927   -10.109 0.581   1.00 23.55 ? 170  ILE A O   1 
ATOM   723  C  CB  . ILE A 1 91  ? 6.441   -12.075 2.507   1.00 28.42 ? 170  ILE A CB  1 
ATOM   724  C  CG1 . ILE A 1 91  ? 6.205   -10.774 3.266   1.00 30.18 ? 170  ILE A CG1 1 
ATOM   725  C  CG2 . ILE A 1 91  ? 7.782   -12.056 1.793   1.00 28.76 ? 170  ILE A CG2 1 
ATOM   726  C  CD1 . ILE A 1 91  ? 7.079   -10.636 4.482   1.00 31.78 ? 170  ILE A CD1 1 
ATOM   727  N  N   . GLY A 1 92  ? 5.899   -11.616 -0.769  1.00 23.41 ? 171  GLY A N   1 
ATOM   728  C  CA  . GLY A 1 92  ? 5.988   -10.672 -1.870  1.00 22.81 ? 171  GLY A CA  1 
ATOM   729  C  C   . GLY A 1 92  ? 4.646   -10.029 -2.178  1.00 22.28 ? 171  GLY A C   1 
ATOM   730  O  O   . GLY A 1 92  ? 3.650   -10.722 -2.324  1.00 23.55 ? 171  GLY A O   1 
ATOM   731  N  N   . GLY A 1 93  ? 4.614   -8.705  -2.277  1.00 21.36 ? 172  GLY A N   1 
ATOM   732  C  CA  . GLY A 1 93  ? 3.363   -8.021  -2.565  1.00 17.00 ? 172  GLY A CA  1 
ATOM   733  C  C   . GLY A 1 93  ? 2.574   -7.671  -1.313  1.00 15.92 ? 172  GLY A C   1 
ATOM   734  O  O   . GLY A 1 93  ? 1.744   -6.769  -1.332  1.00 13.11 ? 172  GLY A O   1 
ATOM   735  N  N   . ASP A 1 94  ? 2.835   -8.376  -0.215  1.00 14.37 ? 173  ASP A N   1 
ATOM   736  C  CA  . ASP A 1 94  ? 2.118   -8.114  1.027   1.00 13.71 ? 173  ASP A CA  1 
ATOM   737  C  C   . ASP A 1 94  ? 2.401   -6.736  1.599   1.00 14.52 ? 173  ASP A C   1 
ATOM   738  O  O   . ASP A 1 94  ? 3.491   -6.192  1.433   1.00 11.58 ? 173  ASP A O   1 
ATOM   739  C  CB  . ASP A 1 94  ? 2.450   -9.181  2.068   1.00 13.05 ? 173  ASP A CB  1 
ATOM   740  C  CG  . ASP A 1 94  ? 1.790   -10.508 1.762   1.00 15.25 ? 173  ASP A CG  1 
ATOM   741  O  OD1 . ASP A 1 94  ? 1.086   -10.591 0.735   1.00 16.23 ? 173  ASP A OD1 1 
ATOM   742  O  OD2 . ASP A 1 94  ? 1.963   -11.464 2.539   1.00 14.33 ? 173  ASP A OD2 1 
ATOM   743  N  N   . ALA A 1 95  ? 1.401   -6.172  2.267   1.00 13.68 ? 174  ALA A N   1 
ATOM   744  C  CA  . ALA A 1 95  ? 1.539   -4.860  2.876   1.00 12.39 ? 174  ALA A CA  1 
ATOM   745  C  C   . ALA A 1 95  ? 1.182   -4.947  4.350   1.00 11.42 ? 174  ALA A C   1 
ATOM   746  O  O   . ALA A 1 95  ? 0.113   -5.435  4.719   1.00 12.20 ? 174  ALA A O   1 
ATOM   747  C  CB  . ALA A 1 95  ? 0.639   -3.851  2.171   1.00 12.14 ? 174  ALA A CB  1 
ATOM   748  N  N   . HIS A 1 96  ? 2.095   -4.479  5.192   1.00 11.08 ? 175  HIS A N   1 
ATOM   749  C  CA  . HIS A 1 96  ? 1.892   -4.498  6.634   1.00 11.17 ? 175  HIS A CA  1 
ATOM   750  C  C   . HIS A 1 96  ? 1.878   -3.072  7.121   1.00 8.78  ? 175  HIS A C   1 
ATOM   751  O  O   . HIS A 1 96  ? 2.690   -2.251  6.698   1.00 10.31 ? 175  HIS A O   1 
ATOM   752  C  CB  . HIS A 1 96  ? 3.022   -5.266  7.318   1.00 12.38 ? 175  HIS A CB  1 
ATOM   753  C  CG  . HIS A 1 96  ? 3.133   -6.690  6.873   1.00 11.39 ? 175  HIS A CG  1 
ATOM   754  N  ND1 . HIS A 1 96  ? 4.264   -7.449  7.081   1.00 12.71 ? 175  HIS A ND1 1 
ATOM   755  C  CD2 . HIS A 1 96  ? 2.254   -7.494  6.231   1.00 12.96 ? 175  HIS A CD2 1 
ATOM   756  C  CE1 . HIS A 1 96  ? 4.076   -8.660  6.585   1.00 13.25 ? 175  HIS A CE1 1 
ATOM   757  N  NE2 . HIS A 1 96  ? 2.865   -8.712  6.064   1.00 15.36 ? 175  HIS A NE2 1 
ATOM   758  N  N   . PHE A 1 97  ? 0.938   -2.777  8.004   1.00 11.56 ? 176  PHE A N   1 
ATOM   759  C  CA  . PHE A 1 97  ? 0.817   -1.443  8.559   1.00 10.08 ? 176  PHE A CA  1 
ATOM   760  C  C   . PHE A 1 97  ? 1.060   -1.541  10.051  1.00 9.57  ? 176  PHE A C   1 
ATOM   761  O  O   . PHE A 1 97  ? 0.591   -2.478  10.704  1.00 11.31 ? 176  PHE A O   1 
ATOM   762  C  CB  . PHE A 1 97  ? -0.579  -0.890  8.271   1.00 12.29 ? 176  PHE A CB  1 
ATOM   763  C  CG  . PHE A 1 97  ? -0.894  -0.791  6.805   1.00 11.70 ? 176  PHE A CG  1 
ATOM   764  C  CD1 . PHE A 1 97  ? -1.208  -1.927  6.065   1.00 16.36 ? 176  PHE A CD1 1 
ATOM   765  C  CD2 . PHE A 1 97  ? -0.831  0.433   6.153   1.00 14.23 ? 176  PHE A CD2 1 
ATOM   766  C  CE1 . PHE A 1 97  ? -1.455  -1.840  4.687   1.00 15.58 ? 176  PHE A CE1 1 
ATOM   767  C  CE2 . PHE A 1 97  ? -1.074  0.530   4.783   1.00 15.14 ? 176  PHE A CE2 1 
ATOM   768  C  CZ  . PHE A 1 97  ? -1.386  -0.609  4.051   1.00 15.95 ? 176  PHE A CZ  1 
ATOM   769  N  N   . ASP A 1 98  ? 1.806   -0.581  10.586  1.00 10.43 ? 177  ASP A N   1 
ATOM   770  C  CA  . ASP A 1 98  ? 2.119   -0.564  12.003  1.00 9.67  ? 177  ASP A CA  1 
ATOM   771  C  C   . ASP A 1 98  ? 0.841   -0.298  12.783  1.00 12.64 ? 177  ASP A C   1 
ATOM   772  O  O   . ASP A 1 98  ? 0.265   0.786   12.700  1.00 13.39 ? 177  ASP A O   1 
ATOM   773  C  CB  . ASP A 1 98  ? 3.152   0.527   12.295  1.00 10.89 ? 177  ASP A CB  1 
ATOM   774  C  CG  . ASP A 1 98  ? 3.756   0.395   13.670  1.00 10.54 ? 177  ASP A CG  1 
ATOM   775  O  OD1 . ASP A 1 98  ? 3.075   -0.099  14.585  1.00 11.27 ? 177  ASP A OD1 1 
ATOM   776  O  OD2 . ASP A 1 98  ? 4.920   0.793   13.843  1.00 11.93 ? 177  ASP A OD2 1 
ATOM   777  N  N   . ALA A 1 99  ? 0.406   -1.299  13.538  1.00 13.42 ? 178  ALA A N   1 
ATOM   778  C  CA  . ALA A 1 99  ? -0.812  -1.212  14.321  1.00 16.53 ? 178  ALA A CA  1 
ATOM   779  C  C   . ALA A 1 99  ? -0.772  -0.155  15.424  1.00 16.83 ? 178  ALA A C   1 
ATOM   780  O  O   . ALA A 1 99  ? -1.810  0.216   15.957  1.00 20.66 ? 178  ALA A O   1 
ATOM   781  C  CB  . ALA A 1 99  ? -1.124  -2.571  14.927  1.00 16.06 ? 178  ALA A CB  1 
ATOM   782  N  N   . GLU A 1 100 ? 0.415   0.317   15.784  1.00 16.27 ? 179  GLU A N   1 
ATOM   783  C  CA  . GLU A 1 100 ? 0.510   1.323   16.835  1.00 18.42 ? 179  GLU A CA  1 
ATOM   784  C  C   . GLU A 1 100 ? 0.397   2.755   16.331  1.00 17.48 ? 179  GLU A C   1 
ATOM   785  O  O   . GLU A 1 100 ? 0.607   3.693   17.098  1.00 20.31 ? 179  GLU A O   1 
ATOM   786  C  CB  . GLU A 1 100 ? 1.810   1.149   17.630  1.00 18.55 ? 179  GLU A CB  1 
ATOM   787  C  CG  . GLU A 1 100 ? 1.842   -0.126  18.462  1.00 19.81 ? 179  GLU A CG  1 
ATOM   788  C  CD  . GLU A 1 100 ? 3.150   -0.325  19.201  1.00 21.26 ? 179  GLU A CD  1 
ATOM   789  O  OE1 . GLU A 1 100 ? 3.403   0.390   20.194  1.00 21.90 ? 179  GLU A OE1 1 
ATOM   790  O  OE2 . GLU A 1 100 ? 3.934   -1.197  18.779  1.00 21.82 ? 179  GLU A OE2 1 
ATOM   791  N  N   . GLU A 1 101 ? 0.063   2.933   15.054  1.00 16.85 ? 180  GLU A N   1 
ATOM   792  C  CA  . GLU A 1 101 ? -0.089  4.283   14.499  1.00 16.22 ? 180  GLU A CA  1 
ATOM   793  C  C   . GLU A 1 101 ? -1.493  4.802   14.726  1.00 16.92 ? 180  GLU A C   1 
ATOM   794  O  O   . GLU A 1 101 ? -2.422  4.033   14.940  1.00 16.07 ? 180  GLU A O   1 
ATOM   795  C  CB  . GLU A 1 101 ? 0.156   4.311   12.992  1.00 15.61 ? 180  GLU A CB  1 
ATOM   796  C  CG  . GLU A 1 101 ? 1.501   3.815   12.550  1.00 15.50 ? 180  GLU A CG  1 
ATOM   797  C  CD  . GLU A 1 101 ? 2.644   4.514   13.235  1.00 16.34 ? 180  GLU A CD  1 
ATOM   798  O  OE1 . GLU A 1 101 ? 2.443   5.529   13.938  1.00 15.02 ? 180  GLU A OE1 1 
ATOM   799  O  OE2 . GLU A 1 101 ? 3.769   4.041   13.053  1.00 15.93 ? 180  GLU A OE2 1 
ATOM   800  N  N   . THR A 1 102 ? -1.637  6.117   14.643  1.00 17.10 ? 181  THR A N   1 
ATOM   801  C  CA  . THR A 1 102 ? -2.933  6.762   14.801  1.00 19.73 ? 181  THR A CA  1 
ATOM   802  C  C   . THR A 1 102 ? -3.605  6.810   13.427  1.00 18.46 ? 181  THR A C   1 
ATOM   803  O  O   . THR A 1 102 ? -3.685  7.861   12.796  1.00 18.83 ? 181  THR A O   1 
ATOM   804  C  CB  . THR A 1 102 ? -2.761  8.189   15.354  1.00 21.58 ? 181  THR A CB  1 
ATOM   805  O  OG1 . THR A 1 102 ? -1.863  8.928   14.517  1.00 21.29 ? 181  THR A OG1 1 
ATOM   806  C  CG2 . THR A 1 102 ? -2.190  8.135   16.766  1.00 24.11 ? 181  THR A CG2 1 
ATOM   807  N  N   . TRP A 1 103 ? -4.079  5.653   12.972  1.00 18.88 ? 182  TRP A N   1 
ATOM   808  C  CA  . TRP A 1 103 ? -4.725  5.529   11.667  1.00 18.45 ? 182  TRP A CA  1 
ATOM   809  C  C   . TRP A 1 103 ? -6.054  6.256   11.594  1.00 18.94 ? 182  TRP A C   1 
ATOM   810  O  O   . TRP A 1 103 ? -6.826  6.250   12.546  1.00 20.06 ? 182  TRP A O   1 
ATOM   811  C  CB  . TRP A 1 103 ? -4.932  4.056   11.322  1.00 16.21 ? 182  TRP A CB  1 
ATOM   812  C  CG  . TRP A 1 103 ? -3.647  3.340   11.145  1.00 17.26 ? 182  TRP A CG  1 
ATOM   813  C  CD1 . TRP A 1 103 ? -3.148  2.337   11.927  1.00 17.57 ? 182  TRP A CD1 1 
ATOM   814  C  CD2 . TRP A 1 103 ? -2.650  3.621   10.162  1.00 14.82 ? 182  TRP A CD2 1 
ATOM   815  N  NE1 . TRP A 1 103 ? -1.895  1.979   11.490  1.00 17.91 ? 182  TRP A NE1 1 
ATOM   816  C  CE2 . TRP A 1 103 ? -1.564  2.754   10.410  1.00 16.25 ? 182  TRP A CE2 1 
ATOM   817  C  CE3 . TRP A 1 103 ? -2.566  4.526   9.095   1.00 16.40 ? 182  TRP A CE3 1 
ATOM   818  C  CZ2 . TRP A 1 103 ? -0.402  2.765   9.629   1.00 16.41 ? 182  TRP A CZ2 1 
ATOM   819  C  CZ3 . TRP A 1 103 ? -1.401  4.534   8.312   1.00 16.65 ? 182  TRP A CZ3 1 
ATOM   820  C  CH2 . TRP A 1 103 ? -0.341  3.661   8.588   1.00 15.21 ? 182  TRP A CH2 1 
ATOM   821  N  N   . THR A 1 104 ? -6.314  6.867   10.445  1.00 20.76 ? 183  THR A N   1 
ATOM   822  C  CA  . THR A 1 104 ? -7.548  7.601   10.228  1.00 21.50 ? 183  THR A CA  1 
ATOM   823  C  C   . THR A 1 104 ? -7.875  7.620   8.733   1.00 23.33 ? 183  THR A C   1 
ATOM   824  O  O   . THR A 1 104 ? -6.998  7.415   7.893   1.00 20.16 ? 183  THR A O   1 
ATOM   825  C  CB  . THR A 1 104 ? -7.413  9.043   10.760  1.00 23.01 ? 183  THR A CB  1 
ATOM   826  O  OG1 . THR A 1 104 ? -8.637  9.756   10.545  1.00 23.40 ? 183  THR A OG1 1 
ATOM   827  C  CG2 . THR A 1 104 ? -6.265  9.765   10.061  1.00 20.02 ? 183  THR A CG2 1 
ATOM   828  N  N   . ASN A 1 105 ? -9.139  7.857   8.405   1.00 25.17 ? 184  ASN A N   1 
ATOM   829  C  CA  . ASN A 1 105 ? -9.579  7.901   7.011   1.00 29.22 ? 184  ASN A CA  1 
ATOM   830  C  C   . ASN A 1 105 ? -9.618  9.332   6.493   1.00 30.99 ? 184  ASN A C   1 
ATOM   831  O  O   . ASN A 1 105 ? -10.010 9.596   5.355   1.00 33.02 ? 184  ASN A O   1 
ATOM   832  C  CB  . ASN A 1 105 ? -10.967 7.273   6.874   1.00 31.63 ? 184  ASN A CB  1 
ATOM   833  C  CG  . ASN A 1 105 ? -11.968 7.824   7.880   1.00 34.77 ? 184  ASN A CG  1 
ATOM   834  O  OD1 . ASN A 1 105 ? -13.177 7.718   7.681   1.00 37.36 ? 184  ASN A OD1 1 
ATOM   835  N  ND2 . ASN A 1 105 ? -11.470 8.400   8.972   1.00 34.05 ? 184  ASN A ND2 1 
ATOM   836  N  N   . THR A 1 106 ? -9.188  10.249  7.343   1.00 31.70 ? 185  THR A N   1 
ATOM   837  C  CA  . THR A 1 106 ? -9.178  11.662  7.020   1.00 32.68 ? 185  THR A CA  1 
ATOM   838  C  C   . THR A 1 106 ? -7.748  12.151  6.802   1.00 31.53 ? 185  THR A C   1 
ATOM   839  O  O   . THR A 1 106 ? -6.845  11.343  6.600   1.00 33.57 ? 185  THR A O   1 
ATOM   840  C  CB  . THR A 1 106 ? -9.827  12.400  8.149   1.00 33.11 ? 185  THR A CB  1 
ATOM   841  O  OG1 . THR A 1 106 ? -9.537  11.681  9.342   1.00 38.23 ? 185  THR A OG1 1 
ATOM   842  C  CG2 . THR A 1 106 ? -11.336 12.427  7.993   1.00 34.10 ? 185  THR A CG2 1 
ATOM   843  N  N   . SER A 1 107 ? -7.540  13.464  6.870   1.00 29.85 ? 186  SER A N   1 
ATOM   844  C  CA  . SER A 1 107 ? -6.226  14.061  6.619   1.00 28.43 ? 186  SER A CA  1 
ATOM   845  C  C   . SER A 1 107 ? -5.133  14.066  7.695   1.00 26.67 ? 186  SER A C   1 
ATOM   846  O  O   . SER A 1 107 ? -3.950  14.165  7.364   1.00 25.37 ? 186  SER A O   1 
ATOM   847  C  CB  . SER A 1 107 ? -6.413  15.497  6.133   1.00 31.04 ? 186  SER A CB  1 
ATOM   848  O  OG  . SER A 1 107 ? -5.159  16.127  5.949   1.00 34.70 ? 186  SER A OG  1 
ATOM   849  N  N   . ALA A 1 108 ? -5.508  13.981  8.967   1.00 23.81 ? 187  ALA A N   1 
ATOM   850  C  CA  . ALA A 1 108 ? -4.521  13.998  10.050  1.00 23.22 ? 187  ALA A CA  1 
ATOM   851  C  C   . ALA A 1 108 ? -3.629  12.768  10.050  1.00 22.58 ? 187  ALA A C   1 
ATOM   852  O  O   . ALA A 1 108 ? -3.903  11.799  9.350   1.00 21.81 ? 187  ALA A O   1 
ATOM   853  C  CB  . ALA A 1 108 ? -5.219  14.113  11.387  1.00 21.80 ? 187  ALA A CB  1 
ATOM   854  N  N   . ASN A 1 109 ? -2.560  12.817  10.841  1.00 23.95 ? 188  ASN A N   1 
ATOM   855  C  CA  . ASN A 1 109 ? -1.641  11.686  10.950  1.00 24.92 ? 188  ASN A CA  1 
ATOM   856  C  C   . ASN A 1 109 ? -2.388  10.517  11.595  1.00 23.91 ? 188  ASN A C   1 
ATOM   857  O  O   . ASN A 1 109 ? -2.899  10.651  12.706  1.00 23.81 ? 188  ASN A O   1 
ATOM   858  C  CB  . ASN A 1 109 ? -0.435  12.030  11.832  1.00 26.68 ? 188  ASN A CB  1 
ATOM   859  C  CG  . ASN A 1 109 ? 0.355   13.215  11.320  1.00 26.77 ? 188  ASN A CG  1 
ATOM   860  O  OD1 . ASN A 1 109 ? 0.388   13.488  10.121  1.00 28.27 ? 188  ASN A OD1 1 
ATOM   861  N  ND2 . ASN A 1 109 ? 1.020   13.917  12.233  1.00 28.35 ? 188  ASN A ND2 1 
ATOM   862  N  N   . TYR A 1 110 ? -2.465  9.376   10.917  1.00 21.55 ? 189  TYR A N   1 
ATOM   863  C  CA  . TYR A 1 110 ? -1.885  9.179   9.596   1.00 20.52 ? 189  TYR A CA  1 
ATOM   864  C  C   . TYR A 1 110 ? -2.986  8.618   8.711   1.00 19.07 ? 189  TYR A C   1 
ATOM   865  O  O   . TYR A 1 110 ? -3.658  7.665   9.079   1.00 17.61 ? 189  TYR A O   1 
ATOM   866  C  CB  . TYR A 1 110 ? -0.723  8.181   9.647   1.00 21.28 ? 189  TYR A CB  1 
ATOM   867  C  CG  . TYR A 1 110 ? 0.502   8.698   10.358  1.00 21.01 ? 189  TYR A CG  1 
ATOM   868  C  CD1 . TYR A 1 110 ? 0.721   8.421   11.705  1.00 19.78 ? 189  TYR A CD1 1 
ATOM   869  C  CD2 . TYR A 1 110 ? 1.428   9.494   9.688   1.00 21.84 ? 189  TYR A CD2 1 
ATOM   870  C  CE1 . TYR A 1 110 ? 1.829   8.925   12.369  1.00 22.26 ? 189  TYR A CE1 1 
ATOM   871  C  CE2 . TYR A 1 110 ? 2.542   10.005  10.345  1.00 21.70 ? 189  TYR A CE2 1 
ATOM   872  C  CZ  . TYR A 1 110 ? 2.733   9.716   11.683  1.00 22.25 ? 189  TYR A CZ  1 
ATOM   873  O  OH  . TYR A 1 110 ? 3.830   10.221  12.332  1.00 25.72 ? 189  TYR A OH  1 
ATOM   874  N  N   . ASN A 1 111 ? -3.168  9.216   7.543   1.00 19.88 ? 190  ASN A N   1 
ATOM   875  C  CA  . ASN A 1 111 ? -4.200  8.761   6.629   1.00 17.76 ? 190  ASN A CA  1 
ATOM   876  C  C   . ASN A 1 111 ? -3.867  7.384   6.049   1.00 16.84 ? 190  ASN A C   1 
ATOM   877  O  O   . ASN A 1 111 ? -2.900  7.232   5.303   1.00 16.28 ? 190  ASN A O   1 
ATOM   878  C  CB  . ASN A 1 111 ? -4.375  9.776   5.505   1.00 18.81 ? 190  ASN A CB  1 
ATOM   879  C  CG  . ASN A 1 111 ? -5.433  9.358   4.514   1.00 19.39 ? 190  ASN A CG  1 
ATOM   880  O  OD1 . ASN A 1 111 ? -5.162  8.603   3.590   1.00 19.90 ? 190  ASN A OD1 1 
ATOM   881  N  ND2 . ASN A 1 111 ? -6.655  9.836   4.714   1.00 20.29 ? 190  ASN A ND2 1 
ATOM   882  N  N   . LEU A 1 112 ? -4.684  6.396   6.404   1.00 16.26 ? 191  LEU A N   1 
ATOM   883  C  CA  . LEU A 1 112 ? -4.509  5.018   5.949   1.00 16.17 ? 191  LEU A CA  1 
ATOM   884  C  C   . LEU A 1 112 ? -4.586  4.892   4.428   1.00 17.25 ? 191  LEU A C   1 
ATOM   885  O  O   . LEU A 1 112 ? -3.825  4.137   3.817   1.00 16.41 ? 191  LEU A O   1 
ATOM   886  C  CB  . LEU A 1 112 ? -5.569  4.122   6.600   1.00 15.86 ? 191  LEU A CB  1 
ATOM   887  C  CG  . LEU A 1 112 ? -5.550  2.631   6.257   1.00 15.44 ? 191  LEU A CG  1 
ATOM   888  C  CD1 . LEU A 1 112 ? -4.150  2.067   6.491   1.00 15.75 ? 191  LEU A CD1 1 
ATOM   889  C  CD2 . LEU A 1 112 ? -6.583  1.901   7.105   1.00 15.06 ? 191  LEU A CD2 1 
ATOM   890  N  N   . PHE A 1 113 ? -5.505  5.631   3.814   1.00 16.56 ? 192  PHE A N   1 
ATOM   891  C  CA  . PHE A 1 113 ? -5.644  5.590   2.365   1.00 16.36 ? 192  PHE A CA  1 
ATOM   892  C  C   . PHE A 1 113 ? -4.312  5.917   1.694   1.00 15.94 ? 192  PHE A C   1 
ATOM   893  O  O   . PHE A 1 113 ? -3.837  5.164   0.846   1.00 13.96 ? 192  PHE A O   1 
ATOM   894  C  CB  . PHE A 1 113 ? -6.712  6.586   1.909   1.00 16.91 ? 192  PHE A CB  1 
ATOM   895  C  CG  . PHE A 1 113 ? -6.698  6.855   0.433   1.00 16.08 ? 192  PHE A CG  1 
ATOM   896  C  CD1 . PHE A 1 113 ? -7.053  5.862   -0.475  1.00 19.67 ? 192  PHE A CD1 1 
ATOM   897  C  CD2 . PHE A 1 113 ? -6.336  8.107   -0.050  1.00 18.48 ? 192  PHE A CD2 1 
ATOM   898  C  CE1 . PHE A 1 113 ? -7.051  6.115   -1.842  1.00 15.97 ? 192  PHE A CE1 1 
ATOM   899  C  CE2 . PHE A 1 113 ? -6.331  8.372   -1.421  1.00 20.03 ? 192  PHE A CE2 1 
ATOM   900  C  CZ  . PHE A 1 113 ? -6.688  7.378   -2.314  1.00 19.33 ? 192  PHE A CZ  1 
ATOM   901  N  N   . LEU A 1 114 ? -3.715  7.042   2.083   1.00 16.19 ? 193  LEU A N   1 
ATOM   902  C  CA  . LEU A 1 114 ? -2.438  7.477   1.527   1.00 16.29 ? 193  LEU A CA  1 
ATOM   903  C  C   . LEU A 1 114 ? -1.300  6.492   1.765   1.00 16.09 ? 193  LEU A C   1 
ATOM   904  O  O   . LEU A 1 114 ? -0.532  6.196   0.849   1.00 16.76 ? 193  LEU A O   1 
ATOM   905  C  CB  . LEU A 1 114 ? -2.038  8.843   2.100   1.00 18.38 ? 193  LEU A CB  1 
ATOM   906  C  CG  . LEU A 1 114 ? -2.796  10.068  1.571   1.00 21.19 ? 193  LEU A CG  1 
ATOM   907  C  CD1 . LEU A 1 114 ? -2.187  11.330  2.150   1.00 23.29 ? 193  LEU A CD1 1 
ATOM   908  C  CD2 . LEU A 1 114 ? -2.712  10.108  0.058   1.00 24.47 ? 193  LEU A CD2 1 
ATOM   909  N  N   . VAL A 1 115 ? -1.178  5.992   2.991   1.00 15.00 ? 194  VAL A N   1 
ATOM   910  C  CA  . VAL A 1 115 ? -0.103  5.055   3.296   1.00 14.55 ? 194  VAL A CA  1 
ATOM   911  C  C   . VAL A 1 115 ? -0.314  3.749   2.534   1.00 14.70 ? 194  VAL A C   1 
ATOM   912  O  O   . VAL A 1 115 ? 0.622   3.203   1.945   1.00 14.77 ? 194  VAL A O   1 
ATOM   913  C  CB  . VAL A 1 115 ? -0.011  4.761   4.822   1.00 14.23 ? 194  VAL A CB  1 
ATOM   914  C  CG1 . VAL A 1 115 ? 1.056   3.700   5.089   1.00 12.68 ? 194  VAL A CG1 1 
ATOM   915  C  CG2 . VAL A 1 115 ? 0.341   6.038   5.580   1.00 16.11 ? 194  VAL A CG2 1 
ATOM   916  N  N   . ALA A 1 116 ? -1.542  3.242   2.539   1.00 15.44 ? 195  ALA A N   1 
ATOM   917  C  CA  . ALA A 1 116 ? -1.819  2.004   1.823   1.00 13.47 ? 195  ALA A CA  1 
ATOM   918  C  C   . ALA A 1 116 ? -1.497  2.212   0.350   1.00 13.50 ? 195  ALA A C   1 
ATOM   919  O  O   . ALA A 1 116 ? -0.879  1.361   -0.287  1.00 14.39 ? 195  ALA A O   1 
ATOM   920  C  CB  . ALA A 1 116 ? -3.275  1.607   1.993   1.00 14.31 ? 195  ALA A CB  1 
ATOM   921  N  N   . ALA A 1 117 ? -1.908  3.354   -0.192  1.00 13.06 ? 196  ALA A N   1 
ATOM   922  C  CA  . ALA A 1 117 ? -1.648  3.654   -1.592  1.00 13.16 ? 196  ALA A CA  1 
ATOM   923  C  C   . ALA A 1 117 ? -0.152  3.543   -1.859  1.00 13.32 ? 196  ALA A C   1 
ATOM   924  O  O   . ALA A 1 117 ? 0.288   2.882   -2.808  1.00 14.42 ? 196  ALA A O   1 
ATOM   925  C  CB  . ALA A 1 117 ? -2.146  5.055   -1.918  1.00 14.19 ? 196  ALA A CB  1 
ATOM   926  N  N   . HIS A 1 118 ? 0.627   4.191   -1.000  1.00 13.23 ? 197  HIS A N   1 
ATOM   927  C  CA  . HIS A 1 118 ? 2.071   4.181   -1.110  1.00 13.14 ? 197  HIS A CA  1 
ATOM   928  C  C   . HIS A 1 118 ? 2.604   2.764   -1.054  1.00 13.83 ? 197  HIS A C   1 
ATOM   929  O  O   . HIS A 1 118 ? 3.375   2.345   -1.918  1.00 13.47 ? 197  HIS A O   1 
ATOM   930  C  CB  . HIS A 1 118 ? 2.684   4.983   0.032   1.00 15.19 ? 197  HIS A CB  1 
ATOM   931  C  CG  . HIS A 1 118 ? 4.177   4.959   0.046   1.00 15.32 ? 197  HIS A CG  1 
ATOM   932  N  ND1 . HIS A 1 118 ? 4.944   5.870   -0.651  1.00 17.02 ? 197  HIS A ND1 1 
ATOM   933  C  CD2 . HIS A 1 118 ? 5.048   4.128   0.665   1.00 16.57 ? 197  HIS A CD2 1 
ATOM   934  C  CE1 . HIS A 1 118 ? 6.222   5.604   -0.456  1.00 16.23 ? 197  HIS A CE1 1 
ATOM   935  N  NE2 . HIS A 1 118 ? 6.312   4.553   0.338   1.00 15.51 ? 197  HIS A NE2 1 
ATOM   936  N  N   . GLU A 1 119 ? 2.196   2.024   -0.028  1.00 12.42 ? 198  GLU A N   1 
ATOM   937  C  CA  . GLU A 1 119 ? 2.654   0.654   0.126   1.00 13.62 ? 198  GLU A CA  1 
ATOM   938  C  C   . GLU A 1 119 ? 2.285   -0.217  -1.066  1.00 13.75 ? 198  GLU A C   1 
ATOM   939  O  O   . GLU A 1 119 ? 3.092   -1.033  -1.511  1.00 14.47 ? 198  GLU A O   1 
ATOM   940  C  CB  . GLU A 1 119 ? 2.093   0.044   1.412   1.00 15.51 ? 198  GLU A CB  1 
ATOM   941  C  CG  . GLU A 1 119 ? 2.575   0.741   2.688   1.00 13.19 ? 198  GLU A CG  1 
ATOM   942  C  CD  . GLU A 1 119 ? 4.075   0.931   2.705   1.00 17.20 ? 198  GLU A CD  1 
ATOM   943  O  OE1 . GLU A 1 119 ? 4.791   0.058   2.171   1.00 15.56 ? 198  GLU A OE1 1 
ATOM   944  O  OE2 . GLU A 1 119 ? 4.543   1.950   3.254   1.00 18.59 ? 198  GLU A OE2 1 
ATOM   945  N  N   . PHE A 1 120 ? 1.079   -0.048  -1.599  1.00 12.31 ? 199  PHE A N   1 
ATOM   946  C  CA  . PHE A 1 120 ? 0.675   -0.863  -2.739  1.00 12.84 ? 199  PHE A CA  1 
ATOM   947  C  C   . PHE A 1 120 ? 1.544   -0.583  -3.954  1.00 11.40 ? 199  PHE A C   1 
ATOM   948  O  O   . PHE A 1 120 ? 1.705   -1.442  -4.819  1.00 11.17 ? 199  PHE A O   1 
ATOM   949  C  CB  . PHE A 1 120 ? -0.804  -0.655  -3.060  1.00 13.27 ? 199  PHE A CB  1 
ATOM   950  C  CG  . PHE A 1 120 ? -1.723  -1.129  -1.975  1.00 13.26 ? 199  PHE A CG  1 
ATOM   951  C  CD1 . PHE A 1 120 ? -1.272  -2.028  -1.003  1.00 12.08 ? 199  PHE A CD1 1 
ATOM   952  C  CD2 . PHE A 1 120 ? -3.036  -0.675  -1.914  1.00 12.86 ? 199  PHE A CD2 1 
ATOM   953  C  CE1 . PHE A 1 120 ? -2.111  -2.464  0.013   1.00 13.54 ? 199  PHE A CE1 1 
ATOM   954  C  CE2 . PHE A 1 120 ? -3.887  -1.103  -0.900  1.00 12.01 ? 199  PHE A CE2 1 
ATOM   955  C  CZ  . PHE A 1 120 ? -3.430  -1.997  0.065   1.00 12.38 ? 199  PHE A CZ  1 
ATOM   956  N  N   . GLY A 1 121 ? 2.098   0.625   -4.017  1.00 11.40 ? 200  GLY A N   1 
ATOM   957  C  CA  . GLY A 1 121 ? 3.001   0.962   -5.099  1.00 10.24 ? 200  GLY A CA  1 
ATOM   958  C  C   . GLY A 1 121 ? 4.145   -0.035  -5.020  1.00 10.82 ? 200  GLY A C   1 
ATOM   959  O  O   . GLY A 1 121 ? 4.583   -0.581  -6.035  1.00 12.12 ? 200  GLY A O   1 
ATOM   960  N  N   . HIS A 1 122 ? 4.632   -0.274  -3.805  1.00 13.65 ? 201  HIS A N   1 
ATOM   961  C  CA  . HIS A 1 122 ? 5.711   -1.238  -3.586  1.00 12.71 ? 201  HIS A CA  1 
ATOM   962  C  C   . HIS A 1 122 ? 5.221   -2.643  -3.913  1.00 13.00 ? 201  HIS A C   1 
ATOM   963  O  O   . HIS A 1 122 ? 5.938   -3.435  -4.527  1.00 13.92 ? 201  HIS A O   1 
ATOM   964  C  CB  . HIS A 1 122 ? 6.183   -1.209  -2.129  1.00 14.19 ? 201  HIS A CB  1 
ATOM   965  C  CG  . HIS A 1 122 ? 6.938   0.026   -1.768  1.00 16.81 ? 201  HIS A CG  1 
ATOM   966  N  ND1 . HIS A 1 122 ? 7.998   0.490   -2.517  1.00 15.30 ? 201  HIS A ND1 1 
ATOM   967  C  CD2 . HIS A 1 122 ? 6.790   0.897   -0.743  1.00 15.28 ? 201  HIS A CD2 1 
ATOM   968  C  CE1 . HIS A 1 122 ? 8.470   1.594   -1.970  1.00 16.57 ? 201  HIS A CE1 1 
ATOM   969  N  NE2 . HIS A 1 122 ? 7.755   1.863   -0.894  1.00 15.65 ? 201  HIS A NE2 1 
ATOM   970  N  N   . SER A 1 123 ? 4.003   -2.953  -3.488  1.00 12.91 ? 202  SER A N   1 
ATOM   971  C  CA  . SER A 1 123 ? 3.415   -4.266  -3.737  1.00 13.11 ? 202  SER A CA  1 
ATOM   972  C  C   . SER A 1 123 ? 3.372   -4.580  -5.233  1.00 14.50 ? 202  SER A C   1 
ATOM   973  O  O   . SER A 1 123 ? 3.397   -5.744  -5.629  1.00 15.98 ? 202  SER A O   1 
ATOM   974  C  CB  . SER A 1 123 ? 1.992   -4.332  -3.171  1.00 11.97 ? 202  SER A CB  1 
ATOM   975  O  OG  . SER A 1 123 ? 1.994   -4.152  -1.767  1.00 11.59 ? 202  SER A OG  1 
ATOM   976  N  N   . LEU A 1 124 ? 3.317   -3.538  -6.058  1.00 14.44 ? 203  LEU A N   1 
ATOM   977  C  CA  . LEU A 1 124 ? 3.253   -3.699  -7.507  1.00 14.93 ? 203  LEU A CA  1 
ATOM   978  C  C   . LEU A 1 124 ? 4.604   -3.599  -8.197  1.00 15.21 ? 203  LEU A C   1 
ATOM   979  O  O   . LEU A 1 124 ? 4.694   -3.771  -9.412  1.00 16.35 ? 203  LEU A O   1 
ATOM   980  C  CB  . LEU A 1 124 ? 2.296   -2.669  -8.113  1.00 13.52 ? 203  LEU A CB  1 
ATOM   981  C  CG  . LEU A 1 124 ? 0.897   -2.676  -7.481  1.00 16.36 ? 203  LEU A CG  1 
ATOM   982  C  CD1 . LEU A 1 124 ? 0.042   -1.635  -8.175  1.00 12.10 ? 203  LEU A CD1 1 
ATOM   983  C  CD2 . LEU A 1 124 ? 0.262   -4.062  -7.593  1.00 16.24 ? 203  LEU A CD2 1 
ATOM   984  N  N   . GLY A 1 125 ? 5.647   -3.299  -7.432  1.00 16.50 ? 204  GLY A N   1 
ATOM   985  C  CA  . GLY A 1 125 ? 6.972   -3.232  -8.016  1.00 17.26 ? 204  GLY A CA  1 
ATOM   986  C  C   . GLY A 1 125 ? 7.614   -1.867  -8.091  1.00 18.08 ? 204  GLY A C   1 
ATOM   987  O  O   . GLY A 1 125 ? 8.717   -1.736  -8.619  1.00 18.59 ? 204  GLY A O   1 
ATOM   988  N  N   . LEU A 1 126 ? 6.941   -0.844  -7.577  1.00 16.60 ? 205  LEU A N   1 
ATOM   989  C  CA  . LEU A 1 126 ? 7.508   0.491   -7.606  1.00 18.52 ? 205  LEU A CA  1 
ATOM   990  C  C   . LEU A 1 126 ? 8.429   0.723   -6.428  1.00 19.05 ? 205  LEU A C   1 
ATOM   991  O  O   . LEU A 1 126 ? 8.165   0.257   -5.316  1.00 17.63 ? 205  LEU A O   1 
ATOM   992  C  CB  . LEU A 1 126 ? 6.413   1.559   -7.584  1.00 18.09 ? 205  LEU A CB  1 
ATOM   993  C  CG  . LEU A 1 126 ? 5.649   1.800   -8.881  1.00 21.30 ? 205  LEU A CG  1 
ATOM   994  C  CD1 . LEU A 1 126 ? 4.625   2.901   -8.655  1.00 21.66 ? 205  LEU A CD1 1 
ATOM   995  C  CD2 . LEU A 1 126 ? 6.619   2.208   -9.977  1.00 24.06 ? 205  LEU A CD2 1 
ATOM   996  N  N   . ALA A 1 127 ? 9.518   1.436   -6.694  1.00 18.87 ? 206  ALA A N   1 
ATOM   997  C  CA  . ALA A 1 127 ? 10.480  1.787   -5.665  1.00 20.00 ? 206  ALA A CA  1 
ATOM   998  C  C   . ALA A 1 127 ? 10.126  3.211   -5.286  1.00 19.34 ? 206  ALA A C   1 
ATOM   999  O  O   . ALA A 1 127 ? 9.146   3.766   -5.783  1.00 18.18 ? 206  ALA A O   1 
ATOM   1000 C  CB  . ALA A 1 127 ? 11.896  1.735   -6.216  1.00 21.63 ? 206  ALA A CB  1 
ATOM   1001 N  N   . HIS A 1 128 ? 10.924  3.804   -4.410  1.00 18.80 ? 207  HIS A N   1 
ATOM   1002 C  CA  . HIS A 1 128 ? 10.682  5.172   -3.993  1.00 19.89 ? 207  HIS A CA  1 
ATOM   1003 C  C   . HIS A 1 128 ? 11.059  6.144   -5.094  1.00 20.39 ? 207  HIS A C   1 
ATOM   1004 O  O   . HIS A 1 128 ? 11.903  5.851   -5.935  1.00 21.01 ? 207  HIS A O   1 
ATOM   1005 C  CB  . HIS A 1 128 ? 11.492  5.486   -2.742  1.00 18.91 ? 207  HIS A CB  1 
ATOM   1006 C  CG  . HIS A 1 128 ? 10.888  4.947   -1.488  1.00 19.28 ? 207  HIS A CG  1 
ATOM   1007 N  ND1 . HIS A 1 128 ? 11.647  4.514   -0.424  1.00 19.65 ? 207  HIS A ND1 1 
ATOM   1008 C  CD2 . HIS A 1 128 ? 9.596   4.807   -1.110  1.00 19.96 ? 207  HIS A CD2 1 
ATOM   1009 C  CE1 . HIS A 1 128 ? 10.851  4.131   0.556   1.00 22.26 ? 207  HIS A CE1 1 
ATOM   1010 N  NE2 . HIS A 1 128 ? 9.600   4.299   0.166   1.00 18.94 ? 207  HIS A NE2 1 
ATOM   1011 N  N   . SER A 1 129 ? 10.406  7.297   -5.088  1.00 20.02 ? 208  SER A N   1 
ATOM   1012 C  CA  . SER A 1 129 ? 10.676  8.337   -6.062  1.00 21.14 ? 208  SER A CA  1 
ATOM   1013 C  C   . SER A 1 129 ? 11.338  9.493   -5.330  1.00 22.21 ? 208  SER A C   1 
ATOM   1014 O  O   . SER A 1 129 ? 11.151  9.658   -4.125  1.00 20.13 ? 208  SER A O   1 
ATOM   1015 C  CB  . SER A 1 129 ? 9.376   8.822   -6.709  1.00 21.72 ? 208  SER A CB  1 
ATOM   1016 O  OG  . SER A 1 129 ? 9.597   10.008  -7.454  1.00 18.95 ? 208  SER A OG  1 
ATOM   1017 N  N   . SER A 1 130 ? 12.110  10.287  -6.062  1.00 23.70 ? 209  SER A N   1 
ATOM   1018 C  CA  . SER A 1 130 ? 12.790  11.439  -5.485  1.00 25.34 ? 209  SER A CA  1 
ATOM   1019 C  C   . SER A 1 130 ? 11.922  12.687  -5.616  1.00 25.88 ? 209  SER A C   1 
ATOM   1020 O  O   . SER A 1 130 ? 12.294  13.759  -5.145  1.00 25.78 ? 209  SER A O   1 
ATOM   1021 C  CB  . SER A 1 130 ? 14.133  11.661  -6.186  1.00 27.26 ? 209  SER A CB  1 
ATOM   1022 O  OG  . SER A 1 130 ? 13.961  11.738  -7.591  1.00 30.50 ? 209  SER A OG  1 
ATOM   1023 N  N   . ASP A 1 131 ? 10.767  12.538  -6.262  1.00 25.96 ? 210  ASP A N   1 
ATOM   1024 C  CA  . ASP A 1 131 ? 9.831   13.643  -6.454  1.00 26.46 ? 210  ASP A CA  1 
ATOM   1025 C  C   . ASP A 1 131 ? 9.060   13.822  -5.154  1.00 27.18 ? 210  ASP A C   1 
ATOM   1026 O  O   . ASP A 1 131 ? 8.315   12.934  -4.744  1.00 26.80 ? 210  ASP A O   1 
ATOM   1027 C  CB  . ASP A 1 131 ? 8.849   13.313  -7.585  1.00 26.85 ? 210  ASP A CB  1 
ATOM   1028 C  CG  . ASP A 1 131 ? 8.071   14.528  -8.070  1.00 27.52 ? 210  ASP A CG  1 
ATOM   1029 O  OD1 . ASP A 1 131 ? 7.641   15.356  -7.239  1.00 26.92 ? 210  ASP A OD1 1 
ATOM   1030 O  OD2 . ASP A 1 131 ? 7.876   14.643  -9.298  1.00 30.14 ? 210  ASP A OD2 1 
ATOM   1031 N  N   . PRO A 1 132 ? 9.228   14.972  -4.483  1.00 28.57 ? 211  PRO A N   1 
ATOM   1032 C  CA  . PRO A 1 132 ? 8.514   15.201  -3.222  1.00 28.72 ? 211  PRO A CA  1 
ATOM   1033 C  C   . PRO A 1 132 ? 6.994   15.176  -3.368  1.00 28.71 ? 211  PRO A C   1 
ATOM   1034 O  O   . PRO A 1 132 ? 6.273   14.921  -2.404  1.00 30.16 ? 211  PRO A O   1 
ATOM   1035 C  CB  . PRO A 1 132 ? 9.041   16.562  -2.771  1.00 29.99 ? 211  PRO A CB  1 
ATOM   1036 C  CG  . PRO A 1 132 ? 9.337   17.252  -4.075  1.00 30.04 ? 211  PRO A CG  1 
ATOM   1037 C  CD  . PRO A 1 132 ? 10.017  16.156  -4.863  1.00 29.65 ? 211  PRO A CD  1 
ATOM   1038 N  N   . GLY A 1 133 ? 6.510   15.433  -4.578  1.00 27.09 ? 212  GLY A N   1 
ATOM   1039 C  CA  . GLY A 1 133 ? 5.077   15.434  -4.807  1.00 25.13 ? 212  GLY A CA  1 
ATOM   1040 C  C   . GLY A 1 133 ? 4.526   14.069  -5.165  1.00 24.74 ? 212  GLY A C   1 
ATOM   1041 O  O   . GLY A 1 133 ? 3.314   13.889  -5.242  1.00 25.13 ? 212  GLY A O   1 
ATOM   1042 N  N   . ALA A 1 134 ? 5.414   13.105  -5.386  1.00 21.64 ? 213  ALA A N   1 
ATOM   1043 C  CA  . ALA A 1 134 ? 4.999   11.757  -5.744  1.00 19.56 ? 213  ALA A CA  1 
ATOM   1044 C  C   . ALA A 1 134 ? 4.540   10.944  -4.533  1.00 17.01 ? 213  ALA A C   1 
ATOM   1045 O  O   . ALA A 1 134 ? 5.060   11.093  -3.429  1.00 15.02 ? 213  ALA A O   1 
ATOM   1046 C  CB  . ALA A 1 134 ? 6.142   11.035  -6.445  1.00 20.47 ? 213  ALA A CB  1 
ATOM   1047 N  N   . LEU A 1 135 ? 3.558   10.079  -4.754  1.00 15.72 ? 214  LEU A N   1 
ATOM   1048 C  CA  . LEU A 1 135 ? 3.038   9.223   -3.698  1.00 15.12 ? 214  LEU A CA  1 
ATOM   1049 C  C   . LEU A 1 135 ? 4.154   8.294   -3.212  1.00 15.14 ? 214  LEU A C   1 
ATOM   1050 O  O   . LEU A 1 135 ? 4.235   7.951   -2.029  1.00 14.13 ? 214  LEU A O   1 
ATOM   1051 C  CB  . LEU A 1 135 ? 1.877   8.389   -4.245  1.00 17.59 ? 214  LEU A CB  1 
ATOM   1052 C  CG  . LEU A 1 135 ? 1.390   7.212   -3.406  1.00 19.48 ? 214  LEU A CG  1 
ATOM   1053 C  CD1 . LEU A 1 135 ? 0.788   7.718   -2.101  1.00 20.56 ? 214  LEU A CD1 1 
ATOM   1054 C  CD2 . LEU A 1 135 ? 0.358   6.429   -4.200  1.00 20.44 ? 214  LEU A CD2 1 
ATOM   1055 N  N   . MET A 1 136 ? 5.024   7.895   -4.128  1.00 13.23 ? 215  MET A N   1 
ATOM   1056 C  CA  . MET A 1 136 ? 6.103   6.992   -3.771  1.00 14.00 ? 215  MET A CA  1 
ATOM   1057 C  C   . MET A 1 136 ? 7.307   7.675   -3.132  1.00 15.87 ? 215  MET A C   1 
ATOM   1058 O  O   . MET A 1 136 ? 8.363   7.059   -2.977  1.00 14.95 ? 215  MET A O   1 
ATOM   1059 C  CB  . MET A 1 136 ? 6.533   6.179   -4.996  1.00 13.01 ? 215  MET A CB  1 
ATOM   1060 C  CG  . MET A 1 136 ? 5.433   5.240   -5.517  1.00 14.21 ? 215  MET A CG  1 
ATOM   1061 S  SD  . MET A 1 136 ? 4.625   4.275   -4.204  1.00 13.94 ? 215  MET A SD  1 
ATOM   1062 C  CE  . MET A 1 136 ? 6.024   3.276   -3.582  1.00 14.16 ? 215  MET A CE  1 
ATOM   1063 N  N   . TYR A 1 137 ? 7.149   8.945   -2.768  1.00 16.46 ? 216  TYR A N   1 
ATOM   1064 C  CA  . TYR A 1 137 ? 8.224   9.678   -2.105  1.00 18.35 ? 216  TYR A CA  1 
ATOM   1065 C  C   . TYR A 1 137 ? 8.503   8.881   -0.831  1.00 18.45 ? 216  TYR A C   1 
ATOM   1066 O  O   . TYR A 1 137 ? 7.589   8.291   -0.261  1.00 19.13 ? 216  TYR A O   1 
ATOM   1067 C  CB  . TYR A 1 137 ? 7.767   11.097  -1.753  1.00 18.07 ? 216  TYR A CB  1 
ATOM   1068 C  CG  . TYR A 1 137 ? 8.885   11.988  -1.260  1.00 18.68 ? 216  TYR A CG  1 
ATOM   1069 C  CD1 . TYR A 1 137 ? 10.036  12.175  -2.027  1.00 18.82 ? 216  TYR A CD1 1 
ATOM   1070 C  CD2 . TYR A 1 137 ? 8.808   12.626  -0.019  1.00 19.33 ? 216  TYR A CD2 1 
ATOM   1071 C  CE1 . TYR A 1 137 ? 11.088  12.969  -1.572  1.00 19.43 ? 216  TYR A CE1 1 
ATOM   1072 C  CE2 . TYR A 1 137 ? 9.860   13.430  0.447   1.00 19.32 ? 216  TYR A CE2 1 
ATOM   1073 C  CZ  . TYR A 1 137 ? 10.995  13.592  -0.338  1.00 21.09 ? 216  TYR A CZ  1 
ATOM   1074 O  OH  . TYR A 1 137 ? 12.046  14.369  0.092   1.00 21.47 ? 216  TYR A OH  1 
ATOM   1075 N  N   . PRO A 1 138 ? 9.761   8.846   -0.372  1.00 19.25 ? 217  PRO A N   1 
ATOM   1076 C  CA  . PRO A 1 138 ? 10.078  8.088   0.840   1.00 19.35 ? 217  PRO A CA  1 
ATOM   1077 C  C   . PRO A 1 138 ? 9.347   8.510   2.103   1.00 20.87 ? 217  PRO A C   1 
ATOM   1078 O  O   . PRO A 1 138 ? 9.039   7.670   2.944   1.00 23.09 ? 217  PRO A O   1 
ATOM   1079 C  CB  . PRO A 1 138 ? 11.586  8.259   0.972   1.00 18.50 ? 217  PRO A CB  1 
ATOM   1080 C  CG  . PRO A 1 138 ? 12.032  8.413   -0.441  1.00 18.45 ? 217  PRO A CG  1 
ATOM   1081 C  CD  . PRO A 1 138 ? 10.993  9.362   -0.991  1.00 18.46 ? 217  PRO A CD  1 
ATOM   1082 N  N   . ASN A 1 139 ? 9.071   9.799   2.248   1.00 20.64 ? 218  ASN A N   1 
ATOM   1083 C  CA  . ASN A 1 139 ? 8.395   10.266  3.454   1.00 21.59 ? 218  ASN A CA  1 
ATOM   1084 C  C   . ASN A 1 139 ? 6.931   10.604  3.300   1.00 21.00 ? 218  ASN A C   1 
ATOM   1085 O  O   . ASN A 1 139 ? 6.505   11.187  2.308   1.00 19.54 ? 218  ASN A O   1 
ATOM   1086 C  CB  . ASN A 1 139 ? 9.117   11.476  4.044   1.00 21.12 ? 218  ASN A CB  1 
ATOM   1087 C  CG  . ASN A 1 139 ? 10.492  11.128  4.564   1.00 23.80 ? 218  ASN A CG  1 
ATOM   1088 O  OD1 . ASN A 1 139 ? 10.711  10.025  5.068   1.00 25.45 ? 218  ASN A OD1 1 
ATOM   1089 N  ND2 . ASN A 1 139 ? 11.423  12.069  4.459   1.00 23.68 ? 218  ASN A ND2 1 
ATOM   1090 N  N   . TYR A 1 140 ? 6.170   10.218  4.314   1.00 22.85 ? 219  TYR A N   1 
ATOM   1091 C  CA  . TYR A 1 140 ? 4.749   10.469  4.372   1.00 24.88 ? 219  TYR A CA  1 
ATOM   1092 C  C   . TYR A 1 140 ? 4.492   11.964  4.348   1.00 27.32 ? 219  TYR A C   1 
ATOM   1093 O  O   . TYR A 1 140 ? 5.088   12.723  5.105   1.00 27.62 ? 219  TYR A O   1 
ATOM   1094 C  CB  . TYR A 1 140 ? 4.172   9.851   5.642   1.00 24.34 ? 219  TYR A CB  1 
ATOM   1095 C  CG  . TYR A 1 140 ? 2.739   10.223  5.904   1.00 23.64 ? 219  TYR A CG  1 
ATOM   1096 C  CD1 . TYR A 1 140 ? 2.418   11.353  6.656   1.00 22.24 ? 219  TYR A CD1 1 
ATOM   1097 C  CD2 . TYR A 1 140 ? 1.702   9.456   5.387   1.00 22.38 ? 219  TYR A CD2 1 
ATOM   1098 C  CE1 . TYR A 1 140 ? 1.099   11.709  6.886   1.00 22.46 ? 219  TYR A CE1 1 
ATOM   1099 C  CE2 . TYR A 1 140 ? 0.380   9.801   5.606   1.00 21.87 ? 219  TYR A CE2 1 
ATOM   1100 C  CZ  . TYR A 1 140 ? 0.084   10.927  6.356   1.00 22.07 ? 219  TYR A CZ  1 
ATOM   1101 O  OH  . TYR A 1 140 ? -1.227  11.268  6.557   1.00 19.70 ? 219  TYR A OH  1 
ATOM   1102 N  N   . ALA A 1 141 ? 3.600   12.372  3.457   1.00 29.98 ? 220  ALA A N   1 
ATOM   1103 C  CA  . ALA A 1 141 ? 3.222   13.765  3.299   1.00 33.76 ? 220  ALA A CA  1 
ATOM   1104 C  C   . ALA A 1 141 ? 1.783   13.736  2.827   1.00 35.98 ? 220  ALA A C   1 
ATOM   1105 O  O   . ALA A 1 141 ? 1.506   13.336  1.698   1.00 36.37 ? 220  ALA A O   1 
ATOM   1106 C  CB  . ALA A 1 141 ? 4.103   14.435  2.255   1.00 32.55 ? 220  ALA A CB  1 
ATOM   1107 N  N   . PHE A 1 142 ? 0.864   14.155  3.687   1.00 39.37 ? 221  PHE A N   1 
ATOM   1108 C  CA  . PHE A 1 142 ? -0.541  14.139  3.309   1.00 42.90 ? 221  PHE A CA  1 
ATOM   1109 C  C   . PHE A 1 142 ? -0.868  14.990  2.087   1.00 44.35 ? 221  PHE A C   1 
ATOM   1110 O  O   . PHE A 1 142 ? -0.306  16.068  1.887   1.00 46.11 ? 221  PHE A O   1 
ATOM   1111 C  CB  . PHE A 1 142 ? -1.439  14.603  4.457   1.00 43.01 ? 221  PHE A CB  1 
ATOM   1112 C  CG  . PHE A 1 142 ? -2.901  14.499  4.131   1.00 43.41 ? 221  PHE A CG  1 
ATOM   1113 C  CD1 . PHE A 1 142 ? -3.588  13.308  4.344   1.00 43.32 ? 221  PHE A CD1 1 
ATOM   1114 C  CD2 . PHE A 1 142 ? -3.561  15.548  3.499   1.00 43.42 ? 221  PHE A CD2 1 
ATOM   1115 C  CE1 . PHE A 1 142 ? -4.908  13.160  3.924   1.00 42.97 ? 221  PHE A CE1 1 
ATOM   1116 C  CE2 . PHE A 1 142 ? -4.878  15.412  3.076   1.00 43.18 ? 221  PHE A CE2 1 
ATOM   1117 C  CZ  . PHE A 1 142 ? -5.553  14.214  3.286   1.00 43.93 ? 221  PHE A CZ  1 
ATOM   1118 N  N   . ARG A 1 143 ? -1.798  14.483  1.286   1.00 45.34 ? 222  ARG A N   1 
ATOM   1119 C  CA  . ARG A 1 143 ? -2.277  15.151  0.084   1.00 46.19 ? 222  ARG A CA  1 
ATOM   1120 C  C   . ARG A 1 143 ? -3.789  14.968  0.067   1.00 47.02 ? 222  ARG A C   1 
ATOM   1121 O  O   . ARG A 1 143 ? -4.295  13.939  0.517   1.00 47.78 ? 222  ARG A O   1 
ATOM   1122 C  CB  . ARG A 1 143 ? -1.670  14.511  -1.163  1.00 46.32 ? 222  ARG A CB  1 
ATOM   1123 C  CG  . ARG A 1 143 ? -0.198  14.805  -1.363  1.00 46.10 ? 222  ARG A CG  1 
ATOM   1124 C  CD  . ARG A 1 143 ? 0.028   16.138  -2.063  1.00 44.93 ? 222  ARG A CD  1 
ATOM   1125 N  NE  . ARG A 1 143 ? 1.430   16.297  -2.432  1.00 44.87 ? 222  ARG A NE  1 
ATOM   1126 C  CZ  . ARG A 1 143 ? 2.370   16.770  -1.622  1.00 45.46 ? 222  ARG A CZ  1 
ATOM   1127 N  NH1 . ARG A 1 143 ? 2.060   17.144  -0.388  1.00 46.32 ? 222  ARG A NH1 1 
ATOM   1128 N  NH2 . ARG A 1 143 ? 3.627   16.847  -2.039  1.00 47.03 ? 222  ARG A NH2 1 
ATOM   1129 N  N   . GLU A 1 144 ? -4.506  15.964  -0.444  1.00 47.63 ? 223  GLU A N   1 
ATOM   1130 C  CA  . GLU A 1 144 ? -5.964  15.909  -0.506  1.00 47.29 ? 223  GLU A CA  1 
ATOM   1131 C  C   . GLU A 1 144 ? -6.481  14.553  -0.953  1.00 47.60 ? 223  GLU A C   1 
ATOM   1132 O  O   . GLU A 1 144 ? -6.603  14.287  -2.150  1.00 48.53 ? 223  GLU A O   1 
ATOM   1133 C  CB  . GLU A 1 144 ? -6.491  16.997  -1.442  1.00 47.98 ? 223  GLU A CB  1 
ATOM   1134 C  CG  . GLU A 1 144 ? -7.063  18.187  -0.704  1.00 47.56 ? 223  GLU A CG  1 
ATOM   1135 C  CD  . GLU A 1 144 ? -8.267  17.808  0.130   1.00 47.35 ? 223  GLU A CD  1 
ATOM   1136 O  OE1 . GLU A 1 144 ? -9.303  17.439  -0.462  1.00 47.98 ? 223  GLU A OE1 1 
ATOM   1137 O  OE2 . GLU A 1 144 ? -8.176  17.872  1.375   1.00 46.49 ? 223  GLU A OE2 1 
ATOM   1138 N  N   . THR A 1 145 ? -6.800  13.705  0.020   1.00 46.72 ? 224  THR A N   1 
ATOM   1139 C  CA  . THR A 1 145 ? -7.291  12.361  -0.251  1.00 45.86 ? 224  THR A CA  1 
ATOM   1140 C  C   . THR A 1 145 ? -8.634  12.317  -0.972  1.00 45.62 ? 224  THR A C   1 
ATOM   1141 O  O   . THR A 1 145 ? -8.901  11.376  -1.720  1.00 46.75 ? 224  THR A O   1 
ATOM   1142 C  CB  . THR A 1 145 ? -7.403  11.541  1.050   1.00 45.73 ? 224  THR A CB  1 
ATOM   1143 O  OG1 . THR A 1 145 ? -8.110  12.299  2.039   1.00 46.62 ? 224  THR A OG1 1 
ATOM   1144 C  CG2 . THR A 1 145 ? -6.026  11.192  1.574   1.00 45.92 ? 224  THR A CG2 1 
ATOM   1145 N  N   . SER A 1 146 ? -9.474  13.325  -0.756  1.00 45.08 ? 225  SER A N   1 
ATOM   1146 C  CA  . SER A 1 146 ? -10.786 13.369  -1.399  1.00 44.27 ? 225  SER A CA  1 
ATOM   1147 C  C   . SER A 1 146 ? -10.666 13.153  -2.905  1.00 44.07 ? 225  SER A C   1 
ATOM   1148 O  O   . SER A 1 146 ? -10.871 12.044  -3.399  1.00 44.19 ? 225  SER A O   1 
ATOM   1149 C  CB  . SER A 1 146 ? -11.478 14.710  -1.122  1.00 44.28 ? 225  SER A CB  1 
ATOM   1150 O  OG  . SER A 1 146 ? -10.778 15.791  -1.714  1.00 43.77 ? 225  SER A OG  1 
ATOM   1151 N  N   . ASN A 1 147 ? -10.332 14.216  -3.629  1.00 43.90 ? 226  ASN A N   1 
ATOM   1152 C  CA  . ASN A 1 147 ? -10.175 14.148  -5.079  1.00 44.13 ? 226  ASN A CA  1 
ATOM   1153 C  C   . ASN A 1 147 ? -8.772  13.645  -5.405  1.00 43.31 ? 226  ASN A C   1 
ATOM   1154 O  O   . ASN A 1 147 ? -8.299  13.799  -6.531  1.00 43.83 ? 226  ASN A O   1 
ATOM   1155 C  CB  . ASN A 1 147 ? -10.337 15.540  -5.690  1.00 45.16 ? 226  ASN A CB  1 
ATOM   1156 C  CG  . ASN A 1 147 ? -11.285 16.415  -4.904  1.00 45.99 ? 226  ASN A CG  1 
ATOM   1157 O  OD1 . ASN A 1 147 ? -12.504 16.299  -5.028  1.00 47.71 ? 226  ASN A OD1 1 
ATOM   1158 N  ND2 . ASN A 1 147 ? -10.728 17.291  -4.075  1.00 46.43 ? 226  ASN A ND2 1 
ATOM   1159 N  N   . TYR A 1 148 ? -8.107  13.055  -4.416  1.00 42.34 ? 227  TYR A N   1 
ATOM   1160 C  CA  . TYR A 1 148 ? -6.747  12.569  -4.603  1.00 41.04 ? 227  TYR A CA  1 
ATOM   1161 C  C   . TYR A 1 148 ? -6.577  11.672  -5.814  1.00 40.69 ? 227  TYR A C   1 
ATOM   1162 O  O   . TYR A 1 148 ? -7.045  10.533  -5.829  1.00 42.27 ? 227  TYR A O   1 
ATOM   1163 C  CB  . TYR A 1 148 ? -6.259  11.810  -3.372  1.00 40.76 ? 227  TYR A CB  1 
ATOM   1164 C  CG  . TYR A 1 148 ? -4.781  11.506  -3.429  1.00 39.69 ? 227  TYR A CG  1 
ATOM   1165 C  CD1 . TYR A 1 148 ? -3.843  12.535  -3.395  1.00 39.57 ? 227  TYR A CD1 1 
ATOM   1166 C  CD2 . TYR A 1 148 ? -4.319  10.196  -3.541  1.00 39.98 ? 227  TYR A CD2 1 
ATOM   1167 C  CE1 . TYR A 1 148 ? -2.479  12.270  -3.471  1.00 40.18 ? 227  TYR A CE1 1 
ATOM   1168 C  CE2 . TYR A 1 148 ? -2.954  9.919   -3.617  1.00 39.16 ? 227  TYR A CE2 1 
ATOM   1169 C  CZ  . TYR A 1 148 ? -2.042  10.962  -3.581  1.00 39.59 ? 227  TYR A CZ  1 
ATOM   1170 O  OH  . TYR A 1 148 ? -0.693  10.709  -3.649  1.00 39.74 ? 227  TYR A OH  1 
ATOM   1171 N  N   . SER A 1 149 ? -5.899  12.196  -6.826  1.00 39.06 ? 228  SER A N   1 
ATOM   1172 C  CA  . SER A 1 149 ? -5.636  11.438  -8.035  1.00 37.35 ? 228  SER A CA  1 
ATOM   1173 C  C   . SER A 1 149 ? -4.144  11.140  -8.043  1.00 34.47 ? 228  SER A C   1 
ATOM   1174 O  O   . SER A 1 149 ? -3.323  12.048  -7.909  1.00 36.96 ? 228  SER A O   1 
ATOM   1175 C  CB  . SER A 1 149 ? -6.003  12.253  -9.276  1.00 38.45 ? 228  SER A CB  1 
ATOM   1176 O  OG  . SER A 1 149 ? -5.097  13.326  -9.461  1.00 39.78 ? 228  SER A OG  1 
ATOM   1177 N  N   . LEU A 1 150 ? -3.804  9.866   -8.183  1.00 30.19 ? 229  LEU A N   1 
ATOM   1178 C  CA  . LEU A 1 150 ? -2.414  9.424   -8.217  1.00 25.44 ? 229  LEU A CA  1 
ATOM   1179 C  C   . LEU A 1 150 ? -1.535  10.473  -8.901  1.00 23.98 ? 229  LEU A C   1 
ATOM   1180 O  O   . LEU A 1 150 ? -1.823  10.893  -10.021 1.00 24.22 ? 229  LEU A O   1 
ATOM   1181 C  CB  . LEU A 1 150 ? -2.337  8.095   -8.971  1.00 24.53 ? 229  LEU A CB  1 
ATOM   1182 C  CG  . LEU A 1 150 ? -1.028  7.309   -8.970  1.00 22.64 ? 229  LEU A CG  1 
ATOM   1183 C  CD1 . LEU A 1 150 ? -0.618  6.975   -7.546  1.00 21.74 ? 229  LEU A CD1 1 
ATOM   1184 C  CD2 . LEU A 1 150 ? -1.219  6.041   -9.774  1.00 20.61 ? 229  LEU A CD2 1 
ATOM   1185 N  N   . PRO A 1 151 ? -0.458  10.923  -8.229  1.00 22.34 ? 230  PRO A N   1 
ATOM   1186 C  CA  . PRO A 1 151 ? 0.431   11.930  -8.819  1.00 21.18 ? 230  PRO A CA  1 
ATOM   1187 C  C   . PRO A 1 151 ? 0.968   11.465  -10.167 1.00 20.63 ? 230  PRO A C   1 
ATOM   1188 O  O   . PRO A 1 151 ? 1.094   10.270  -10.409 1.00 17.47 ? 230  PRO A O   1 
ATOM   1189 C  CB  . PRO A 1 151 ? 1.533   12.073  -7.776  1.00 21.43 ? 230  PRO A CB  1 
ATOM   1190 C  CG  . PRO A 1 151 ? 0.811   11.789  -6.492  1.00 22.87 ? 230  PRO A CG  1 
ATOM   1191 C  CD  . PRO A 1 151 ? -0.035  10.594  -6.857  1.00 23.25 ? 230  PRO A CD  1 
ATOM   1192 N  N   . GLN A 1 152 ? 1.301   12.407  -11.041 1.00 21.19 ? 231  GLN A N   1 
ATOM   1193 C  CA  . GLN A 1 152 ? 1.788   12.029  -12.360 1.00 18.16 ? 231  GLN A CA  1 
ATOM   1194 C  C   . GLN A 1 152 ? 3.050   11.176  -12.332 1.00 18.36 ? 231  GLN A C   1 
ATOM   1195 O  O   . GLN A 1 152 ? 3.185   10.248  -13.129 1.00 18.08 ? 231  GLN A O   1 
ATOM   1196 C  CB  . GLN A 1 152 ? 2.030   13.263  -13.225 1.00 20.26 ? 231  GLN A CB  1 
ATOM   1197 C  CG  . GLN A 1 152 ? 1.873   12.964  -14.710 1.00 22.42 ? 231  GLN A CG  1 
ATOM   1198 C  CD  . GLN A 1 152 ? 0.443   12.601  -15.070 1.00 24.32 ? 231  GLN A CD  1 
ATOM   1199 O  OE1 . GLN A 1 152 ? 0.191   11.624  -15.787 1.00 23.88 ? 231  GLN A OE1 1 
ATOM   1200 N  NE2 . GLN A 1 152 ? -0.507  13.390  -14.574 1.00 22.50 ? 231  GLN A NE2 1 
ATOM   1201 N  N   . ASP A 1 153 ? 3.974   11.476  -11.422 1.00 17.31 ? 232  ASP A N   1 
ATOM   1202 C  CA  . ASP A 1 153 ? 5.205   10.695  -11.352 1.00 16.31 ? 232  ASP A CA  1 
ATOM   1203 C  C   . ASP A 1 153 ? 4.905   9.232   -11.061 1.00 14.76 ? 232  ASP A C   1 
ATOM   1204 O  O   . ASP A 1 153 ? 5.558   8.339   -11.587 1.00 15.10 ? 232  ASP A O   1 
ATOM   1205 C  CB  . ASP A 1 153 ? 6.141   11.223  -10.268 1.00 16.41 ? 232  ASP A CB  1 
ATOM   1206 C  CG  . ASP A 1 153 ? 7.470   10.491  -10.261 1.00 21.77 ? 232  ASP A CG  1 
ATOM   1207 O  OD1 . ASP A 1 153 ? 8.220   10.633  -11.247 1.00 20.16 ? 232  ASP A OD1 1 
ATOM   1208 O  OD2 . ASP A 1 153 ? 7.762   9.764   -9.286  1.00 21.33 ? 232  ASP A OD2 1 
ATOM   1209 N  N   . ASP A 1 154 ? 3.917   8.996   -10.211 1.00 14.82 ? 233  ASP A N   1 
ATOM   1210 C  CA  . ASP A 1 154 ? 3.546   7.633   -9.852  1.00 14.35 ? 233  ASP A CA  1 
ATOM   1211 C  C   . ASP A 1 154 ? 2.875   6.932   -11.021 1.00 14.85 ? 233  ASP A C   1 
ATOM   1212 O  O   . ASP A 1 154 ? 3.029   5.724   -11.202 1.00 15.95 ? 233  ASP A O   1 
ATOM   1213 C  CB  . ASP A 1 154 ? 2.635   7.664   -8.638  1.00 14.96 ? 233  ASP A CB  1 
ATOM   1214 C  CG  . ASP A 1 154 ? 3.266   8.395   -7.480  1.00 17.44 ? 233  ASP A CG  1 
ATOM   1215 O  OD1 . ASP A 1 154 ? 4.302   7.913   -6.971  1.00 18.98 ? 233  ASP A OD1 1 
ATOM   1216 O  OD2 . ASP A 1 154 ? 2.737   9.457   -7.092  1.00 18.14 ? 233  ASP A OD2 1 
ATOM   1217 N  N   . ILE A 1 155 ? 2.119   7.686   -11.809 1.00 14.20 ? 234  ILE A N   1 
ATOM   1218 C  CA  . ILE A 1 155 ? 1.476   7.116   -12.984 1.00 13.88 ? 234  ILE A CA  1 
ATOM   1219 C  C   . ILE A 1 155 ? 2.587   6.695   -13.952 1.00 13.78 ? 234  ILE A C   1 
ATOM   1220 O  O   . ILE A 1 155 ? 2.541   5.610   -14.519 1.00 13.18 ? 234  ILE A O   1 
ATOM   1221 C  CB  . ILE A 1 155 ? 0.550   8.144   -13.657 1.00 14.69 ? 234  ILE A CB  1 
ATOM   1222 C  CG1 . ILE A 1 155 ? -0.684  8.369   -12.774 1.00 14.57 ? 234  ILE A CG1 1 
ATOM   1223 C  CG2 . ILE A 1 155 ? 0.150   7.670   -15.049 1.00 13.85 ? 234  ILE A CG2 1 
ATOM   1224 C  CD1 . ILE A 1 155 ? -1.517  9.565   -13.173 1.00 16.35 ? 234  ILE A CD1 1 
ATOM   1225 N  N   . ASP A 1 156 ? 3.587   7.556   -14.135 1.00 15.55 ? 235  ASP A N   1 
ATOM   1226 C  CA  . ASP A 1 156 ? 4.697   7.220   -15.027 1.00 17.33 ? 235  ASP A CA  1 
ATOM   1227 C  C   . ASP A 1 156 ? 5.381   5.955   -14.520 1.00 17.19 ? 235  ASP A C   1 
ATOM   1228 O  O   . ASP A 1 156 ? 5.753   5.079   -15.295 1.00 16.62 ? 235  ASP A O   1 
ATOM   1229 C  CB  . ASP A 1 156 ? 5.737   8.348   -15.082 1.00 17.72 ? 235  ASP A CB  1 
ATOM   1230 C  CG  . ASP A 1 156 ? 5.154   9.670   -15.536 1.00 19.66 ? 235  ASP A CG  1 
ATOM   1231 O  OD1 . ASP A 1 156 ? 4.095   9.662   -16.187 1.00 20.10 ? 235  ASP A OD1 1 
ATOM   1232 O  OD2 . ASP A 1 156 ? 5.769   10.719  -15.257 1.00 20.03 ? 235  ASP A OD2 1 
ATOM   1233 N  N   . GLY A 1 157 ? 5.551   5.873   -13.206 1.00 17.33 ? 236  GLY A N   1 
ATOM   1234 C  CA  . GLY A 1 157 ? 6.204   4.718   -12.618 1.00 16.56 ? 236  GLY A CA  1 
ATOM   1235 C  C   . GLY A 1 157 ? 5.497   3.402   -12.872 1.00 17.84 ? 236  GLY A C   1 
ATOM   1236 O  O   . GLY A 1 157 ? 6.113   2.435   -13.309 1.00 16.52 ? 236  GLY A O   1 
ATOM   1237 N  N   . ILE A 1 158 ? 4.199   3.366   -12.591 1.00 16.43 ? 237  ILE A N   1 
ATOM   1238 C  CA  . ILE A 1 158 ? 3.405   2.161   -12.771 1.00 15.46 ? 237  ILE A CA  1 
ATOM   1239 C  C   . ILE A 1 158 ? 3.233   1.838   -14.263 1.00 15.55 ? 237  ILE A C   1 
ATOM   1240 O  O   . ILE A 1 158 ? 3.189   0.673   -14.658 1.00 13.17 ? 237  ILE A O   1 
ATOM   1241 C  CB  . ILE A 1 158 ? 2.028   2.338   -12.061 1.00 17.38 ? 237  ILE A CB  1 
ATOM   1242 C  CG1 . ILE A 1 158 ? 1.475   0.979   -11.628 1.00 20.12 ? 237  ILE A CG1 1 
ATOM   1243 C  CG2 . ILE A 1 158 ? 1.060   3.089   -12.959 1.00 19.06 ? 237  ILE A CG2 1 
ATOM   1244 C  CD1 . ILE A 1 158 ? 1.155   0.061   -12.757 1.00 26.54 ? 237  ILE A CD1 1 
ATOM   1245 N  N   . GLN A 1 159 ? 3.149   2.877   -15.088 1.00 15.60 ? 238  GLN A N   1 
ATOM   1246 C  CA  . GLN A 1 159 ? 3.008   2.701   -16.532 1.00 15.22 ? 238  GLN A CA  1 
ATOM   1247 C  C   . GLN A 1 159 ? 4.307   2.114   -17.100 1.00 17.38 ? 238  GLN A C   1 
ATOM   1248 O  O   . GLN A 1 159 ? 4.290   1.303   -18.026 1.00 16.86 ? 238  GLN A O   1 
ATOM   1249 C  CB  . GLN A 1 159 ? 2.715   4.053   -17.186 1.00 15.08 ? 238  GLN A CB  1 
ATOM   1250 C  CG  . GLN A 1 159 ? 1.249   4.468   -17.160 1.00 12.83 ? 238  GLN A CG  1 
ATOM   1251 C  CD  . GLN A 1 159 ? 0.458   3.838   -18.295 1.00 12.54 ? 238  GLN A CD  1 
ATOM   1252 O  OE1 . GLN A 1 159 ? 0.894   3.864   -19.441 1.00 12.92 ? 238  GLN A OE1 1 
ATOM   1253 N  NE2 . GLN A 1 159 ? -0.708  3.275   -17.983 1.00 12.19 ? 238  GLN A NE2 1 
ATOM   1254 N  N   . ALA A 1 160 ? 5.432   2.522   -16.526 1.00 18.13 ? 239  ALA A N   1 
ATOM   1255 C  CA  . ALA A 1 160 ? 6.738   2.045   -16.967 1.00 21.45 ? 239  ALA A CA  1 
ATOM   1256 C  C   . ALA A 1 160 ? 6.881   0.550   -16.736 1.00 22.81 ? 239  ALA A C   1 
ATOM   1257 O  O   . ALA A 1 160 ? 7.509   -0.159  -17.526 1.00 23.77 ? 239  ALA A O   1 
ATOM   1258 C  CB  . ALA A 1 160 ? 7.845   2.796   -16.225 1.00 21.57 ? 239  ALA A CB  1 
ATOM   1259 N  N   . ILE A 1 161 ? 6.288   0.074   -15.650 1.00 21.75 ? 240  ILE A N   1 
ATOM   1260 C  CA  . ILE A 1 161 ? 6.359   -1.335  -15.295 1.00 22.00 ? 240  ILE A CA  1 
ATOM   1261 C  C   . ILE A 1 161 ? 5.350   -2.204  -16.036 1.00 22.34 ? 240  ILE A C   1 
ATOM   1262 O  O   . ILE A 1 161 ? 5.710   -3.218  -16.630 1.00 23.90 ? 240  ILE A O   1 
ATOM   1263 C  CB  . ILE A 1 161 ? 6.126   -1.537  -13.776 1.00 20.09 ? 240  ILE A CB  1 
ATOM   1264 C  CG1 . ILE A 1 161 ? 7.178   -0.770  -12.974 1.00 22.70 ? 240  ILE A CG1 1 
ATOM   1265 C  CG2 . ILE A 1 161 ? 6.169   -3.014  -13.431 1.00 22.86 ? 240  ILE A CG2 1 
ATOM   1266 C  CD1 . ILE A 1 161 ? 6.969   -0.829  -11.465 1.00 21.91 ? 240  ILE A CD1 1 
ATOM   1267 N  N   . TYR A 1 162 ? 4.088   -1.789  -16.006 1.00 22.09 ? 241  TYR A N   1 
ATOM   1268 C  CA  . TYR A 1 162 ? 3.001   -2.554  -16.611 1.00 24.56 ? 241  TYR A CA  1 
ATOM   1269 C  C   . TYR A 1 162 ? 2.479   -2.058  -17.938 1.00 27.33 ? 241  TYR A C   1 
ATOM   1270 O  O   . TYR A 1 162 ? 1.748   -2.768  -18.622 1.00 29.89 ? 241  TYR A O   1 
ATOM   1271 C  CB  . TYR A 1 162 ? 1.837   -2.630  -15.624 1.00 21.40 ? 241  TYR A CB  1 
ATOM   1272 C  CG  . TYR A 1 162 ? 2.208   -3.361  -14.368 1.00 18.07 ? 241  TYR A CG  1 
ATOM   1273 C  CD1 . TYR A 1 162 ? 2.180   -4.752  -14.319 1.00 18.22 ? 241  TYR A CD1 1 
ATOM   1274 C  CD2 . TYR A 1 162 ? 2.647   -2.670  -13.244 1.00 19.54 ? 241  TYR A CD2 1 
ATOM   1275 C  CE1 . TYR A 1 162 ? 2.585   -5.432  -13.181 1.00 16.30 ? 241  TYR A CE1 1 
ATOM   1276 C  CE2 . TYR A 1 162 ? 3.054   -3.339  -12.107 1.00 16.89 ? 241  TYR A CE2 1 
ATOM   1277 C  CZ  . TYR A 1 162 ? 3.024   -4.715  -12.080 1.00 17.33 ? 241  TYR A CZ  1 
ATOM   1278 O  OH  . TYR A 1 162 ? 3.466   -5.376  -10.960 1.00 18.92 ? 241  TYR A OH  1 
ATOM   1279 N  N   . GLY A 1 163 ? 2.840   -0.841  -18.305 1.00 30.18 ? 242  GLY A N   1 
ATOM   1280 C  CA  . GLY A 1 163 ? 2.351   -0.319  -19.558 1.00 33.06 ? 242  GLY A CA  1 
ATOM   1281 C  C   . GLY A 1 163 ? 1.077   0.450   -19.301 1.00 34.12 ? 242  GLY A C   1 
ATOM   1282 O  O   . GLY A 1 163 ? 0.005   -0.173  -19.126 1.00 34.42 ? 242  GLY A O   1 
ATOM   1283 O  OXT . GLY A 1 163 ? 1.158   1.683   -19.258 1.00 35.17 ? 242  GLY A OXT 1 
HETATM 1284 CA CA  . CA  B 2 .   ? 1.864   -12.102 -1.164  1.00 22.55 ? 996  CA  A CA  1 
HETATM 1285 CA CA  . CA  C 2 .   ? 5.892   3.007   13.631  1.00 15.66 ? 997  CA  A CA  1 
HETATM 1286 ZN ZN  . ZN  D 3 .   ? 5.975   -6.704  7.976   1.00 13.57 ? 998  ZN  A ZN  1 
HETATM 1287 ZN ZN  . ZN  E 3 .   ? 7.868   3.209   0.662   1.00 19.69 ? 999  ZN  A ZN  1 
HETATM 1288 C  C1  . 2NI F 4 .   ? 6.732   6.325   4.008   1.00 38.06 ? 1000 2NI A C1  1 
HETATM 1289 C  C2  . 2NI F 4 .   ? 7.443   5.467   4.902   1.00 39.61 ? 1000 2NI A C2  1 
HETATM 1290 C  C3  . 2NI F 4 .   ? 6.747   4.467   5.673   1.00 38.45 ? 1000 2NI A C3  1 
HETATM 1291 C  C4  . 2NI F 4 .   ? 5.321   4.358   5.512   1.00 38.26 ? 1000 2NI A C4  1 
HETATM 1292 C  C5  . 2NI F 4 .   ? 4.608   5.221   4.616   1.00 37.27 ? 1000 2NI A C5  1 
HETATM 1293 C  C6  . 2NI F 4 .   ? 5.307   6.223   3.849   1.00 36.09 ? 1000 2NI A C6  1 
HETATM 1294 C  C7  . 2NI F 4 .   ? 4.560   7.151   2.909   1.00 35.36 ? 1000 2NI A C7  1 
HETATM 1295 C  C8  . 2NI F 4 .   ? 3.115   7.205   2.916   1.00 34.38 ? 1000 2NI A C8  1 
HETATM 1296 C  C9  . 2NI F 4 .   ? 2.409   8.094   2.042   1.00 34.81 ? 1000 2NI A C9  1 
HETATM 1297 C  C10 . 2NI F 4 .   ? 3.138   8.944   1.146   1.00 35.55 ? 1000 2NI A C10 1 
HETATM 1298 C  C11 . 2NI F 4 .   ? 4.566   8.903   1.119   1.00 34.08 ? 1000 2NI A C11 1 
HETATM 1299 C  C12 . 2NI F 4 .   ? 5.273   8.019   1.989   1.00 34.78 ? 1000 2NI A C12 1 
HETATM 1300 C  C13 . 2NI F 4 .   ? 2.409   9.859   0.263   1.00 36.04 ? 1000 2NI A C13 1 
HETATM 1301 N  N1  . 2NI F 4 .   ? 1.835   10.597  -0.407  1.00 39.53 ? 1000 2NI A N1  1 
HETATM 1302 O  O1  . 2NI F 4 .   ? 7.470   3.602   6.594   1.00 39.50 ? 1000 2NI A O1  1 
HETATM 1303 C  C14 . 2NI F 4 .   ? 8.837   3.295   6.208   1.00 40.21 ? 1000 2NI A C14 1 
HETATM 1304 C  C15 . 2NI F 4 .   ? 9.020   1.908   5.587   1.00 40.21 ? 1000 2NI A C15 1 
HETATM 1305 N  N2  . 2NI F 4 .   ? 10.338  1.836   4.773   1.00 40.75 ? 1000 2NI A N2  1 
HETATM 1306 C  C16 . 2NI F 4 .   ? 11.260  0.968   5.574   1.00 39.53 ? 1000 2NI A C16 1 
HETATM 1307 C  C17 . 2NI F 4 .   ? 9.962   1.258   3.464   1.00 40.82 ? 1000 2NI A C17 1 
HETATM 1308 O  O2  . 2NI F 4 .   ? 10.888  0.793   2.774   1.00 42.07 ? 1000 2NI A O2  1 
HETATM 1309 N  N3  . 2NI F 4 .   ? 8.607   1.235   2.987   1.00 41.24 ? 1000 2NI A N3  1 
HETATM 1310 O  O3  . 2NI F 4 .   ? 7.811   2.457   2.796   1.00 36.40 ? 1000 2NI A O3  1 
HETATM 1311 O  O   . HOH G 5 .   ? 4.894   -1.345  16.226  1.00 15.04 ? 1001 HOH A O   1 
HETATM 1312 O  O   . HOH G 5 .   ? 8.703   -8.543  11.792  1.00 15.14 ? 1002 HOH A O   1 
HETATM 1313 O  O   . HOH G 5 .   ? 5.578   -8.123  18.532  1.00 11.95 ? 1003 HOH A O   1 
HETATM 1314 O  O   . HOH G 5 .   ? 4.658   -11.362 8.581   1.00 20.15 ? 1004 HOH A O   1 
HETATM 1315 O  O   . HOH G 5 .   ? 8.292   5.185   -8.168  1.00 32.27 ? 1005 HOH A O   1 
HETATM 1316 O  O   . HOH G 5 .   ? 8.324   2.296   23.488  1.00 37.04 ? 1006 HOH A O   1 
HETATM 1317 O  O   . HOH G 5 .   ? 6.562   6.020   -17.725 1.00 23.11 ? 1007 HOH A O   1 
HETATM 1318 O  O   . HOH G 5 .   ? -10.304 -9.162  3.083   1.00 21.44 ? 1008 HOH A O   1 
HETATM 1319 O  O   . HOH G 5 .   ? 6.620   7.322   -8.273  1.00 21.15 ? 1009 HOH A O   1 
HETATM 1320 O  O   . HOH G 5 .   ? 1.149   7.321   15.192  1.00 24.34 ? 1010 HOH A O   1 
HETATM 1321 O  O   . HOH G 5 .   ? 8.208   -7.322  19.208  1.00 24.45 ? 1011 HOH A O   1 
HETATM 1322 O  O   . HOH G 5 .   ? 4.005   13.908  -9.805  1.00 30.41 ? 1012 HOH A O   1 
HETATM 1323 O  O   . HOH G 5 .   ? 12.784  12.119  -10.767 1.00 45.47 ? 1013 HOH A O   1 
HETATM 1324 O  O   . HOH G 5 .   ? 2.556   2.195   -21.137 1.00 35.77 ? 1014 HOH A O   1 
HETATM 1325 O  O   . HOH G 5 .   ? 8.585   3.314   19.898  1.00 33.21 ? 1015 HOH A O   1 
HETATM 1326 O  O   . HOH G 5 .   ? 10.868  -1.872  -11.448 1.00 45.93 ? 1016 HOH A O   1 
HETATM 1327 O  O   . HOH G 5 .   ? 13.476  9.601   -9.220  1.00 42.61 ? 1017 HOH A O   1 
HETATM 1328 O  O   . HOH G 5 .   ? -9.326  -2.745  -9.007  1.00 34.74 ? 1018 HOH A O   1 
HETATM 1329 O  O   . HOH G 5 .   ? -1.241  13.535  7.905   1.00 26.15 ? 1019 HOH A O   1 
HETATM 1330 O  O   . HOH G 5 .   ? -5.044  7.195   -10.366 1.00 31.85 ? 1020 HOH A O   1 
HETATM 1331 O  O   . HOH G 5 .   ? 9.164   -14.892 -5.459  1.00 38.05 ? 1021 HOH A O   1 
HETATM 1332 O  O   . HOH G 5 .   ? 14.264  5.062   -0.607  1.00 34.03 ? 1022 HOH A O   1 
HETATM 1333 O  O   . HOH G 5 .   ? 10.826  -5.752  19.734  1.00 35.33 ? 1023 HOH A O   1 
HETATM 1334 O  O   . HOH G 5 .   ? 0.714   15.076  -10.490 1.00 31.27 ? 1024 HOH A O   1 
HETATM 1335 O  O   . HOH G 5 .   ? 10.605  -11.573 5.963   1.00 37.97 ? 1025 HOH A O   1 
HETATM 1336 O  O   . HOH G 5 .   ? -17.140 -1.514  10.081  1.00 31.16 ? 1026 HOH A O   1 
HETATM 1337 O  O   . HOH G 5 .   ? 9.451   -9.992  -2.202  1.00 33.83 ? 1027 HOH A O   1 
HETATM 1338 O  O   . HOH G 5 .   ? -4.610  -5.700  16.751  1.00 43.57 ? 1028 HOH A O   1 
HETATM 1339 O  O   . HOH G 5 .   ? 15.259  -5.504  8.266   1.00 38.80 ? 1029 HOH A O   1 
HETATM 1340 O  O   . HOH G 5 .   ? -0.121  10.468  15.563  1.00 43.37 ? 1030 HOH A O   1 
HETATM 1341 O  O   . HOH G 5 .   ? 7.906   9.822   12.502  1.00 40.23 ? 1031 HOH A O   1 
HETATM 1342 O  O   . HOH G 5 .   ? -0.796  14.901  -4.593  1.00 47.03 ? 1032 HOH A O   1 
HETATM 1343 O  O   . HOH G 5 .   ? -13.961 10.070  8.339   1.00 50.15 ? 1033 HOH A O   1 
HETATM 1344 O  O   . HOH G 5 .   ? -8.506  5.156   -16.117 1.00 37.42 ? 1034 HOH A O   1 
HETATM 1345 O  O   . HOH G 5 .   ? 13.281  -7.465  16.815  1.00 49.81 ? 1035 HOH A O   1 
HETATM 1346 O  O   . HOH G 5 .   ? -11.234 -12.917 -9.718  1.00 41.36 ? 1036 HOH A O   1 
HETATM 1347 O  O   . HOH G 5 .   ? -13.011 -6.650  -5.000  1.00 39.50 ? 1037 HOH A O   1 
HETATM 1348 O  O   . HOH G 5 .   ? 12.352  -1.673  13.753  1.00 50.29 ? 1038 HOH A O   1 
HETATM 1349 O  O   . HOH G 5 .   ? 11.690  14.548  2.790   1.00 39.32 ? 1039 HOH A O   1 
HETATM 1350 O  O   . HOH G 5 .   ? -6.032  -14.407 9.170   1.00 46.58 ? 1040 HOH A O   1 
HETATM 1351 O  O   . HOH G 5 .   ? 10.317  -4.757  -1.081  1.00 49.35 ? 1041 HOH A O   1 
HETATM 1352 O  O   . HOH G 5 .   ? -5.974  -15.674 -4.573  1.00 43.75 ? 1042 HOH A O   1 
HETATM 1353 O  O   . HOH G 5 .   ? 12.500  -1.883  4.836   1.00 48.64 ? 1043 HOH A O   1 
HETATM 1354 O  O   . HOH G 5 .   ? -2.590  14.935  12.866  1.00 39.29 ? 1044 HOH A O   1 
HETATM 1355 O  O   . HOH G 5 .   ? 10.468  -7.095  -0.775  1.00 32.86 ? 1045 HOH A O   1 
HETATM 1356 O  O   . HOH G 5 .   ? 6.052   -14.058 7.431   1.00 39.64 ? 1046 HOH A O   1 
HETATM 1357 O  O   . HOH G 5 .   ? -7.457  -5.794  15.730  1.00 45.61 ? 1047 HOH A O   1 
HETATM 1358 O  O   . HOH G 5 .   ? 8.354   -0.369  -20.069 1.00 49.19 ? 1048 HOH A O   1 
HETATM 1359 O  O   . HOH G 5 .   ? 13.578  1.990   1.610   1.00 46.87 ? 1049 HOH A O   1 
HETATM 1360 O  O   . HOH G 5 .   ? 13.666  -0.645  2.949   1.00 46.15 ? 1050 HOH A O   1 
HETATM 1361 O  O   . HOH G 5 .   ? -9.610  -11.698 7.182   1.00 51.44 ? 1051 HOH A O   1 
HETATM 1362 O  O   . HOH G 5 .   ? 7.568   9.370   6.544   1.00 37.64 ? 1052 HOH A O   1 
HETATM 1363 O  O   . HOH G 5 .   ? 11.885  -9.314  -1.462  1.00 51.28 ? 1053 HOH A O   1 
HETATM 1364 O  O   . HOH G 5 .   ? 13.356  -2.810  15.979  1.00 52.82 ? 1054 HOH A O   1 
HETATM 1365 O  O   . HOH G 5 .   ? -10.485 6.068   1.307   1.00 39.63 ? 1055 HOH A O   1 
HETATM 1366 O  O   . HOH G 5 .   ? 14.495  4.551   -10.107 1.00 53.29 ? 1056 HOH A O   1 
HETATM 1367 O  O   . HOH G 5 .   ? 9.927   15.642  4.247   1.00 52.00 ? 1057 HOH A O   1 
HETATM 1368 O  O   . HOH G 5 .   ? -11.489 -8.946  5.916   1.00 46.78 ? 1058 HOH A O   1 
HETATM 1369 O  O   . HOH G 5 .   ? -10.268 -10.472 9.854   1.00 40.49 ? 1059 HOH A O   1 
HETATM 1370 O  O   . HOH G 5 .   ? -10.171 6.685   4.039   1.00 47.79 ? 1060 HOH A O   1 
HETATM 1371 O  O   . HOH G 5 .   ? 13.593  0.248   -0.460  1.00 50.88 ? 1061 HOH A O   1 
HETATM 1372 O  O   . HOH G 5 .   ? 9.069   -5.755  21.768  1.00 46.75 ? 1062 HOH A O   1 
HETATM 1373 O  O   . HOH G 5 .   ? 10.132  1.962   -18.817 1.00 44.54 ? 1063 HOH A O   1 
HETATM 1374 O  O   . HOH G 5 .   ? 13.245  -8.804  18.852  1.00 50.83 ? 1064 HOH A O   1 
HETATM 1375 O  O   . HOH G 5 .   ? -6.341  9.678   -10.747 1.00 51.99 ? 1065 HOH A O   1 
HETATM 1376 O  O   . HOH G 5 .   ? 9.017   -3.018  -5.200  1.00 50.55 ? 1066 HOH A O   1 
HETATM 1377 O  O   . HOH G 5 .   ? -1.769  -16.016 -7.928  1.00 45.81 ? 1067 HOH A O   1 
HETATM 1378 O  O   . HOH G 5 .   ? 6.613   9.313   10.052  1.00 43.72 ? 1068 HOH A O   1 
HETATM 1379 O  O   . HOH G 5 .   ? 8.008   -0.974  1.988   1.00 27.70 ? 1069 HOH A O   1 
HETATM 1380 O  O   . HOH G 5 .   ? 8.884   17.122  2.513   1.00 51.16 ? 1070 HOH A O   1 
HETATM 1381 O  O   . HOH G 5 .   ? 12.773  14.598  -9.255  1.00 46.60 ? 1071 HOH A O   1 
HETATM 1382 O  O   . HOH G 5 .   ? 8.551   19.609  2.426   1.00 51.79 ? 1072 HOH A O   1 
HETATM 1383 O  O   . HOH G 5 .   ? -6.114  -18.396 4.774   1.00 42.69 ? 1073 HOH A O   1 
HETATM 1384 O  O   . HOH G 5 .   ? 11.964  -7.918  5.980   1.00 29.11 ? 1074 HOH A O   1 
HETATM 1385 O  O   . HOH G 5 .   ? 2.153   -10.974 5.130   1.00 22.76 ? 1075 HOH A O   1 
HETATM 1386 O  O   . HOH G 5 .   ? -14.660 2.768   -1.358  1.00 37.25 ? 1076 HOH A O   1 
HETATM 1387 O  O   . HOH G 5 .   ? 15.102  -1.958  -11.608 1.00 52.65 ? 1077 HOH A O   1 
HETATM 1388 O  O   . HOH G 5 .   ? 13.194  2.799   -3.195  1.00 45.18 ? 1078 HOH A O   1 
HETATM 1389 O  O   . HOH G 5 .   ? -10.690 9.172   1.144   1.00 50.78 ? 1079 HOH A O   1 
HETATM 1390 O  O   . HOH G 5 .   ? -4.270  -0.046  15.776  1.00 50.34 ? 1080 HOH A O   1 
HETATM 1391 O  O   . HOH G 5 .   ? -11.256 -4.188  -5.582  1.00 40.62 ? 1081 HOH A O   1 
HETATM 1392 O  O   . HOH G 5 .   ? -9.622  14.802  5.965   1.00 50.96 ? 1082 HOH A O   1 
HETATM 1393 O  O   . HOH G 5 .   ? 13.669  -10.928 17.137  1.00 50.16 ? 1083 HOH A O   1 
HETATM 1394 O  O   . HOH G 5 .   ? -8.239  -17.853 6.072   1.00 50.37 ? 1084 HOH A O   1 
HETATM 1395 O  O   . HOH G 5 .   ? 15.889  -6.238  -13.740 1.00 52.26 ? 1085 HOH A O   1 
HETATM 1396 O  O   . HOH G 5 .   ? 9.142   -2.315  -2.681  1.00 50.43 ? 1086 HOH A O   1 
HETATM 1397 O  O   . HOH G 5 .   ? -6.249  -5.073  -17.672 1.00 48.81 ? 1087 HOH A O   1 
HETATM 1398 O  O   . HOH G 5 .   ? -10.547 -13.491 10.663  1.00 51.19 ? 1088 HOH A O   1 
HETATM 1399 O  O   . HOH G 5 .   ? 3.983   9.335   19.285  1.00 47.38 ? 1089 HOH A O   1 
HETATM 1400 O  O   . HOH G 5 .   ? 7.531   5.750   19.228  1.00 41.25 ? 1090 HOH A O   1 
HETATM 1401 O  O   . HOH G 5 .   ? -7.810  6.327   5.191   1.00 43.28 ? 1091 HOH A O   1 
HETATM 1402 O  O   . HOH G 5 .   ? -4.948  -12.540 -14.187 1.00 39.87 ? 1092 HOH A O   1 
HETATM 1403 O  O   . HOH G 5 .   ? 1.055   -14.374 0.946   1.00 34.66 ? 1093 HOH A O   1 
HETATM 1404 O  O   . HOH G 5 .   ? -2.407  -6.336  15.774  1.00 40.13 ? 1094 HOH A O   1 
HETATM 1405 O  O   . HOH G 5 .   ? -16.259 -2.492  12.300  1.00 41.04 ? 1095 HOH A O   1 
HETATM 1406 O  O   . HOH G 5 .   ? -7.203  -0.366  -15.156 1.00 34.27 ? 1096 HOH A O   1 
HETATM 1407 O  O   . HOH G 5 .   ? 11.425  -12.672 12.452  1.00 43.50 ? 1097 HOH A O   1 
HETATM 1408 O  O   . HOH G 5 .   ? 0.228   -14.209 -1.115  1.00 29.66 ? 1098 HOH A O   1 
HETATM 1409 O  O   . HOH G 5 .   ? 0.595   15.794  8.920   1.00 43.84 ? 1099 HOH A O   1 
HETATM 1410 O  O   . HOH G 5 .   ? 8.281   2.646   -12.295 1.00 39.11 ? 1100 HOH A O   1 
HETATM 1411 O  O   . HOH G 5 .   ? 11.741  16.437  -8.085  1.00 41.14 ? 1101 HOH A O   1 
HETATM 1412 O  O   . HOH G 5 .   ? 12.537  18.507  -7.050  1.00 42.24 ? 1102 HOH A O   1 
HETATM 1413 O  O   . HOH G 5 .   ? 7.577   11.956  6.903   1.00 42.11 ? 1103 HOH A O   1 
HETATM 1414 O  O   . HOH G 5 .   ? 4.842   13.146  -1.438  1.00 40.22 ? 1104 HOH A O   1 
HETATM 1415 O  O   . HOH G 5 .   ? 1.945   13.063  -1.559  1.00 41.52 ? 1105 HOH A O   1 
HETATM 1416 O  O   . HOH G 5 .   ? -0.376  -3.503  -20.070 1.00 43.54 ? 1106 HOH A O   1 
HETATM 1417 O  O   . HOH G 5 .   ? -9.527  6.389   -5.201  1.00 42.65 ? 1107 HOH A O   1 
HETATM 1418 O  O   . HOH G 5 .   ? 2.339   -16.440 2.783   1.00 47.31 ? 1108 HOH A O   1 
HETATM 1419 O  O   . HOH G 5 .   ? -16.076 7.205   11.734  1.00 45.13 ? 1109 HOH A O   1 
HETATM 1420 O  O   . HOH G 5 .   ? -5.973  -17.162 7.255   1.00 50.02 ? 1110 HOH A O   1 
HETATM 1421 O  O   . HOH G 5 .   ? -2.498  14.345  -6.920  1.00 49.96 ? 1111 HOH A O   1 
HETATM 1422 O  O   . HOH G 5 .   ? 16.229  0.767   -12.730 1.00 49.91 ? 1112 HOH A O   1 
HETATM 1423 O  O   . HOH G 5 .   ? -8.671  8.859   3.055   1.00 49.91 ? 1113 HOH A O   1 
HETATM 1424 O  O   . HOH G 5 .   ? -7.805  -2.988  -16.582 1.00 43.76 ? 1114 HOH A O   1 
HETATM 1425 O  O   . HOH G 5 .   ? -6.864  -14.412 -13.597 1.00 49.99 ? 1115 HOH A O   1 
HETATM 1426 O  O   . HOH G 5 .   ? -9.269  8.909   -0.980  1.00 50.14 ? 1116 HOH A O   1 
HETATM 1427 O  O   . HOH G 5 .   ? -10.962 8.677   11.680  1.00 49.95 ? 1117 HOH A O   1 
HETATM 1428 O  O   . HOH G 5 .   ? 9.700   5.995   -17.337 1.00 43.27 ? 1118 HOH A O   1 
HETATM 1429 O  O   . HOH G 5 .   ? 6.492   4.006   -19.389 1.00 40.07 ? 1119 HOH A O   1 
HETATM 1430 O  O   . HOH G 5 .   ? -1.461  15.721  10.575  1.00 49.99 ? 1120 HOH A O   1 
HETATM 1431 O  O   . HOH G 5 .   ? 11.203  -0.504  -18.246 1.00 49.98 ? 1121 HOH A O   1 
HETATM 1432 O  O   . HOH G 5 .   ? 10.385  -1.223  19.204  1.00 47.70 ? 1122 HOH A O   1 
HETATM 1433 O  O   . HOH G 5 .   ? -3.789  -17.621 5.745   1.00 46.56 ? 1123 HOH A O   1 
HETATM 1434 O  O   . HOH G 5 .   ? 13.861  -13.330 18.383  1.00 47.92 ? 1124 HOH A O   1 
HETATM 1435 O  O   . HOH G 5 .   ? 10.582  8.895   -17.309 1.00 50.08 ? 1125 HOH A O   1 
# 
loop_
_pdbx_poly_seq_scheme.asym_id 
_pdbx_poly_seq_scheme.entity_id 
_pdbx_poly_seq_scheme.seq_id 
_pdbx_poly_seq_scheme.mon_id 
_pdbx_poly_seq_scheme.ndb_seq_num 
_pdbx_poly_seq_scheme.pdb_seq_num 
_pdbx_poly_seq_scheme.auth_seq_num 
_pdbx_poly_seq_scheme.pdb_mon_id 
_pdbx_poly_seq_scheme.auth_mon_id 
_pdbx_poly_seq_scheme.pdb_strand_id 
_pdbx_poly_seq_scheme.pdb_ins_code 
_pdbx_poly_seq_scheme.hetero 
A 1 1   MET 1   80  80  MET MET A . n 
A 1 2   LEU 2   81  81  LEU LEU A . n 
A 1 3   THR 3   82  82  THR THR A . n 
A 1 4   PRO 4   83  83  PRO PRO A . n 
A 1 5   GLY 5   84  84  GLY GLY A . n 
A 1 6   ASN 6   85  85  ASN ASN A . n 
A 1 7   PRO 7   86  86  PRO PRO A . n 
A 1 8   LYS 8   87  87  LYS LYS A . n 
A 1 9   TRP 9   88  88  TRP TRP A . n 
A 1 10  GLU 10  89  89  GLU GLU A . n 
A 1 11  ARG 11  90  90  ARG ARG A . n 
A 1 12  THR 12  91  91  THR THR A . n 
A 1 13  ASN 13  92  92  ASN ASN A . n 
A 1 14  LEU 14  93  93  LEU LEU A . n 
A 1 15  THR 15  94  94  THR THR A . n 
A 1 16  TYR 16  95  95  TYR TYR A . n 
A 1 17  ARG 17  96  96  ARG ARG A . n 
A 1 18  ILE 18  97  97  ILE ILE A . n 
A 1 19  ARG 19  98  98  ARG ARG A . n 
A 1 20  ASN 20  99  99  ASN ASN A . n 
A 1 21  TYR 21  100 100 TYR TYR A . n 
A 1 22  THR 22  101 101 THR THR A . n 
A 1 23  PRO 23  102 102 PRO PRO A . n 
A 1 24  GLN 24  103 103 GLN GLN A . n 
A 1 25  LEU 25  104 104 LEU LEU A . n 
A 1 26  SER 26  105 105 SER SER A . n 
A 1 27  GLU 27  106 106 GLU GLU A . n 
A 1 28  ALA 28  107 107 ALA ALA A . n 
A 1 29  GLU 29  108 108 GLU GLU A . n 
A 1 30  VAL 30  109 109 VAL VAL A . n 
A 1 31  GLU 31  110 110 GLU GLU A . n 
A 1 32  ARG 32  111 111 ARG ARG A . n 
A 1 33  ALA 33  112 112 ALA ALA A . n 
A 1 34  ILE 34  113 113 ILE ILE A . n 
A 1 35  LYS 35  114 114 LYS LYS A . n 
A 1 36  ASP 36  115 115 ASP ASP A . n 
A 1 37  ALA 37  116 116 ALA ALA A . n 
A 1 38  PHE 38  117 117 PHE PHE A . n 
A 1 39  GLU 39  118 118 GLU GLU A . n 
A 1 40  LEU 40  119 119 LEU LEU A . n 
A 1 41  TRP 41  120 120 TRP TRP A . n 
A 1 42  SER 42  121 121 SER SER A . n 
A 1 43  VAL 43  122 122 VAL VAL A . n 
A 1 44  ALA 44  123 123 ALA ALA A . n 
A 1 45  SER 45  124 124 SER SER A . n 
A 1 46  PRO 46  125 125 PRO PRO A . n 
A 1 47  LEU 47  126 126 LEU LEU A . n 
A 1 48  ILE 48  127 127 ILE ILE A . n 
A 1 49  PHE 49  128 128 PHE PHE A . n 
A 1 50  THR 50  129 129 THR THR A . n 
A 1 51  ARG 51  130 130 ARG ARG A . n 
A 1 52  ILE 52  131 131 ILE ILE A . n 
A 1 53  SER 53  132 132 SER SER A . n 
A 1 54  GLN 54  133 133 GLN GLN A . n 
A 1 55  GLY 55  134 134 GLY GLY A . n 
A 1 56  GLU 56  135 135 GLU GLU A . n 
A 1 57  ALA 57  136 136 ALA ALA A . n 
A 1 58  ASP 58  137 137 ASP ASP A . n 
A 1 59  ILE 59  138 138 ILE ILE A . n 
A 1 60  ASN 60  139 139 ASN ASN A . n 
A 1 61  ILE 61  140 140 ILE ILE A . n 
A 1 62  ALA 62  141 141 ALA ALA A . n 
A 1 63  PHE 63  142 142 PHE PHE A . n 
A 1 64  TYR 64  143 143 TYR TYR A . n 
A 1 65  GLN 65  144 144 GLN GLN A . n 
A 1 66  ARG 66  145 145 ARG ARG A . n 
A 1 67  ASP 67  146 146 ASP ASP A . n 
A 1 68  HIS 68  147 147 HIS HIS A . n 
A 1 69  GLY 69  148 148 GLY GLY A . n 
A 1 70  ASP 70  149 149 ASP ASP A . n 
A 1 71  ASN 71  150 150 ASN ASN A . n 
A 1 72  SER 72  151 151 SER SER A . n 
A 1 73  PRO 73  152 152 PRO PRO A . n 
A 1 74  PHE 74  153 153 PHE PHE A . n 
A 1 75  ASP 75  154 154 ASP ASP A . n 
A 1 76  GLY 76  155 155 GLY GLY A . n 
A 1 77  PRO 77  156 156 PRO PRO A . n 
A 1 78  ASN 78  157 157 ASN ASN A . n 
A 1 79  GLY 79  158 158 GLY GLY A . n 
A 1 80  ILE 80  159 159 ILE ILE A . n 
A 1 81  LEU 81  160 160 LEU LEU A . n 
A 1 82  ALA 82  161 161 ALA ALA A . n 
A 1 83  HIS 83  162 162 HIS HIS A . n 
A 1 84  ALA 84  163 163 ALA ALA A . n 
A 1 85  PHE 85  164 164 PHE PHE A . n 
A 1 86  GLN 86  165 165 GLN GLN A . n 
A 1 87  PRO 87  166 166 PRO PRO A . n 
A 1 88  GLY 88  167 167 GLY GLY A . n 
A 1 89  GLN 89  168 168 GLN GLN A . n 
A 1 90  GLY 90  169 169 GLY GLY A . n 
A 1 91  ILE 91  170 170 ILE ILE A . n 
A 1 92  GLY 92  171 171 GLY GLY A . n 
A 1 93  GLY 93  172 172 GLY GLY A . n 
A 1 94  ASP 94  173 173 ASP ASP A . n 
A 1 95  ALA 95  174 174 ALA ALA A . n 
A 1 96  HIS 96  175 175 HIS HIS A . n 
A 1 97  PHE 97  176 176 PHE PHE A . n 
A 1 98  ASP 98  177 177 ASP ASP A . n 
A 1 99  ALA 99  178 178 ALA ALA A . n 
A 1 100 GLU 100 179 179 GLU GLU A . n 
A 1 101 GLU 101 180 180 GLU GLU A . n 
A 1 102 THR 102 181 181 THR THR A . n 
A 1 103 TRP 103 182 182 TRP TRP A . n 
A 1 104 THR 104 183 183 THR THR A . n 
A 1 105 ASN 105 184 184 ASN ASN A . n 
A 1 106 THR 106 185 185 THR THR A . n 
A 1 107 SER 107 186 186 SER SER A . n 
A 1 108 ALA 108 187 187 ALA ALA A . n 
A 1 109 ASN 109 188 188 ASN ASN A . n 
A 1 110 TYR 110 189 189 TYR TYR A . n 
A 1 111 ASN 111 190 190 ASN ASN A . n 
A 1 112 LEU 112 191 191 LEU LEU A . n 
A 1 113 PHE 113 192 192 PHE PHE A . n 
A 1 114 LEU 114 193 193 LEU LEU A . n 
A 1 115 VAL 115 194 194 VAL VAL A . n 
A 1 116 ALA 116 195 195 ALA ALA A . n 
A 1 117 ALA 117 196 196 ALA ALA A . n 
A 1 118 HIS 118 197 197 HIS HIS A . n 
A 1 119 GLU 119 198 198 GLU GLU A . n 
A 1 120 PHE 120 199 199 PHE PHE A . n 
A 1 121 GLY 121 200 200 GLY GLY A . n 
A 1 122 HIS 122 201 201 HIS HIS A . n 
A 1 123 SER 123 202 202 SER SER A . n 
A 1 124 LEU 124 203 203 LEU LEU A . n 
A 1 125 GLY 125 204 204 GLY GLY A . n 
A 1 126 LEU 126 205 205 LEU LEU A . n 
A 1 127 ALA 127 206 206 ALA ALA A . n 
A 1 128 HIS 128 207 207 HIS HIS A . n 
A 1 129 SER 129 208 208 SER SER A . n 
A 1 130 SER 130 209 209 SER SER A . n 
A 1 131 ASP 131 210 210 ASP ASP A . n 
A 1 132 PRO 132 211 211 PRO PRO A . n 
A 1 133 GLY 133 212 212 GLY GLY A . n 
A 1 134 ALA 134 213 213 ALA ALA A . n 
A 1 135 LEU 135 214 214 LEU LEU A . n 
A 1 136 MET 136 215 215 MET MET A . n 
A 1 137 TYR 137 216 216 TYR TYR A . n 
A 1 138 PRO 138 217 217 PRO PRO A . n 
A 1 139 ASN 139 218 218 ASN ASN A . n 
A 1 140 TYR 140 219 219 TYR TYR A . n 
A 1 141 ALA 141 220 220 ALA ALA A . n 
A 1 142 PHE 142 221 221 PHE PHE A . n 
A 1 143 ARG 143 222 222 ARG ARG A . n 
A 1 144 GLU 144 223 223 GLU GLU A . n 
A 1 145 THR 145 224 224 THR THR A . n 
A 1 146 SER 146 225 225 SER SER A . n 
A 1 147 ASN 147 226 226 ASN ASN A . n 
A 1 148 TYR 148 227 227 TYR TYR A . n 
A 1 149 SER 149 228 228 SER SER A . n 
A 1 150 LEU 150 229 229 LEU LEU A . n 
A 1 151 PRO 151 230 230 PRO PRO A . n 
A 1 152 GLN 152 231 231 GLN GLN A . n 
A 1 153 ASP 153 232 232 ASP ASP A . n 
A 1 154 ASP 154 233 233 ASP ASP A . n 
A 1 155 ILE 155 234 234 ILE ILE A . n 
A 1 156 ASP 156 235 235 ASP ASP A . n 
A 1 157 GLY 157 236 236 GLY GLY A . n 
A 1 158 ILE 158 237 237 ILE ILE A . n 
A 1 159 GLN 159 238 238 GLN GLN A . n 
A 1 160 ALA 160 239 239 ALA ALA A . n 
A 1 161 ILE 161 240 240 ILE ILE A . n 
A 1 162 TYR 162 241 241 TYR TYR A . n 
A 1 163 GLY 163 242 242 GLY GLY A . n 
# 
loop_
_pdbx_nonpoly_scheme.asym_id 
_pdbx_nonpoly_scheme.entity_id 
_pdbx_nonpoly_scheme.mon_id 
_pdbx_nonpoly_scheme.ndb_seq_num 
_pdbx_nonpoly_scheme.pdb_seq_num 
_pdbx_nonpoly_scheme.auth_seq_num 
_pdbx_nonpoly_scheme.pdb_mon_id 
_pdbx_nonpoly_scheme.auth_mon_id 
_pdbx_nonpoly_scheme.pdb_strand_id 
_pdbx_nonpoly_scheme.pdb_ins_code 
B 2 CA  1   996  996 CA  CA  A . 
C 2 CA  1   997  997 CA  CA  A . 
D 3 ZN  1   998  998 ZN  ZN  A . 
E 3 ZN  1   999  999 ZN  ZN  A . 
F 4 2NI 1   1000 128 2NI 2NI A . 
G 5 HOH 1   1001 1   HOH HOH A . 
G 5 HOH 2   1002 2   HOH HOH A . 
G 5 HOH 3   1003 3   HOH HOH A . 
G 5 HOH 4   1004 4   HOH HOH A . 
G 5 HOH 5   1005 5   HOH HOH A . 
G 5 HOH 6   1006 6   HOH HOH A . 
G 5 HOH 7   1007 7   HOH HOH A . 
G 5 HOH 8   1008 8   HOH HOH A . 
G 5 HOH 9   1009 9   HOH HOH A . 
G 5 HOH 10  1010 10  HOH HOH A . 
G 5 HOH 11  1011 11  HOH HOH A . 
G 5 HOH 12  1012 12  HOH HOH A . 
G 5 HOH 13  1013 13  HOH HOH A . 
G 5 HOH 14  1014 14  HOH HOH A . 
G 5 HOH 15  1015 15  HOH HOH A . 
G 5 HOH 16  1016 16  HOH HOH A . 
G 5 HOH 17  1017 17  HOH HOH A . 
G 5 HOH 18  1018 18  HOH HOH A . 
G 5 HOH 19  1019 19  HOH HOH A . 
G 5 HOH 20  1020 20  HOH HOH A . 
G 5 HOH 21  1021 21  HOH HOH A . 
G 5 HOH 22  1022 22  HOH HOH A . 
G 5 HOH 23  1023 23  HOH HOH A . 
G 5 HOH 24  1024 24  HOH HOH A . 
G 5 HOH 25  1025 25  HOH HOH A . 
G 5 HOH 26  1026 26  HOH HOH A . 
G 5 HOH 27  1027 27  HOH HOH A . 
G 5 HOH 28  1028 28  HOH HOH A . 
G 5 HOH 29  1029 29  HOH HOH A . 
G 5 HOH 30  1030 30  HOH HOH A . 
G 5 HOH 31  1031 31  HOH HOH A . 
G 5 HOH 32  1032 32  HOH HOH A . 
G 5 HOH 33  1033 33  HOH HOH A . 
G 5 HOH 34  1034 34  HOH HOH A . 
G 5 HOH 35  1035 35  HOH HOH A . 
G 5 HOH 36  1036 36  HOH HOH A . 
G 5 HOH 37  1037 37  HOH HOH A . 
G 5 HOH 38  1038 38  HOH HOH A . 
G 5 HOH 39  1039 39  HOH HOH A . 
G 5 HOH 40  1040 40  HOH HOH A . 
G 5 HOH 41  1041 41  HOH HOH A . 
G 5 HOH 42  1042 42  HOH HOH A . 
G 5 HOH 43  1043 43  HOH HOH A . 
G 5 HOH 44  1044 44  HOH HOH A . 
G 5 HOH 45  1045 45  HOH HOH A . 
G 5 HOH 46  1046 46  HOH HOH A . 
G 5 HOH 47  1047 47  HOH HOH A . 
G 5 HOH 48  1048 48  HOH HOH A . 
G 5 HOH 49  1049 49  HOH HOH A . 
G 5 HOH 50  1050 50  HOH HOH A . 
G 5 HOH 51  1051 51  HOH HOH A . 
G 5 HOH 52  1052 52  HOH HOH A . 
G 5 HOH 53  1053 53  HOH HOH A . 
G 5 HOH 54  1054 54  HOH HOH A . 
G 5 HOH 55  1055 55  HOH HOH A . 
G 5 HOH 56  1056 56  HOH HOH A . 
G 5 HOH 57  1057 57  HOH HOH A . 
G 5 HOH 58  1058 58  HOH HOH A . 
G 5 HOH 59  1059 59  HOH HOH A . 
G 5 HOH 60  1060 60  HOH HOH A . 
G 5 HOH 61  1061 61  HOH HOH A . 
G 5 HOH 62  1062 62  HOH HOH A . 
G 5 HOH 63  1063 63  HOH HOH A . 
G 5 HOH 64  1064 64  HOH HOH A . 
G 5 HOH 65  1065 65  HOH HOH A . 
G 5 HOH 66  1066 66  HOH HOH A . 
G 5 HOH 67  1067 67  HOH HOH A . 
G 5 HOH 68  1068 68  HOH HOH A . 
G 5 HOH 69  1069 69  HOH HOH A . 
G 5 HOH 70  1070 70  HOH HOH A . 
G 5 HOH 71  1071 71  HOH HOH A . 
G 5 HOH 72  1072 72  HOH HOH A . 
G 5 HOH 73  1073 73  HOH HOH A . 
G 5 HOH 74  1074 74  HOH HOH A . 
G 5 HOH 75  1075 75  HOH HOH A . 
G 5 HOH 76  1076 76  HOH HOH A . 
G 5 HOH 77  1077 77  HOH HOH A . 
G 5 HOH 78  1078 78  HOH HOH A . 
G 5 HOH 79  1079 79  HOH HOH A . 
G 5 HOH 80  1080 80  HOH HOH A . 
G 5 HOH 81  1081 81  HOH HOH A . 
G 5 HOH 82  1082 82  HOH HOH A . 
G 5 HOH 83  1083 83  HOH HOH A . 
G 5 HOH 84  1084 84  HOH HOH A . 
G 5 HOH 85  1085 85  HOH HOH A . 
G 5 HOH 86  1086 86  HOH HOH A . 
G 5 HOH 87  1087 87  HOH HOH A . 
G 5 HOH 88  1088 88  HOH HOH A . 
G 5 HOH 89  1089 89  HOH HOH A . 
G 5 HOH 90  1090 107 HOH HOH A . 
G 5 HOH 91  1091 91  HOH HOH A . 
G 5 HOH 92  1092 92  HOH HOH A . 
G 5 HOH 93  1093 93  HOH HOH A . 
G 5 HOH 94  1094 94  HOH HOH A . 
G 5 HOH 95  1095 95  HOH HOH A . 
G 5 HOH 96  1096 96  HOH HOH A . 
G 5 HOH 97  1097 97  HOH HOH A . 
G 5 HOH 98  1098 98  HOH HOH A . 
G 5 HOH 99  1099 99  HOH HOH A . 
G 5 HOH 100 1100 100 HOH HOH A . 
G 5 HOH 101 1101 101 HOH HOH A . 
G 5 HOH 102 1102 102 HOH HOH A . 
G 5 HOH 103 1103 103 HOH HOH A . 
G 5 HOH 104 1104 104 HOH HOH A . 
G 5 HOH 105 1105 105 HOH HOH A . 
G 5 HOH 106 1106 106 HOH HOH A . 
G 5 HOH 107 1107 108 HOH HOH A . 
G 5 HOH 108 1108 109 HOH HOH A . 
G 5 HOH 109 1109 110 HOH HOH A . 
G 5 HOH 110 1110 111 HOH HOH A . 
G 5 HOH 111 1111 112 HOH HOH A . 
G 5 HOH 112 1112 113 HOH HOH A . 
G 5 HOH 113 1113 114 HOH HOH A . 
G 5 HOH 114 1114 115 HOH HOH A . 
G 5 HOH 115 1115 116 HOH HOH A . 
G 5 HOH 116 1116 117 HOH HOH A . 
G 5 HOH 117 1117 118 HOH HOH A . 
G 5 HOH 118 1118 119 HOH HOH A . 
G 5 HOH 119 1119 120 HOH HOH A . 
G 5 HOH 120 1120 121 HOH HOH A . 
G 5 HOH 121 1121 122 HOH HOH A . 
G 5 HOH 122 1122 123 HOH HOH A . 
G 5 HOH 123 1123 124 HOH HOH A . 
G 5 HOH 124 1124 125 HOH HOH A . 
G 5 HOH 125 1125 126 HOH HOH A . 
# 
_pdbx_struct_assembly.id                   1 
_pdbx_struct_assembly.details              author_defined_assembly 
_pdbx_struct_assembly.method_details       ? 
_pdbx_struct_assembly.oligomeric_details   monomeric 
_pdbx_struct_assembly.oligomeric_count     1 
# 
_pdbx_struct_assembly_gen.assembly_id       1 
_pdbx_struct_assembly_gen.oper_expression   1 
_pdbx_struct_assembly_gen.asym_id_list      A,B,C,D,E,F,G 
# 
_pdbx_struct_oper_list.id                   1 
_pdbx_struct_oper_list.type                 'identity operation' 
_pdbx_struct_oper_list.name                 1_555 
_pdbx_struct_oper_list.symmetry_operation   x,y,z 
_pdbx_struct_oper_list.matrix[1][1]         1.0000000000 
_pdbx_struct_oper_list.matrix[1][2]         0.0000000000 
_pdbx_struct_oper_list.matrix[1][3]         0.0000000000 
_pdbx_struct_oper_list.vector[1]            0.0000000000 
_pdbx_struct_oper_list.matrix[2][1]         0.0000000000 
_pdbx_struct_oper_list.matrix[2][2]         1.0000000000 
_pdbx_struct_oper_list.matrix[2][3]         0.0000000000 
_pdbx_struct_oper_list.vector[2]            0.0000000000 
_pdbx_struct_oper_list.matrix[3][1]         0.0000000000 
_pdbx_struct_oper_list.matrix[3][2]         0.0000000000 
_pdbx_struct_oper_list.matrix[3][3]         1.0000000000 
_pdbx_struct_oper_list.vector[3]            0.0000000000 
# 
loop_
_pdbx_struct_conn_angle.id 
_pdbx_struct_conn_angle.ptnr1_label_atom_id 
_pdbx_struct_conn_angle.ptnr1_label_alt_id 
_pdbx_struct_conn_angle.ptnr1_label_asym_id 
_pdbx_struct_conn_angle.ptnr1_label_comp_id 
_pdbx_struct_conn_angle.ptnr1_label_seq_id 
_pdbx_struct_conn_angle.ptnr1_auth_atom_id 
_pdbx_struct_conn_angle.ptnr1_auth_asym_id 
_pdbx_struct_conn_angle.ptnr1_auth_comp_id 
_pdbx_struct_conn_angle.ptnr1_auth_seq_id 
_pdbx_struct_conn_angle.ptnr1_PDB_ins_code 
_pdbx_struct_conn_angle.ptnr1_symmetry 
_pdbx_struct_conn_angle.ptnr2_label_atom_id 
_pdbx_struct_conn_angle.ptnr2_label_alt_id 
_pdbx_struct_conn_angle.ptnr2_label_asym_id 
_pdbx_struct_conn_angle.ptnr2_label_comp_id 
_pdbx_struct_conn_angle.ptnr2_label_seq_id 
_pdbx_struct_conn_angle.ptnr2_auth_atom_id 
_pdbx_struct_conn_angle.ptnr2_auth_asym_id 
_pdbx_struct_conn_angle.ptnr2_auth_comp_id 
_pdbx_struct_conn_angle.ptnr2_auth_seq_id 
_pdbx_struct_conn_angle.ptnr2_PDB_ins_code 
_pdbx_struct_conn_angle.ptnr2_symmetry 
_pdbx_struct_conn_angle.ptnr3_label_atom_id 
_pdbx_struct_conn_angle.ptnr3_label_alt_id 
_pdbx_struct_conn_angle.ptnr3_label_asym_id 
_pdbx_struct_conn_angle.ptnr3_label_comp_id 
_pdbx_struct_conn_angle.ptnr3_label_seq_id 
_pdbx_struct_conn_angle.ptnr3_auth_atom_id 
_pdbx_struct_conn_angle.ptnr3_auth_asym_id 
_pdbx_struct_conn_angle.ptnr3_auth_comp_id 
_pdbx_struct_conn_angle.ptnr3_auth_seq_id 
_pdbx_struct_conn_angle.ptnr3_PDB_ins_code 
_pdbx_struct_conn_angle.ptnr3_symmetry 
_pdbx_struct_conn_angle.value 
_pdbx_struct_conn_angle.value_esd 
1  O   ? A ASP 58  ? A ASP 137  ? 1_555 CA ? B CA . ? A CA 996 ? 1_555 O   ? A GLY 90  ? A GLY 169  ? 1_555 160.9 ? 
2  O   ? A ASP 58  ? A ASP 137  ? 1_555 CA ? B CA . ? A CA 996 ? 1_555 O   ? A GLY 92  ? A GLY 171  ? 1_555 92.8  ? 
3  O   ? A GLY 90  ? A GLY 169  ? 1_555 CA ? B CA . ? A CA 996 ? 1_555 O   ? A GLY 92  ? A GLY 171  ? 1_555 105.5 ? 
4  O   ? A ASP 58  ? A ASP 137  ? 1_555 CA ? B CA . ? A CA 996 ? 1_555 OD1 ? A ASP 94  ? A ASP 173  ? 1_555 89.2  ? 
5  O   ? A GLY 90  ? A GLY 169  ? 1_555 CA ? B CA . ? A CA 996 ? 1_555 OD1 ? A ASP 94  ? A ASP 173  ? 1_555 91.6  ? 
6  O   ? A GLY 92  ? A GLY 171  ? 1_555 CA ? B CA . ? A CA 996 ? 1_555 OD1 ? A ASP 94  ? A ASP 173  ? 1_555 103.5 ? 
7  O   ? A ASP 58  ? A ASP 137  ? 1_555 CA ? B CA . ? A CA 996 ? 1_555 O   ? G HOH .   ? A HOH 1093 ? 1_555 117.2 ? 
8  O   ? A GLY 90  ? A GLY 169  ? 1_555 CA ? B CA . ? A CA 996 ? 1_555 O   ? G HOH .   ? A HOH 1093 ? 1_555 44.3  ? 
9  O   ? A GLY 92  ? A GLY 171  ? 1_555 CA ? B CA . ? A CA 996 ? 1_555 O   ? G HOH .   ? A HOH 1093 ? 1_555 149.8 ? 
10 OD1 ? A ASP 94  ? A ASP 173  ? 1_555 CA ? B CA . ? A CA 996 ? 1_555 O   ? G HOH .   ? A HOH 1093 ? 1_555 81.5  ? 
11 O   ? A ASP 58  ? A ASP 137  ? 1_555 CA ? B CA . ? A CA 996 ? 1_555 O   ? G HOH .   ? A HOH 1098 ? 1_555 81.7  ? 
12 O   ? A GLY 90  ? A GLY 169  ? 1_555 CA ? B CA . ? A CA 996 ? 1_555 O   ? G HOH .   ? A HOH 1098 ? 1_555 79.7  ? 
13 O   ? A GLY 92  ? A GLY 171  ? 1_555 CA ? B CA . ? A CA 996 ? 1_555 O   ? G HOH .   ? A HOH 1098 ? 1_555 150.4 ? 
14 OD1 ? A ASP 94  ? A ASP 173  ? 1_555 CA ? B CA . ? A CA 996 ? 1_555 O   ? G HOH .   ? A HOH 1098 ? 1_555 105.5 ? 
15 O   ? G HOH .   ? A HOH 1093 ? 1_555 CA ? B CA . ? A CA 996 ? 1_555 O   ? G HOH .   ? A HOH 1098 ? 1_555 43.4  ? 
16 NE2 ? A HIS 68  ? A HIS 147  ? 1_555 ZN ? D ZN . ? A ZN 998 ? 1_555 OD2 ? A ASP 70  ? A ASP 149  ? 1_555 115.4 ? 
17 NE2 ? A HIS 68  ? A HIS 147  ? 1_555 ZN ? D ZN . ? A ZN 998 ? 1_555 NE2 ? A HIS 83  ? A HIS 162  ? 1_555 110.6 ? 
18 OD2 ? A ASP 70  ? A ASP 149  ? 1_555 ZN ? D ZN . ? A ZN 998 ? 1_555 NE2 ? A HIS 83  ? A HIS 162  ? 1_555 112.6 ? 
19 NE2 ? A HIS 68  ? A HIS 147  ? 1_555 ZN ? D ZN . ? A ZN 998 ? 1_555 ND1 ? A HIS 96  ? A HIS 175  ? 1_555 111.2 ? 
20 OD2 ? A ASP 70  ? A ASP 149  ? 1_555 ZN ? D ZN . ? A ZN 998 ? 1_555 ND1 ? A HIS 96  ? A HIS 175  ? 1_555 91.2  ? 
21 NE2 ? A HIS 83  ? A HIS 162  ? 1_555 ZN ? D ZN . ? A ZN 998 ? 1_555 ND1 ? A HIS 96  ? A HIS 175  ? 1_555 114.8 ? 
22 OD1 ? A ASP 75  ? A ASP 154  ? 1_555 CA ? C CA . ? A CA 997 ? 1_555 O   ? A GLY 76  ? A GLY 155  ? 1_555 89.6  ? 
23 OD1 ? A ASP 75  ? A ASP 154  ? 1_555 CA ? C CA . ? A CA 997 ? 1_555 O   ? A ASN 78  ? A ASN 157  ? 1_555 88.0  ? 
24 O   ? A GLY 76  ? A GLY 155  ? 1_555 CA ? C CA . ? A CA 997 ? 1_555 O   ? A ASN 78  ? A ASN 157  ? 1_555 81.7  ? 
25 OD1 ? A ASP 75  ? A ASP 154  ? 1_555 CA ? C CA . ? A CA 997 ? 1_555 O   ? A ILE 80  ? A ILE 159  ? 1_555 88.4  ? 
26 O   ? A GLY 76  ? A GLY 155  ? 1_555 CA ? C CA . ? A CA 997 ? 1_555 O   ? A ILE 80  ? A ILE 159  ? 1_555 175.8 ? 
27 O   ? A ASN 78  ? A ASN 157  ? 1_555 CA ? C CA . ? A CA 997 ? 1_555 O   ? A ILE 80  ? A ILE 159  ? 1_555 102.0 ? 
28 OD1 ? A ASP 75  ? A ASP 154  ? 1_555 CA ? C CA . ? A CA 997 ? 1_555 OD2 ? A ASP 98  ? A ASP 177  ? 1_555 90.7  ? 
29 O   ? A GLY 76  ? A GLY 155  ? 1_555 CA ? C CA . ? A CA 997 ? 1_555 OD2 ? A ASP 98  ? A ASP 177  ? 1_555 88.0  ? 
30 O   ? A ASN 78  ? A ASN 157  ? 1_555 CA ? C CA . ? A CA 997 ? 1_555 OD2 ? A ASP 98  ? A ASP 177  ? 1_555 169.6 ? 
31 O   ? A ILE 80  ? A ILE 159  ? 1_555 CA ? C CA . ? A CA 997 ? 1_555 OD2 ? A ASP 98  ? A ASP 177  ? 1_555 88.2  ? 
32 OD1 ? A ASP 75  ? A ASP 154  ? 1_555 CA ? C CA . ? A CA 997 ? 1_555 OE2 ? A GLU 101 ? A GLU 180  ? 1_555 169.9 ? 
33 O   ? A GLY 76  ? A GLY 155  ? 1_555 CA ? C CA . ? A CA 997 ? 1_555 OE2 ? A GLU 101 ? A GLU 180  ? 1_555 99.7  ? 
34 O   ? A ASN 78  ? A ASN 157  ? 1_555 CA ? C CA . ? A CA 997 ? 1_555 OE2 ? A GLU 101 ? A GLU 180  ? 1_555 89.7  ? 
35 O   ? A ILE 80  ? A ILE 159  ? 1_555 CA ? C CA . ? A CA 997 ? 1_555 OE2 ? A GLU 101 ? A GLU 180  ? 1_555 82.5  ? 
36 OD2 ? A ASP 98  ? A ASP 177  ? 1_555 CA ? C CA . ? A CA 997 ? 1_555 OE2 ? A GLU 101 ? A GLU 180  ? 1_555 93.4  ? 
37 NE2 ? A HIS 118 ? A HIS 197  ? 1_555 ZN ? E ZN . ? A ZN 999 ? 1_555 NE2 ? A HIS 122 ? A HIS 201  ? 1_555 105.3 ? 
38 NE2 ? A HIS 118 ? A HIS 197  ? 1_555 ZN ? E ZN . ? A ZN 999 ? 1_555 NE2 ? A HIS 128 ? A HIS 207  ? 1_555 104.1 ? 
39 NE2 ? A HIS 122 ? A HIS 201  ? 1_555 ZN ? E ZN . ? A ZN 999 ? 1_555 NE2 ? A HIS 128 ? A HIS 207  ? 1_555 101.9 ? 
40 NE2 ? A HIS 118 ? A HIS 197  ? 1_555 ZN ? E ZN . ? A ZN 999 ? 1_555 O3  ? F 2NI .   ? A 2NI 1000 ? 1_555 110.0 ? 
41 NE2 ? A HIS 122 ? A HIS 201  ? 1_555 ZN ? E ZN . ? A ZN 999 ? 1_555 O3  ? F 2NI .   ? A 2NI 1000 ? 1_555 119.6 ? 
42 NE2 ? A HIS 128 ? A HIS 207  ? 1_555 ZN ? E ZN . ? A ZN 999 ? 1_555 O3  ? F 2NI .   ? A 2NI 1000 ? 1_555 114.5 ? 
# 
loop_
_pdbx_audit_revision_history.ordinal 
_pdbx_audit_revision_history.data_content_type 
_pdbx_audit_revision_history.major_revision 
_pdbx_audit_revision_history.minor_revision 
_pdbx_audit_revision_history.revision_date 
1 'Structure model' 1 0 2005-12-06 
2 'Structure model' 1 1 2008-04-30 
3 'Structure model' 1 2 2011-07-13 
4 'Structure model' 1 3 2017-10-11 
5 'Structure model' 1 4 2018-01-24 
6 'Structure model' 1 5 2023-08-23 
# 
_pdbx_audit_revision_details.ordinal             1 
_pdbx_audit_revision_details.revision_ordinal    1 
_pdbx_audit_revision_details.data_content_type   'Structure model' 
_pdbx_audit_revision_details.provider            repository 
_pdbx_audit_revision_details.type                'Initial release' 
_pdbx_audit_revision_details.description         ? 
_pdbx_audit_revision_details.details             ? 
# 
loop_
_pdbx_audit_revision_group.ordinal 
_pdbx_audit_revision_group.revision_ordinal 
_pdbx_audit_revision_group.data_content_type 
_pdbx_audit_revision_group.group 
1 2 'Structure model' 'Version format compliance' 
2 3 'Structure model' 'Version format compliance' 
3 4 'Structure model' 'Refinement description'    
4 5 'Structure model' 'Database references'       
5 6 'Structure model' 'Data collection'           
6 6 'Structure model' 'Database references'       
7 6 'Structure model' 'Derived calculations'      
8 6 'Structure model' 'Refinement description'    
# 
loop_
_pdbx_audit_revision_category.ordinal 
_pdbx_audit_revision_category.revision_ordinal 
_pdbx_audit_revision_category.data_content_type 
_pdbx_audit_revision_category.category 
1 4 'Structure model' software                      
2 5 'Structure model' citation_author               
3 6 'Structure model' chem_comp_atom                
4 6 'Structure model' chem_comp_bond                
5 6 'Structure model' database_2                    
6 6 'Structure model' pdbx_initial_refinement_model 
7 6 'Structure model' pdbx_struct_conn_angle        
8 6 'Structure model' struct_conn                   
9 6 'Structure model' struct_site                   
# 
loop_
_pdbx_audit_revision_item.ordinal 
_pdbx_audit_revision_item.revision_ordinal 
_pdbx_audit_revision_item.data_content_type 
_pdbx_audit_revision_item.item 
1  5 'Structure model' '_citation_author.name'                       
2  6 'Structure model' '_database_2.pdbx_DOI'                        
3  6 'Structure model' '_database_2.pdbx_database_accession'         
4  6 'Structure model' '_pdbx_struct_conn_angle.ptnr1_auth_comp_id'  
5  6 'Structure model' '_pdbx_struct_conn_angle.ptnr1_auth_seq_id'   
6  6 'Structure model' '_pdbx_struct_conn_angle.ptnr1_label_asym_id' 
7  6 'Structure model' '_pdbx_struct_conn_angle.ptnr1_label_atom_id' 
8  6 'Structure model' '_pdbx_struct_conn_angle.ptnr1_label_comp_id' 
9  6 'Structure model' '_pdbx_struct_conn_angle.ptnr1_label_seq_id'  
10 6 'Structure model' '_pdbx_struct_conn_angle.ptnr2_auth_comp_id'  
11 6 'Structure model' '_pdbx_struct_conn_angle.ptnr2_auth_seq_id'   
12 6 'Structure model' '_pdbx_struct_conn_angle.ptnr2_label_asym_id' 
13 6 'Structure model' '_pdbx_struct_conn_angle.ptnr2_label_atom_id' 
14 6 'Structure model' '_pdbx_struct_conn_angle.ptnr2_label_comp_id' 
15 6 'Structure model' '_pdbx_struct_conn_angle.ptnr3_auth_comp_id'  
16 6 'Structure model' '_pdbx_struct_conn_angle.ptnr3_auth_seq_id'   
17 6 'Structure model' '_pdbx_struct_conn_angle.ptnr3_label_asym_id' 
18 6 'Structure model' '_pdbx_struct_conn_angle.ptnr3_label_atom_id' 
19 6 'Structure model' '_pdbx_struct_conn_angle.ptnr3_label_comp_id' 
20 6 'Structure model' '_pdbx_struct_conn_angle.ptnr3_label_seq_id'  
21 6 'Structure model' '_pdbx_struct_conn_angle.value'               
22 6 'Structure model' '_struct_conn.pdbx_dist_value'                
23 6 'Structure model' '_struct_conn.ptnr1_auth_comp_id'             
24 6 'Structure model' '_struct_conn.ptnr1_auth_seq_id'              
25 6 'Structure model' '_struct_conn.ptnr1_label_asym_id'            
26 6 'Structure model' '_struct_conn.ptnr1_label_atom_id'            
27 6 'Structure model' '_struct_conn.ptnr1_label_comp_id'            
28 6 'Structure model' '_struct_conn.ptnr1_label_seq_id'             
29 6 'Structure model' '_struct_conn.ptnr2_auth_comp_id'             
30 6 'Structure model' '_struct_conn.ptnr2_auth_seq_id'              
31 6 'Structure model' '_struct_conn.ptnr2_label_asym_id'            
32 6 'Structure model' '_struct_conn.ptnr2_label_atom_id'            
33 6 'Structure model' '_struct_conn.ptnr2_label_comp_id'            
34 6 'Structure model' '_struct_conn.ptnr2_label_seq_id'             
35 6 'Structure model' '_struct_site.pdbx_auth_asym_id'              
36 6 'Structure model' '_struct_site.pdbx_auth_comp_id'              
37 6 'Structure model' '_struct_site.pdbx_auth_seq_id'               
# 
loop_
_software.name 
_software.classification 
_software.version 
_software.citation_id 
_software.pdbx_ordinal 
MAR345    'data collection' .   ? 1 
SCALEPACK 'data scaling'    .   ? 2 
AMoRE     phasing           .   ? 3 
CNS       refinement        1.0 ? 4 
# 
_pdbx_validate_symm_contact.id                1 
_pdbx_validate_symm_contact.PDB_model_num     1 
_pdbx_validate_symm_contact.auth_atom_id_1    OD1 
_pdbx_validate_symm_contact.auth_asym_id_1    A 
_pdbx_validate_symm_contact.auth_comp_id_1    ASN 
_pdbx_validate_symm_contact.auth_seq_id_1     150 
_pdbx_validate_symm_contact.PDB_ins_code_1    ? 
_pdbx_validate_symm_contact.label_alt_id_1    ? 
_pdbx_validate_symm_contact.site_symmetry_1   1_555 
_pdbx_validate_symm_contact.auth_atom_id_2    OG1 
_pdbx_validate_symm_contact.auth_asym_id_2    A 
_pdbx_validate_symm_contact.auth_comp_id_2    THR 
_pdbx_validate_symm_contact.auth_seq_id_2     185 
_pdbx_validate_symm_contact.PDB_ins_code_2    ? 
_pdbx_validate_symm_contact.label_alt_id_2    ? 
_pdbx_validate_symm_contact.site_symmetry_2   3_555 
_pdbx_validate_symm_contact.dist              2.12 
# 
_pdbx_validate_rmsd_angle.id                         1 
_pdbx_validate_rmsd_angle.PDB_model_num              1 
_pdbx_validate_rmsd_angle.auth_atom_id_1             N 
_pdbx_validate_rmsd_angle.auth_asym_id_1             A 
_pdbx_validate_rmsd_angle.auth_comp_id_1             SER 
_pdbx_validate_rmsd_angle.auth_seq_id_1              151 
_pdbx_validate_rmsd_angle.PDB_ins_code_1             ? 
_pdbx_validate_rmsd_angle.label_alt_id_1             ? 
_pdbx_validate_rmsd_angle.auth_atom_id_2             CA 
_pdbx_validate_rmsd_angle.auth_asym_id_2             A 
_pdbx_validate_rmsd_angle.auth_comp_id_2             SER 
_pdbx_validate_rmsd_angle.auth_seq_id_2              151 
_pdbx_validate_rmsd_angle.PDB_ins_code_2             ? 
_pdbx_validate_rmsd_angle.label_alt_id_2             ? 
_pdbx_validate_rmsd_angle.auth_atom_id_3             C 
_pdbx_validate_rmsd_angle.auth_asym_id_3             A 
_pdbx_validate_rmsd_angle.auth_comp_id_3             SER 
_pdbx_validate_rmsd_angle.auth_seq_id_3              151 
_pdbx_validate_rmsd_angle.PDB_ins_code_3             ? 
_pdbx_validate_rmsd_angle.label_alt_id_3             ? 
_pdbx_validate_rmsd_angle.angle_value                92.23 
_pdbx_validate_rmsd_angle.angle_target_value         111.00 
_pdbx_validate_rmsd_angle.angle_deviation            -18.77 
_pdbx_validate_rmsd_angle.angle_standard_deviation   2.70 
_pdbx_validate_rmsd_angle.linker_flag                N 
# 
loop_
_pdbx_validate_torsion.id 
_pdbx_validate_torsion.PDB_model_num 
_pdbx_validate_torsion.auth_comp_id 
_pdbx_validate_torsion.auth_asym_id 
_pdbx_validate_torsion.auth_seq_id 
_pdbx_validate_torsion.PDB_ins_code 
_pdbx_validate_torsion.label_alt_id 
_pdbx_validate_torsion.phi 
_pdbx_validate_torsion.psi 
1 1 ARG A 145 ? ? 40.32   -131.11 
2 1 HIS A 147 ? ? -143.19 41.35   
3 1 ASN A 157 ? ? 59.62   -167.43 
4 1 THR A 185 ? ? -108.20 -161.72 
5 1 GLU A 223 ? ? -42.80  94.42   
6 1 SER A 225 ? ? -50.89  -81.62  
7 1 TYR A 227 ? ? -51.63  109.00  
8 1 LEU A 229 ? ? -34.32  125.89  
# 
loop_
_chem_comp_atom.comp_id 
_chem_comp_atom.atom_id 
_chem_comp_atom.type_symbol 
_chem_comp_atom.pdbx_aromatic_flag 
_chem_comp_atom.pdbx_stereo_config 
_chem_comp_atom.pdbx_ordinal 
2NI C1   C  Y N 1   
2NI C2   C  Y N 2   
2NI C3   C  Y N 3   
2NI C4   C  Y N 4   
2NI C5   C  Y N 5   
2NI C6   C  Y N 6   
2NI C7   C  Y N 7   
2NI C8   C  Y N 8   
2NI C9   C  Y N 9   
2NI C10  C  Y N 10  
2NI C11  C  Y N 11  
2NI C12  C  Y N 12  
2NI C13  C  N N 13  
2NI N1   N  N N 14  
2NI O1   O  N N 15  
2NI C14  C  N N 16  
2NI C15  C  N N 17  
2NI N2   N  N N 18  
2NI C16  C  N N 19  
2NI C17  C  N N 20  
2NI O2   O  N N 21  
2NI N3   N  N N 22  
2NI O3   O  N N 23  
2NI H1   H  N N 24  
2NI H2   H  N N 25  
2NI H4   H  N N 26  
2NI H5   H  N N 27  
2NI H8   H  N N 28  
2NI H9   H  N N 29  
2NI H11  H  N N 30  
2NI H12  H  N N 31  
2NI H141 H  N N 32  
2NI H142 H  N N 33  
2NI H151 H  N N 34  
2NI H152 H  N N 35  
2NI H161 H  N N 36  
2NI H162 H  N N 37  
2NI H163 H  N N 38  
2NI HN3  H  N N 39  
2NI HO3  H  N N 40  
ALA N    N  N N 41  
ALA CA   C  N S 42  
ALA C    C  N N 43  
ALA O    O  N N 44  
ALA CB   C  N N 45  
ALA OXT  O  N N 46  
ALA H    H  N N 47  
ALA H2   H  N N 48  
ALA HA   H  N N 49  
ALA HB1  H  N N 50  
ALA HB2  H  N N 51  
ALA HB3  H  N N 52  
ALA HXT  H  N N 53  
ARG N    N  N N 54  
ARG CA   C  N S 55  
ARG C    C  N N 56  
ARG O    O  N N 57  
ARG CB   C  N N 58  
ARG CG   C  N N 59  
ARG CD   C  N N 60  
ARG NE   N  N N 61  
ARG CZ   C  N N 62  
ARG NH1  N  N N 63  
ARG NH2  N  N N 64  
ARG OXT  O  N N 65  
ARG H    H  N N 66  
ARG H2   H  N N 67  
ARG HA   H  N N 68  
ARG HB2  H  N N 69  
ARG HB3  H  N N 70  
ARG HG2  H  N N 71  
ARG HG3  H  N N 72  
ARG HD2  H  N N 73  
ARG HD3  H  N N 74  
ARG HE   H  N N 75  
ARG HH11 H  N N 76  
ARG HH12 H  N N 77  
ARG HH21 H  N N 78  
ARG HH22 H  N N 79  
ARG HXT  H  N N 80  
ASN N    N  N N 81  
ASN CA   C  N S 82  
ASN C    C  N N 83  
ASN O    O  N N 84  
ASN CB   C  N N 85  
ASN CG   C  N N 86  
ASN OD1  O  N N 87  
ASN ND2  N  N N 88  
ASN OXT  O  N N 89  
ASN H    H  N N 90  
ASN H2   H  N N 91  
ASN HA   H  N N 92  
ASN HB2  H  N N 93  
ASN HB3  H  N N 94  
ASN HD21 H  N N 95  
ASN HD22 H  N N 96  
ASN HXT  H  N N 97  
ASP N    N  N N 98  
ASP CA   C  N S 99  
ASP C    C  N N 100 
ASP O    O  N N 101 
ASP CB   C  N N 102 
ASP CG   C  N N 103 
ASP OD1  O  N N 104 
ASP OD2  O  N N 105 
ASP OXT  O  N N 106 
ASP H    H  N N 107 
ASP H2   H  N N 108 
ASP HA   H  N N 109 
ASP HB2  H  N N 110 
ASP HB3  H  N N 111 
ASP HD2  H  N N 112 
ASP HXT  H  N N 113 
CA  CA   CA N N 114 
GLN N    N  N N 115 
GLN CA   C  N S 116 
GLN C    C  N N 117 
GLN O    O  N N 118 
GLN CB   C  N N 119 
GLN CG   C  N N 120 
GLN CD   C  N N 121 
GLN OE1  O  N N 122 
GLN NE2  N  N N 123 
GLN OXT  O  N N 124 
GLN H    H  N N 125 
GLN H2   H  N N 126 
GLN HA   H  N N 127 
GLN HB2  H  N N 128 
GLN HB3  H  N N 129 
GLN HG2  H  N N 130 
GLN HG3  H  N N 131 
GLN HE21 H  N N 132 
GLN HE22 H  N N 133 
GLN HXT  H  N N 134 
GLU N    N  N N 135 
GLU CA   C  N S 136 
GLU C    C  N N 137 
GLU O    O  N N 138 
GLU CB   C  N N 139 
GLU CG   C  N N 140 
GLU CD   C  N N 141 
GLU OE1  O  N N 142 
GLU OE2  O  N N 143 
GLU OXT  O  N N 144 
GLU H    H  N N 145 
GLU H2   H  N N 146 
GLU HA   H  N N 147 
GLU HB2  H  N N 148 
GLU HB3  H  N N 149 
GLU HG2  H  N N 150 
GLU HG3  H  N N 151 
GLU HE2  H  N N 152 
GLU HXT  H  N N 153 
GLY N    N  N N 154 
GLY CA   C  N N 155 
GLY C    C  N N 156 
GLY O    O  N N 157 
GLY OXT  O  N N 158 
GLY H    H  N N 159 
GLY H2   H  N N 160 
GLY HA2  H  N N 161 
GLY HA3  H  N N 162 
GLY HXT  H  N N 163 
HIS N    N  N N 164 
HIS CA   C  N S 165 
HIS C    C  N N 166 
HIS O    O  N N 167 
HIS CB   C  N N 168 
HIS CG   C  Y N 169 
HIS ND1  N  Y N 170 
HIS CD2  C  Y N 171 
HIS CE1  C  Y N 172 
HIS NE2  N  Y N 173 
HIS OXT  O  N N 174 
HIS H    H  N N 175 
HIS H2   H  N N 176 
HIS HA   H  N N 177 
HIS HB2  H  N N 178 
HIS HB3  H  N N 179 
HIS HD1  H  N N 180 
HIS HD2  H  N N 181 
HIS HE1  H  N N 182 
HIS HE2  H  N N 183 
HIS HXT  H  N N 184 
HOH O    O  N N 185 
HOH H1   H  N N 186 
HOH H2   H  N N 187 
ILE N    N  N N 188 
ILE CA   C  N S 189 
ILE C    C  N N 190 
ILE O    O  N N 191 
ILE CB   C  N S 192 
ILE CG1  C  N N 193 
ILE CG2  C  N N 194 
ILE CD1  C  N N 195 
ILE OXT  O  N N 196 
ILE H    H  N N 197 
ILE H2   H  N N 198 
ILE HA   H  N N 199 
ILE HB   H  N N 200 
ILE HG12 H  N N 201 
ILE HG13 H  N N 202 
ILE HG21 H  N N 203 
ILE HG22 H  N N 204 
ILE HG23 H  N N 205 
ILE HD11 H  N N 206 
ILE HD12 H  N N 207 
ILE HD13 H  N N 208 
ILE HXT  H  N N 209 
LEU N    N  N N 210 
LEU CA   C  N S 211 
LEU C    C  N N 212 
LEU O    O  N N 213 
LEU CB   C  N N 214 
LEU CG   C  N N 215 
LEU CD1  C  N N 216 
LEU CD2  C  N N 217 
LEU OXT  O  N N 218 
LEU H    H  N N 219 
LEU H2   H  N N 220 
LEU HA   H  N N 221 
LEU HB2  H  N N 222 
LEU HB3  H  N N 223 
LEU HG   H  N N 224 
LEU HD11 H  N N 225 
LEU HD12 H  N N 226 
LEU HD13 H  N N 227 
LEU HD21 H  N N 228 
LEU HD22 H  N N 229 
LEU HD23 H  N N 230 
LEU HXT  H  N N 231 
LYS N    N  N N 232 
LYS CA   C  N S 233 
LYS C    C  N N 234 
LYS O    O  N N 235 
LYS CB   C  N N 236 
LYS CG   C  N N 237 
LYS CD   C  N N 238 
LYS CE   C  N N 239 
LYS NZ   N  N N 240 
LYS OXT  O  N N 241 
LYS H    H  N N 242 
LYS H2   H  N N 243 
LYS HA   H  N N 244 
LYS HB2  H  N N 245 
LYS HB3  H  N N 246 
LYS HG2  H  N N 247 
LYS HG3  H  N N 248 
LYS HD2  H  N N 249 
LYS HD3  H  N N 250 
LYS HE2  H  N N 251 
LYS HE3  H  N N 252 
LYS HZ1  H  N N 253 
LYS HZ2  H  N N 254 
LYS HZ3  H  N N 255 
LYS HXT  H  N N 256 
MET N    N  N N 257 
MET CA   C  N S 258 
MET C    C  N N 259 
MET O    O  N N 260 
MET CB   C  N N 261 
MET CG   C  N N 262 
MET SD   S  N N 263 
MET CE   C  N N 264 
MET OXT  O  N N 265 
MET H    H  N N 266 
MET H2   H  N N 267 
MET HA   H  N N 268 
MET HB2  H  N N 269 
MET HB3  H  N N 270 
MET HG2  H  N N 271 
MET HG3  H  N N 272 
MET HE1  H  N N 273 
MET HE2  H  N N 274 
MET HE3  H  N N 275 
MET HXT  H  N N 276 
PHE N    N  N N 277 
PHE CA   C  N S 278 
PHE C    C  N N 279 
PHE O    O  N N 280 
PHE CB   C  N N 281 
PHE CG   C  Y N 282 
PHE CD1  C  Y N 283 
PHE CD2  C  Y N 284 
PHE CE1  C  Y N 285 
PHE CE2  C  Y N 286 
PHE CZ   C  Y N 287 
PHE OXT  O  N N 288 
PHE H    H  N N 289 
PHE H2   H  N N 290 
PHE HA   H  N N 291 
PHE HB2  H  N N 292 
PHE HB3  H  N N 293 
PHE HD1  H  N N 294 
PHE HD2  H  N N 295 
PHE HE1  H  N N 296 
PHE HE2  H  N N 297 
PHE HZ   H  N N 298 
PHE HXT  H  N N 299 
PRO N    N  N N 300 
PRO CA   C  N S 301 
PRO C    C  N N 302 
PRO O    O  N N 303 
PRO CB   C  N N 304 
PRO CG   C  N N 305 
PRO CD   C  N N 306 
PRO OXT  O  N N 307 
PRO H    H  N N 308 
PRO HA   H  N N 309 
PRO HB2  H  N N 310 
PRO HB3  H  N N 311 
PRO HG2  H  N N 312 
PRO HG3  H  N N 313 
PRO HD2  H  N N 314 
PRO HD3  H  N N 315 
PRO HXT  H  N N 316 
SER N    N  N N 317 
SER CA   C  N S 318 
SER C    C  N N 319 
SER O    O  N N 320 
SER CB   C  N N 321 
SER OG   O  N N 322 
SER OXT  O  N N 323 
SER H    H  N N 324 
SER H2   H  N N 325 
SER HA   H  N N 326 
SER HB2  H  N N 327 
SER HB3  H  N N 328 
SER HG   H  N N 329 
SER HXT  H  N N 330 
THR N    N  N N 331 
THR CA   C  N S 332 
THR C    C  N N 333 
THR O    O  N N 334 
THR CB   C  N R 335 
THR OG1  O  N N 336 
THR CG2  C  N N 337 
THR OXT  O  N N 338 
THR H    H  N N 339 
THR H2   H  N N 340 
THR HA   H  N N 341 
THR HB   H  N N 342 
THR HG1  H  N N 343 
THR HG21 H  N N 344 
THR HG22 H  N N 345 
THR HG23 H  N N 346 
THR HXT  H  N N 347 
TRP N    N  N N 348 
TRP CA   C  N S 349 
TRP C    C  N N 350 
TRP O    O  N N 351 
TRP CB   C  N N 352 
TRP CG   C  Y N 353 
TRP CD1  C  Y N 354 
TRP CD2  C  Y N 355 
TRP NE1  N  Y N 356 
TRP CE2  C  Y N 357 
TRP CE3  C  Y N 358 
TRP CZ2  C  Y N 359 
TRP CZ3  C  Y N 360 
TRP CH2  C  Y N 361 
TRP OXT  O  N N 362 
TRP H    H  N N 363 
TRP H2   H  N N 364 
TRP HA   H  N N 365 
TRP HB2  H  N N 366 
TRP HB3  H  N N 367 
TRP HD1  H  N N 368 
TRP HE1  H  N N 369 
TRP HE3  H  N N 370 
TRP HZ2  H  N N 371 
TRP HZ3  H  N N 372 
TRP HH2  H  N N 373 
TRP HXT  H  N N 374 
TYR N    N  N N 375 
TYR CA   C  N S 376 
TYR C    C  N N 377 
TYR O    O  N N 378 
TYR CB   C  N N 379 
TYR CG   C  Y N 380 
TYR CD1  C  Y N 381 
TYR CD2  C  Y N 382 
TYR CE1  C  Y N 383 
TYR CE2  C  Y N 384 
TYR CZ   C  Y N 385 
TYR OH   O  N N 386 
TYR OXT  O  N N 387 
TYR H    H  N N 388 
TYR H2   H  N N 389 
TYR HA   H  N N 390 
TYR HB2  H  N N 391 
TYR HB3  H  N N 392 
TYR HD1  H  N N 393 
TYR HD2  H  N N 394 
TYR HE1  H  N N 395 
TYR HE2  H  N N 396 
TYR HH   H  N N 397 
TYR HXT  H  N N 398 
VAL N    N  N N 399 
VAL CA   C  N S 400 
VAL C    C  N N 401 
VAL O    O  N N 402 
VAL CB   C  N N 403 
VAL CG1  C  N N 404 
VAL CG2  C  N N 405 
VAL OXT  O  N N 406 
VAL H    H  N N 407 
VAL H2   H  N N 408 
VAL HA   H  N N 409 
VAL HB   H  N N 410 
VAL HG11 H  N N 411 
VAL HG12 H  N N 412 
VAL HG13 H  N N 413 
VAL HG21 H  N N 414 
VAL HG22 H  N N 415 
VAL HG23 H  N N 416 
VAL HXT  H  N N 417 
ZN  ZN   ZN N N 418 
# 
loop_
_chem_comp_bond.comp_id 
_chem_comp_bond.atom_id_1 
_chem_comp_bond.atom_id_2 
_chem_comp_bond.value_order 
_chem_comp_bond.pdbx_aromatic_flag 
_chem_comp_bond.pdbx_stereo_config 
_chem_comp_bond.pdbx_ordinal 
2NI C1  C2   doub Y N 1   
2NI C1  C6   sing Y N 2   
2NI C1  H1   sing N N 3   
2NI C2  C3   sing Y N 4   
2NI C2  H2   sing N N 5   
2NI C3  C4   doub Y N 6   
2NI C3  O1   sing N N 7   
2NI C4  C5   sing Y N 8   
2NI C4  H4   sing N N 9   
2NI C5  C6   doub Y N 10  
2NI C5  H5   sing N N 11  
2NI C6  C7   sing Y N 12  
2NI C7  C8   doub Y N 13  
2NI C7  C12  sing Y N 14  
2NI C8  C9   sing Y N 15  
2NI C8  H8   sing N N 16  
2NI C9  C10  doub Y N 17  
2NI C9  H9   sing N N 18  
2NI C10 C11  sing Y N 19  
2NI C10 C13  sing N N 20  
2NI C11 C12  doub Y N 21  
2NI C11 H11  sing N N 22  
2NI C12 H12  sing N N 23  
2NI C13 N1   trip N N 24  
2NI O1  C14  sing N N 25  
2NI C14 C15  sing N N 26  
2NI C14 H141 sing N N 27  
2NI C14 H142 sing N N 28  
2NI C15 N2   sing N N 29  
2NI C15 H151 sing N N 30  
2NI C15 H152 sing N N 31  
2NI N2  C16  sing N N 32  
2NI N2  C17  sing N N 33  
2NI C16 H161 sing N N 34  
2NI C16 H162 sing N N 35  
2NI C16 H163 sing N N 36  
2NI C17 O2   doub N N 37  
2NI C17 N3   sing N N 38  
2NI N3  O3   sing N N 39  
2NI N3  HN3  sing N N 40  
2NI O3  HO3  sing N N 41  
ALA N   CA   sing N N 42  
ALA N   H    sing N N 43  
ALA N   H2   sing N N 44  
ALA CA  C    sing N N 45  
ALA CA  CB   sing N N 46  
ALA CA  HA   sing N N 47  
ALA C   O    doub N N 48  
ALA C   OXT  sing N N 49  
ALA CB  HB1  sing N N 50  
ALA CB  HB2  sing N N 51  
ALA CB  HB3  sing N N 52  
ALA OXT HXT  sing N N 53  
ARG N   CA   sing N N 54  
ARG N   H    sing N N 55  
ARG N   H2   sing N N 56  
ARG CA  C    sing N N 57  
ARG CA  CB   sing N N 58  
ARG CA  HA   sing N N 59  
ARG C   O    doub N N 60  
ARG C   OXT  sing N N 61  
ARG CB  CG   sing N N 62  
ARG CB  HB2  sing N N 63  
ARG CB  HB3  sing N N 64  
ARG CG  CD   sing N N 65  
ARG CG  HG2  sing N N 66  
ARG CG  HG3  sing N N 67  
ARG CD  NE   sing N N 68  
ARG CD  HD2  sing N N 69  
ARG CD  HD3  sing N N 70  
ARG NE  CZ   sing N N 71  
ARG NE  HE   sing N N 72  
ARG CZ  NH1  sing N N 73  
ARG CZ  NH2  doub N N 74  
ARG NH1 HH11 sing N N 75  
ARG NH1 HH12 sing N N 76  
ARG NH2 HH21 sing N N 77  
ARG NH2 HH22 sing N N 78  
ARG OXT HXT  sing N N 79  
ASN N   CA   sing N N 80  
ASN N   H    sing N N 81  
ASN N   H2   sing N N 82  
ASN CA  C    sing N N 83  
ASN CA  CB   sing N N 84  
ASN CA  HA   sing N N 85  
ASN C   O    doub N N 86  
ASN C   OXT  sing N N 87  
ASN CB  CG   sing N N 88  
ASN CB  HB2  sing N N 89  
ASN CB  HB3  sing N N 90  
ASN CG  OD1  doub N N 91  
ASN CG  ND2  sing N N 92  
ASN ND2 HD21 sing N N 93  
ASN ND2 HD22 sing N N 94  
ASN OXT HXT  sing N N 95  
ASP N   CA   sing N N 96  
ASP N   H    sing N N 97  
ASP N   H2   sing N N 98  
ASP CA  C    sing N N 99  
ASP CA  CB   sing N N 100 
ASP CA  HA   sing N N 101 
ASP C   O    doub N N 102 
ASP C   OXT  sing N N 103 
ASP CB  CG   sing N N 104 
ASP CB  HB2  sing N N 105 
ASP CB  HB3  sing N N 106 
ASP CG  OD1  doub N N 107 
ASP CG  OD2  sing N N 108 
ASP OD2 HD2  sing N N 109 
ASP OXT HXT  sing N N 110 
GLN N   CA   sing N N 111 
GLN N   H    sing N N 112 
GLN N   H2   sing N N 113 
GLN CA  C    sing N N 114 
GLN CA  CB   sing N N 115 
GLN CA  HA   sing N N 116 
GLN C   O    doub N N 117 
GLN C   OXT  sing N N 118 
GLN CB  CG   sing N N 119 
GLN CB  HB2  sing N N 120 
GLN CB  HB3  sing N N 121 
GLN CG  CD   sing N N 122 
GLN CG  HG2  sing N N 123 
GLN CG  HG3  sing N N 124 
GLN CD  OE1  doub N N 125 
GLN CD  NE2  sing N N 126 
GLN NE2 HE21 sing N N 127 
GLN NE2 HE22 sing N N 128 
GLN OXT HXT  sing N N 129 
GLU N   CA   sing N N 130 
GLU N   H    sing N N 131 
GLU N   H2   sing N N 132 
GLU CA  C    sing N N 133 
GLU CA  CB   sing N N 134 
GLU CA  HA   sing N N 135 
GLU C   O    doub N N 136 
GLU C   OXT  sing N N 137 
GLU CB  CG   sing N N 138 
GLU CB  HB2  sing N N 139 
GLU CB  HB3  sing N N 140 
GLU CG  CD   sing N N 141 
GLU CG  HG2  sing N N 142 
GLU CG  HG3  sing N N 143 
GLU CD  OE1  doub N N 144 
GLU CD  OE2  sing N N 145 
GLU OE2 HE2  sing N N 146 
GLU OXT HXT  sing N N 147 
GLY N   CA   sing N N 148 
GLY N   H    sing N N 149 
GLY N   H2   sing N N 150 
GLY CA  C    sing N N 151 
GLY CA  HA2  sing N N 152 
GLY CA  HA3  sing N N 153 
GLY C   O    doub N N 154 
GLY C   OXT  sing N N 155 
GLY OXT HXT  sing N N 156 
HIS N   CA   sing N N 157 
HIS N   H    sing N N 158 
HIS N   H2   sing N N 159 
HIS CA  C    sing N N 160 
HIS CA  CB   sing N N 161 
HIS CA  HA   sing N N 162 
HIS C   O    doub N N 163 
HIS C   OXT  sing N N 164 
HIS CB  CG   sing N N 165 
HIS CB  HB2  sing N N 166 
HIS CB  HB3  sing N N 167 
HIS CG  ND1  sing Y N 168 
HIS CG  CD2  doub Y N 169 
HIS ND1 CE1  doub Y N 170 
HIS ND1 HD1  sing N N 171 
HIS CD2 NE2  sing Y N 172 
HIS CD2 HD2  sing N N 173 
HIS CE1 NE2  sing Y N 174 
HIS CE1 HE1  sing N N 175 
HIS NE2 HE2  sing N N 176 
HIS OXT HXT  sing N N 177 
HOH O   H1   sing N N 178 
HOH O   H2   sing N N 179 
ILE N   CA   sing N N 180 
ILE N   H    sing N N 181 
ILE N   H2   sing N N 182 
ILE CA  C    sing N N 183 
ILE CA  CB   sing N N 184 
ILE CA  HA   sing N N 185 
ILE C   O    doub N N 186 
ILE C   OXT  sing N N 187 
ILE CB  CG1  sing N N 188 
ILE CB  CG2  sing N N 189 
ILE CB  HB   sing N N 190 
ILE CG1 CD1  sing N N 191 
ILE CG1 HG12 sing N N 192 
ILE CG1 HG13 sing N N 193 
ILE CG2 HG21 sing N N 194 
ILE CG2 HG22 sing N N 195 
ILE CG2 HG23 sing N N 196 
ILE CD1 HD11 sing N N 197 
ILE CD1 HD12 sing N N 198 
ILE CD1 HD13 sing N N 199 
ILE OXT HXT  sing N N 200 
LEU N   CA   sing N N 201 
LEU N   H    sing N N 202 
LEU N   H2   sing N N 203 
LEU CA  C    sing N N 204 
LEU CA  CB   sing N N 205 
LEU CA  HA   sing N N 206 
LEU C   O    doub N N 207 
LEU C   OXT  sing N N 208 
LEU CB  CG   sing N N 209 
LEU CB  HB2  sing N N 210 
LEU CB  HB3  sing N N 211 
LEU CG  CD1  sing N N 212 
LEU CG  CD2  sing N N 213 
LEU CG  HG   sing N N 214 
LEU CD1 HD11 sing N N 215 
LEU CD1 HD12 sing N N 216 
LEU CD1 HD13 sing N N 217 
LEU CD2 HD21 sing N N 218 
LEU CD2 HD22 sing N N 219 
LEU CD2 HD23 sing N N 220 
LEU OXT HXT  sing N N 221 
LYS N   CA   sing N N 222 
LYS N   H    sing N N 223 
LYS N   H2   sing N N 224 
LYS CA  C    sing N N 225 
LYS CA  CB   sing N N 226 
LYS CA  HA   sing N N 227 
LYS C   O    doub N N 228 
LYS C   OXT  sing N N 229 
LYS CB  CG   sing N N 230 
LYS CB  HB2  sing N N 231 
LYS CB  HB3  sing N N 232 
LYS CG  CD   sing N N 233 
LYS CG  HG2  sing N N 234 
LYS CG  HG3  sing N N 235 
LYS CD  CE   sing N N 236 
LYS CD  HD2  sing N N 237 
LYS CD  HD3  sing N N 238 
LYS CE  NZ   sing N N 239 
LYS CE  HE2  sing N N 240 
LYS CE  HE3  sing N N 241 
LYS NZ  HZ1  sing N N 242 
LYS NZ  HZ2  sing N N 243 
LYS NZ  HZ3  sing N N 244 
LYS OXT HXT  sing N N 245 
MET N   CA   sing N N 246 
MET N   H    sing N N 247 
MET N   H2   sing N N 248 
MET CA  C    sing N N 249 
MET CA  CB   sing N N 250 
MET CA  HA   sing N N 251 
MET C   O    doub N N 252 
MET C   OXT  sing N N 253 
MET CB  CG   sing N N 254 
MET CB  HB2  sing N N 255 
MET CB  HB3  sing N N 256 
MET CG  SD   sing N N 257 
MET CG  HG2  sing N N 258 
MET CG  HG3  sing N N 259 
MET SD  CE   sing N N 260 
MET CE  HE1  sing N N 261 
MET CE  HE2  sing N N 262 
MET CE  HE3  sing N N 263 
MET OXT HXT  sing N N 264 
PHE N   CA   sing N N 265 
PHE N   H    sing N N 266 
PHE N   H2   sing N N 267 
PHE CA  C    sing N N 268 
PHE CA  CB   sing N N 269 
PHE CA  HA   sing N N 270 
PHE C   O    doub N N 271 
PHE C   OXT  sing N N 272 
PHE CB  CG   sing N N 273 
PHE CB  HB2  sing N N 274 
PHE CB  HB3  sing N N 275 
PHE CG  CD1  doub Y N 276 
PHE CG  CD2  sing Y N 277 
PHE CD1 CE1  sing Y N 278 
PHE CD1 HD1  sing N N 279 
PHE CD2 CE2  doub Y N 280 
PHE CD2 HD2  sing N N 281 
PHE CE1 CZ   doub Y N 282 
PHE CE1 HE1  sing N N 283 
PHE CE2 CZ   sing Y N 284 
PHE CE2 HE2  sing N N 285 
PHE CZ  HZ   sing N N 286 
PHE OXT HXT  sing N N 287 
PRO N   CA   sing N N 288 
PRO N   CD   sing N N 289 
PRO N   H    sing N N 290 
PRO CA  C    sing N N 291 
PRO CA  CB   sing N N 292 
PRO CA  HA   sing N N 293 
PRO C   O    doub N N 294 
PRO C   OXT  sing N N 295 
PRO CB  CG   sing N N 296 
PRO CB  HB2  sing N N 297 
PRO CB  HB3  sing N N 298 
PRO CG  CD   sing N N 299 
PRO CG  HG2  sing N N 300 
PRO CG  HG3  sing N N 301 
PRO CD  HD2  sing N N 302 
PRO CD  HD3  sing N N 303 
PRO OXT HXT  sing N N 304 
SER N   CA   sing N N 305 
SER N   H    sing N N 306 
SER N   H2   sing N N 307 
SER CA  C    sing N N 308 
SER CA  CB   sing N N 309 
SER CA  HA   sing N N 310 
SER C   O    doub N N 311 
SER C   OXT  sing N N 312 
SER CB  OG   sing N N 313 
SER CB  HB2  sing N N 314 
SER CB  HB3  sing N N 315 
SER OG  HG   sing N N 316 
SER OXT HXT  sing N N 317 
THR N   CA   sing N N 318 
THR N   H    sing N N 319 
THR N   H2   sing N N 320 
THR CA  C    sing N N 321 
THR CA  CB   sing N N 322 
THR CA  HA   sing N N 323 
THR C   O    doub N N 324 
THR C   OXT  sing N N 325 
THR CB  OG1  sing N N 326 
THR CB  CG2  sing N N 327 
THR CB  HB   sing N N 328 
THR OG1 HG1  sing N N 329 
THR CG2 HG21 sing N N 330 
THR CG2 HG22 sing N N 331 
THR CG2 HG23 sing N N 332 
THR OXT HXT  sing N N 333 
TRP N   CA   sing N N 334 
TRP N   H    sing N N 335 
TRP N   H2   sing N N 336 
TRP CA  C    sing N N 337 
TRP CA  CB   sing N N 338 
TRP CA  HA   sing N N 339 
TRP C   O    doub N N 340 
TRP C   OXT  sing N N 341 
TRP CB  CG   sing N N 342 
TRP CB  HB2  sing N N 343 
TRP CB  HB3  sing N N 344 
TRP CG  CD1  doub Y N 345 
TRP CG  CD2  sing Y N 346 
TRP CD1 NE1  sing Y N 347 
TRP CD1 HD1  sing N N 348 
TRP CD2 CE2  doub Y N 349 
TRP CD2 CE3  sing Y N 350 
TRP NE1 CE2  sing Y N 351 
TRP NE1 HE1  sing N N 352 
TRP CE2 CZ2  sing Y N 353 
TRP CE3 CZ3  doub Y N 354 
TRP CE3 HE3  sing N N 355 
TRP CZ2 CH2  doub Y N 356 
TRP CZ2 HZ2  sing N N 357 
TRP CZ3 CH2  sing Y N 358 
TRP CZ3 HZ3  sing N N 359 
TRP CH2 HH2  sing N N 360 
TRP OXT HXT  sing N N 361 
TYR N   CA   sing N N 362 
TYR N   H    sing N N 363 
TYR N   H2   sing N N 364 
TYR CA  C    sing N N 365 
TYR CA  CB   sing N N 366 
TYR CA  HA   sing N N 367 
TYR C   O    doub N N 368 
TYR C   OXT  sing N N 369 
TYR CB  CG   sing N N 370 
TYR CB  HB2  sing N N 371 
TYR CB  HB3  sing N N 372 
TYR CG  CD1  doub Y N 373 
TYR CG  CD2  sing Y N 374 
TYR CD1 CE1  sing Y N 375 
TYR CD1 HD1  sing N N 376 
TYR CD2 CE2  doub Y N 377 
TYR CD2 HD2  sing N N 378 
TYR CE1 CZ   doub Y N 379 
TYR CE1 HE1  sing N N 380 
TYR CE2 CZ   sing Y N 381 
TYR CE2 HE2  sing N N 382 
TYR CZ  OH   sing N N 383 
TYR OH  HH   sing N N 384 
TYR OXT HXT  sing N N 385 
VAL N   CA   sing N N 386 
VAL N   H    sing N N 387 
VAL N   H2   sing N N 388 
VAL CA  C    sing N N 389 
VAL CA  CB   sing N N 390 
VAL CA  HA   sing N N 391 
VAL C   O    doub N N 392 
VAL C   OXT  sing N N 393 
VAL CB  CG1  sing N N 394 
VAL CB  CG2  sing N N 395 
VAL CB  HB   sing N N 396 
VAL CG1 HG11 sing N N 397 
VAL CG1 HG12 sing N N 398 
VAL CG1 HG13 sing N N 399 
VAL CG2 HG21 sing N N 400 
VAL CG2 HG22 sing N N 401 
VAL CG2 HG23 sing N N 402 
VAL OXT HXT  sing N N 403 
# 
loop_
_pdbx_entity_nonpoly.entity_id 
_pdbx_entity_nonpoly.name 
_pdbx_entity_nonpoly.comp_id 
2 'CALCIUM ION'                                                           CA  
3 'ZINC ION'                                                              ZN  
4 "N-{2-[(4'-CYANO-1,1'-BIPHENYL-4-YL)OXY]ETHYL}-N'-HYDROXY-N-METHYLUREA" 2NI 
5 water                                                                   HOH 
# 
_pdbx_initial_refinement_model.id               1 
_pdbx_initial_refinement_model.entity_id_list   ? 
_pdbx_initial_refinement_model.type             'experimental model' 
_pdbx_initial_refinement_model.source_name      PDB 
_pdbx_initial_refinement_model.accession_code   1I76 
_pdbx_initial_refinement_model.details          'PDB ENTRY 1I76' 
# 
